data_108D
#
_entry.id   108D
#
_cell.length_a   1.000
_cell.length_b   1.000
_cell.length_c   1.000
_cell.angle_alpha   90.00
_cell.angle_beta   90.00
_cell.angle_gamma   90.00
#
_symmetry.space_group_name_H-M   'P 1'
#
loop_
_entity.id
_entity.type
_entity.pdbx_description
1 polymer "DNA (5'-D(*CP*GP*CP*TP*AP*GP*CP*G)-3')"
2 non-polymer 1,1-(4,4,8,8-TETRAMETHYL-4,8-DIAZAUNDECAMETHYLENE)-BIS-4-3-METHYL-2,3-DIHYDRO-(BENZO-1,3-THIAZOLE)-2-METHYLIDENE)-QUINOLINIUM
#
_entity_poly.entity_id   1
_entity_poly.type   'polydeoxyribonucleotide'
_entity_poly.pdbx_seq_one_letter_code
;(DC)(DG)(DC)(DT)(DA)(DG)(DC)(DG)
;
_entity_poly.pdbx_strand_id   A,B
#
loop_
_chem_comp.id
_chem_comp.type
_chem_comp.name
_chem_comp.formula
DA DNA linking 2'-DEOXYADENOSINE-5'-MONOPHOSPHATE 'C10 H14 N5 O6 P'
DC DNA linking 2'-DEOXYCYTIDINE-5'-MONOPHOSPHATE 'C9 H14 N3 O7 P'
DG DNA linking 2'-DEOXYGUANOSINE-5'-MONOPHOSPHATE 'C10 H14 N5 O7 P'
DT DNA linking THYMIDINE-5'-MONOPHOSPHATE 'C10 H15 N2 O8 P'
TOT non-polymer 1,1-(4,4,8,8-TETRAMETHYL-4,8-DIAZAUNDECAMETHYLENE)-BIS-4-3-METHYL-2,3-DIHYDRO-(BENZO-1,3-THIAZOLE)-2-METHYLIDENE)-QUINOLINIUM 'C49 H58 N6 S2 4'
#
# COMPACT_ATOMS: atom_id res chain seq x y z
C1 TOT C . -3.75 5.19 4.26
C2 TOT C . -3.97 6.56 4.36
C3 TOT C . -4.32 7.30 3.22
C4 TOT C . -4.41 6.66 1.98
N5 TOT C . -4.28 4.50 0.70
C6 TOT C . -4.33 5.06 -0.67
C7 TOT C . -4.26 3.19 1.03
C8 TOT C . -4.53 2.14 0.04
S9 TOT C . -3.93 2.88 2.63
C10 TOT C . -3.94 4.53 3.02
C11 TOT C . -4.22 5.26 1.86
C12 TOT C . -4.73 -1.54 -0.89
C13 TOT C . -5.04 -2.37 -2.00
C14 TOT C . -5.46 -1.80 -3.19
C15 TOT C . -5.25 -0.44 -3.42
C16 TOT C . -4.89 0.40 -2.36
C17 TOT C . -4.76 -0.12 -1.05
C18 TOT C . -4.64 0.71 0.11
C19 TOT C . -4.66 0.08 1.35
C20 TOT C . -4.46 -1.29 1.45
N21 TOT C . -4.45 -2.08 0.35
C22 TOT C . -4.16 -3.47 0.75
C23 TOT C . -3.02 -4.29 0.15
C24 TOT C . -2.78 -5.53 1.06
N25 TOT C . -1.50 -6.26 0.85
C26 TOT C . -0.36 -5.31 1.06
C27 TOT C . 0.99 -5.98 1.37
C28 TOT C . -1.46 -6.86 -0.49
C29 TOT C . -1.47 -7.36 1.85
C31 TOT C . 3.68 3.20 -6.72
C32 TOT C . 3.54 4.35 -7.50
C33 TOT C . 3.63 5.61 -6.89
C34 TOT C . 3.81 5.70 -5.50
N35 TOT C . 4.12 4.47 -3.32
C36 TOT C . 3.98 5.64 -2.40
C37 TOT C . 4.40 3.20 -2.97
C38 TOT C . 4.71 2.86 -1.57
S39 TOT C . 4.37 2.11 -4.20
C40 TOT C . 3.97 3.30 -5.34
C41 TOT C . 3.99 4.54 -4.71
C42 TOT C . 5.81 0.36 1.04
C43 TOT C . 6.59 0.32 2.21
C44 TOT C . 6.78 1.45 2.98
C45 TOT C . 6.29 2.68 2.52
C46 TOT C . 5.73 2.78 1.23
C47 TOT C . 5.50 1.61 0.44
C48 TOT C . 4.95 1.63 -0.88
C49 TOT C . 4.65 0.39 -1.48
C50 TOT C . 4.84 -0.81 -0.79
N51 TOT C . 5.38 -0.82 0.46
C52 TOT C . 5.46 -2.14 1.12
C53 TOT C . 4.27 -3.08 0.94
C54 TOT C . 4.36 -4.20 1.97
N55 TOT C . 3.45 -5.37 1.76
C56 TOT C . 2.07 -4.88 1.48
C58 TOT C . 3.51 -6.18 3.00
C59 TOT C . 3.96 -6.19 0.63
H1 TOT C . -3.44 4.64 5.13
H2 TOT C . -3.89 7.05 5.32
H3 TOT C . -4.50 8.36 3.30
H4 TOT C . -4.63 7.26 1.11
H61 TOT C . -3.73 4.48 -1.36
H62 TOT C . -3.91 6.07 -0.67
H63 TOT C . -5.36 5.11 -1.01
H8 TOT C . -4.68 2.55 -0.93
H13 TOT C . -5.02 -3.45 -2.01
H14 TOT C . -5.97 -2.41 -3.90
H15 TOT C . -5.38 -0.09 -4.44
H16 TOT C . -4.74 1.43 -2.62
H19 TOT C . -4.85 0.55 2.29
H20 TOT C . -4.40 -1.80 2.39
H221 TOT C . -4.05 -3.62 1.81
H222 TOT C . -5.13 -3.79 0.57
H231 TOT C . -2.13 -3.66 0.12
H232 TOT C . -3.30 -4.62 -0.84
H241 TOT C . -3.62 -6.21 0.92
H242 TOT C . -2.79 -5.21 2.09
H261 TOT C . -0.23 -4.71 0.16
H262 TOT C . -0.59 -4.65 1.89
H271 TOT C . 0.92 -6.50 2.32
H272 TOT C . 1.26 -6.68 0.58
H281 TOT C . -2.28 -7.58 -0.61
H282 TOT C . -1.58 -6.08 -1.25
H283 TOT C . -0.53 -7.38 -0.67
H291 TOT C . -1.40 -6.97 2.87
H292 TOT C . -2.37 -7.96 1.78
H293 TOT C . -0.62 -8.04 1.67
H31 TOT C . 3.56 2.23 -7.20
H32 TOT C . 3.36 4.27 -8.56
H33 TOT C . 3.56 6.51 -7.49
H34 TOT C . 3.84 6.68 -5.06
H361 TOT C . 3.47 6.46 -2.89
H362 TOT C . 3.38 5.36 -1.54
H363 TOT C . 4.97 5.98 -2.09
H38 TOT C . 4.76 3.73 -0.97
H43 TOT C . 7.09 -0.59 2.51
H44 TOT C . 7.32 1.36 3.92
H45 TOT C . 6.36 3.53 3.18
H46 TOT C . 5.50 3.77 0.91
H49 TOT C . 4.24 0.29 -2.47
H50 TOT C . 4.60 -1.76 -1.22
H521 TOT C . 5.72 -2.10 2.17
H522 TOT C . 6.25 -2.59 0.56
H531 TOT C . 3.34 -2.52 1.10
H532 TOT C . 4.27 -3.51 -0.06
H541 TOT C . 5.39 -4.55 2.02
H542 TOT C . 4.12 -3.72 2.93
H561 TOT C . 2.05 -4.33 0.54
H562 TOT C . 1.78 -4.19 2.27
H581 TOT C . 3.05 -5.63 3.82
H582 TOT C . 4.53 -6.40 3.26
H583 TOT C . 2.98 -7.13 2.87
H591 TOT C . 5.02 -6.41 0.76
H592 TOT C . 3.84 -5.67 -0.32
H593 TOT C . 3.42 -7.13 0.57
C1 TOT C . -4.05 5.20 3.62
C2 TOT C . -4.24 6.59 3.67
C3 TOT C . -4.53 7.28 2.48
C4 TOT C . -4.62 6.57 1.26
N5 TOT C . -4.53 4.35 0.10
C6 TOT C . -4.64 4.84 -1.29
C7 TOT C . -4.46 3.05 0.50
C8 TOT C . -4.67 1.95 -0.45
S9 TOT C . -4.13 2.83 2.10
C10 TOT C . -4.18 4.49 2.41
C11 TOT C . -4.45 5.16 1.22
C12 TOT C . -4.62 -1.78 -1.25
C13 TOT C . -4.92 -2.66 -2.31
C14 TOT C . -5.40 -2.15 -3.52
C15 TOT C . -5.28 -0.79 -3.80
C16 TOT C . -4.94 0.11 -2.78
C17 TOT C . -4.74 -0.37 -1.45
C18 TOT C . -4.67 0.52 -0.32
C19 TOT C . -4.58 -0.07 0.95
C20 TOT C . -4.27 -1.42 1.07
N21 TOT C . -4.23 -2.26 0.00
C22 TOT C . -3.79 -3.60 0.44
C23 TOT C . -2.72 -4.47 -0.22
C24 TOT C . -2.47 -5.68 0.72
N25 TOT C . -1.24 -6.47 0.47
C26 TOT C . 0.02 -5.65 0.49
C27 TOT C . 0.24 -4.84 1.78
C28 TOT C . -1.33 -7.15 -0.86
C29 TOT C . -1.16 -7.55 1.49
C31 TOT C . 3.85 3.55 -6.82
C32 TOT C . 3.81 4.68 -7.65
C33 TOT C . 3.98 5.95 -7.09
C34 TOT C . 4.12 6.08 -5.70
N35 TOT C . 4.28 4.93 -3.47
C36 TOT C . 4.19 6.13 -2.58
C37 TOT C . 4.47 3.65 -3.06
C38 TOT C . 4.70 3.34 -1.64
S39 TOT C . 4.42 2.51 -4.25
C40 TOT C . 4.11 3.68 -5.44
C41 TOT C . 4.19 4.95 -4.85
C42 TOT C . 5.70 0.91 1.07
C43 TOT C . 6.48 0.87 2.23
C44 TOT C . 6.81 2.04 2.91
C45 TOT C . 6.45 3.27 2.38
C46 TOT C . 5.88 3.34 1.08
C47 TOT C . 5.50 2.15 0.40
C48 TOT C . 4.92 2.14 -0.91
C49 TOT C . 4.55 0.89 -1.46
C50 TOT C . 4.63 -0.28 -0.70
N51 TOT C . 5.16 -0.25 0.56
C52 TOT C . 5.12 -1.53 1.30
C53 TOT C . 3.84 -2.37 1.14
C54 TOT C . 3.80 -3.40 2.28
N55 TOT C . 2.81 -4.50 2.13
C56 TOT C . 1.47 -3.91 1.76
C58 TOT C . 2.75 -5.19 3.44
C59 TOT C . 3.29 -5.46 1.10
H1 TOT C . -3.82 4.69 4.55
H2 TOT C . -4.17 7.12 4.61
H3 TOT C . -4.67 8.34 2.49
H4 TOT C . -4.84 7.13 0.37
H61 TOT C . -4.03 4.24 -1.97
H62 TOT C . -4.29 5.87 -1.37
H63 TOT C . -5.69 4.79 -1.61
H8 TOT C . -4.90 2.31 -1.43
H13 TOT C . -4.88 -3.74 -2.28
H14 TOT C . -5.90 -2.80 -4.21
H15 TOT C . -5.45 -0.47 -4.81
H16 TOT C . -4.85 1.14 -3.06
H19 TOT C . -4.78 0.42 1.87
H20 TOT C . -4.12 -1.88 2.03
H221 TOT C . -3.39 -3.56 1.44
H222 TOT C . -4.73 -4.03 0.53
H231 TOT C . -1.83 -3.87 -0.33
H232 TOT C . -3.08 -4.83 -1.18
H241 TOT C . -3.35 -6.31 0.64
H242 TOT C . -2.43 -5.35 1.75
H261 TOT C . 0.85 -6.34 0.34
H262 TOT C . 0.03 -4.98 -0.36
H271 TOT C . -0.61 -4.17 1.89
H272 TOT C . 0.25 -5.48 2.66
H281 TOT C . -1.47 -6.40 -1.63
H282 TOT C . -0.43 -7.72 -1.07
H283 TOT C . -2.17 -7.84 -0.88
H291 TOT C . -1.16 -7.15 2.51
H292 TOT C . -2.03 -8.22 1.40
H293 TOT C . -0.26 -8.15 1.36
H31 TOT C . 3.68 2.57 -7.27
H32 TOT C . 3.66 4.56 -8.71
H33 TOT C . 4.00 6.82 -7.72
H34 TOT C . 4.19 7.08 -5.30
H361 TOT C . 5.15 6.35 -2.15
H362 TOT C . 3.84 7.00 -3.14
H363 TOT C . 3.45 5.94 -1.80
H38 TOT C . 4.70 4.23 -1.05
H43 TOT C . 6.87 -0.05 2.61
H44 TOT C . 7.38 1.95 3.83
H45 TOT C . 6.61 4.16 2.97
H46 TOT C . 5.76 4.32 0.69
H49 TOT C . 4.19 0.75 -2.46
H50 TOT C . 4.31 -1.23 -1.07
H521 TOT C . 5.35 -1.44 2.35
H522 TOT C . 5.88 -2.07 0.79
H531 TOT C . 2.96 -1.73 1.19
H532 TOT C . 3.86 -2.91 0.19
H541 TOT C . 4.80 -3.82 2.40
H542 TOT C . 3.57 -2.81 3.18
H561 TOT C . 1.52 -3.45 0.77
H562 TOT C . 1.26 -3.12 2.48
H581 TOT C . 2.19 -6.11 3.39
H582 TOT C . 2.31 -4.54 4.20
H583 TOT C . 3.76 -5.44 3.76
H591 TOT C . 3.13 -5.07 0.10
H592 TOT C . 2.79 -6.42 1.20
H593 TOT C . 4.35 -5.65 1.23
C1 TOT C . -4.04 5.24 3.75
C2 TOT C . -4.31 6.61 3.81
C3 TOT C . -4.63 7.29 2.62
C4 TOT C . -4.70 6.59 1.41
N5 TOT C . -4.50 4.37 0.23
C6 TOT C . -4.64 4.86 -1.16
C7 TOT C . -4.38 3.07 0.63
C8 TOT C . -4.51 1.97 -0.34
S9 TOT C . -4.09 2.86 2.23
C10 TOT C . -4.18 4.53 2.55
C11 TOT C . -4.48 5.18 1.35
C12 TOT C . -4.49 -1.73 -1.26
C13 TOT C . -4.92 -2.58 -2.32
C14 TOT C . -5.49 -2.03 -3.46
C15 TOT C . -5.39 -0.66 -3.71
C16 TOT C . -4.96 0.20 -2.68
C17 TOT C . -4.63 -0.31 -1.40
C18 TOT C . -4.43 0.54 -0.27
C19 TOT C . -4.14 -0.09 0.96
C20 TOT C . -3.86 -1.44 1.02
N21 TOT C . -3.96 -2.25 -0.08
C22 TOT C . -3.50 -3.62 0.28
C23 TOT C . -2.56 -4.54 -0.50
C24 TOT C . -2.34 -5.80 0.39
N25 TOT C . -1.18 -6.67 0.05
C26 TOT C . 0.13 -5.96 0.07
C27 TOT C . 0.46 -5.24 1.39
C28 TOT C . -1.36 -7.26 -1.30
C29 TOT C . -1.16 -7.81 1.00
C31 TOT C . 3.83 3.78 -6.65
C32 TOT C . 3.80 4.93 -7.45
C33 TOT C . 4.08 6.18 -6.88
C34 TOT C . 4.28 6.29 -5.50
N35 TOT C . 4.45 5.09 -3.29
C36 TOT C . 4.41 6.27 -2.39
C37 TOT C . 4.60 3.80 -2.91
C38 TOT C . 4.86 3.46 -1.50
S39 TOT C . 4.45 2.68 -4.12
C40 TOT C . 4.15 3.88 -5.27
C41 TOT C . 4.31 5.14 -4.66
C42 TOT C . 5.71 0.96 1.19
C43 TOT C . 6.49 0.86 2.36
C44 TOT C . 6.86 2.00 3.07
C45 TOT C . 6.50 3.26 2.57
C46 TOT C . 5.92 3.37 1.29
C47 TOT C . 5.55 2.21 0.55
C48 TOT C . 5.00 2.24 -0.78
C49 TOT C . 4.61 1.01 -1.35
C50 TOT C . 4.62 -0.17 -0.60
N51 TOT C . 5.12 -0.18 0.67
C52 TOT C . 5.01 -1.46 1.39
C53 TOT C . 3.65 -2.16 1.30
C54 TOT C . 3.58 -3.22 2.38
N55 TOT C . 2.25 -3.88 2.57
C56 TOT C . 1.83 -4.55 1.31
C58 TOT C . 1.25 -2.86 3.00
C59 TOT C . 2.43 -4.86 3.67
H1 TOT C . -3.73 4.75 4.66
H2 TOT C . -4.28 7.13 4.75
H3 TOT C . -4.82 8.35 2.65
H4 TOT C . -4.94 7.14 0.52
H61 TOT C . -4.37 5.91 -1.22
H62 TOT C . -5.67 4.74 -1.50
H63 TOT C . -3.96 4.33 -1.83
H8 TOT C . -4.74 2.35 -1.32
H13 TOT C . -4.90 -3.66 -2.32
H14 TOT C . -6.04 -2.66 -4.14
H15 TOT C . -5.66 -0.30 -4.69
H16 TOT C . -4.92 1.24 -2.95
H19 TOT C . -4.11 0.40 1.91
H20 TOT C . -3.61 -1.92 1.95
H221 TOT C . -2.93 -3.58 1.21
H222 TOT C . -4.43 -4.03 0.54
H231 TOT C . -1.63 -4.01 -0.65
H232 TOT C . -3.02 -4.83 -1.44
H241 TOT C . -3.28 -6.36 0.35
H242 TOT C . -2.22 -5.51 1.43
H261 TOT C . 0.92 -6.68 -0.12
H262 TOT C . 0.17 -5.23 -0.74
H271 TOT C . -0.31 -4.49 1.59
H272 TOT C . 0.46 -5.97 2.19
H281 TOT C . -0.50 -7.86 -1.59
H282 TOT C . -2.23 -7.91 -1.33
H283 TOT C . -1.47 -6.48 -2.03
H291 TOT C . -1.13 -7.46 2.04
H292 TOT C . -2.07 -8.40 0.90
H293 TOT C . -0.31 -8.45 0.81
H31 TOT C . 3.58 2.83 -7.09
H32 TOT C . 3.59 4.85 -8.51
H33 TOT C . 4.13 7.07 -7.49
H34 TOT C . 4.42 7.27 -5.07
H361 TOT C . 4.04 7.15 -2.92
H362 TOT C . 3.74 6.09 -1.55
H363 TOT C . 5.41 6.49 -2.02
H38 TOT C . 4.98 4.34 -0.91
H43 TOT C . 6.85 -0.09 2.72
H44 TOT C . 7.46 1.88 3.96
H45 TOT C . 6.66 4.11 3.20
H46 TOT C . 5.80 4.38 0.92
H49 TOT C . 4.27 0.90 -2.36
H50 TOT C . 4.26 -1.11 -0.98
H521 TOT C . 5.29 -1.39 2.44
H522 TOT C . 5.71 -2.07 0.88
H531 TOT C . 2.85 -1.44 1.43
H532 TOT C . 3.55 -2.64 0.32
H541 TOT C . 4.39 -3.95 2.20
H542 TOT C . 3.81 -2.70 3.31
H561 TOT C . 2.57 -5.29 1.04
H562 TOT C . 1.74 -3.82 0.51
H581 TOT C . 0.35 -3.35 3.40
H582 TOT C . 0.94 -2.23 2.17
H583 TOT C . 1.65 -2.23 3.80
H591 TOT C . 2.85 -4.37 4.55
H592 TOT C . 3.11 -5.66 3.36
H593 TOT C . 1.48 -5.31 3.98
C1 TOT C . -4.18 5.25 3.79
C2 TOT C . -4.44 6.63 3.84
C3 TOT C . -4.69 7.31 2.65
C4 TOT C . -4.71 6.62 1.42
N5 TOT C . -4.53 4.40 0.24
C6 TOT C . -4.68 4.87 -1.16
C7 TOT C . -4.37 3.10 0.63
C8 TOT C . -4.37 2.01 -0.36
S9 TOT C . -4.20 2.88 2.25
C10 TOT C . -4.29 4.54 2.58
C11 TOT C . -4.52 5.22 1.37
C12 TOT C . -4.42 -1.69 -1.25
C13 TOT C . -4.89 -2.55 -2.28
C14 TOT C . -5.53 -2.00 -3.39
C15 TOT C . -5.50 -0.64 -3.63
C16 TOT C . -5.08 0.24 -2.61
C17 TOT C . -4.59 -0.27 -1.38
C18 TOT C . -4.28 0.59 -0.27
C19 TOT C . -3.88 -0.02 0.93
C20 TOT C . -3.65 -1.39 0.99
N21 TOT C . -3.83 -2.20 -0.09
C22 TOT C . -3.35 -3.57 0.25
C23 TOT C . -2.43 -4.49 -0.57
C24 TOT C . -2.17 -5.74 0.30
N25 TOT C . -1.02 -6.60 -0.09
C26 TOT C . 0.29 -5.87 -0.07
C27 TOT C . 0.64 -5.20 1.27
C28 TOT C . -1.21 -7.16 -1.44
C29 TOT C . -0.97 -7.76 0.85
C31 TOT C . 3.72 3.91 -6.69
C32 TOT C . 3.72 5.05 -7.52
C33 TOT C . 4.01 6.30 -6.97
C34 TOT C . 4.24 6.42 -5.59
N35 TOT C . 4.43 5.25 -3.38
C36 TOT C . 4.43 6.45 -2.50
C37 TOT C . 4.59 3.96 -2.97
C38 TOT C . 4.92 3.64 -1.58
S39 TOT C . 4.39 2.84 -4.17
C40 TOT C . 4.08 4.03 -5.33
C41 TOT C . 4.28 5.28 -4.75
C42 TOT C . 5.67 1.20 1.19
C43 TOT C . 6.43 1.14 2.37
C44 TOT C . 6.73 2.30 3.08
C45 TOT C . 6.28 3.52 2.59
C46 TOT C . 5.71 3.61 1.30
C47 TOT C . 5.46 2.44 0.54
C48 TOT C . 5.00 2.43 -0.82
C49 TOT C . 4.63 1.20 -1.39
C50 TOT C . 4.66 0.02 -0.63
N51 TOT C . 5.14 0.03 0.65
C52 TOT C . 5.07 -1.25 1.38
C53 TOT C . 3.72 -1.97 1.29
C54 TOT C . 3.75 -3.16 2.27
N55 TOT C . 2.46 -3.88 2.47
C56 TOT C . 2.00 -4.49 1.19
C58 TOT C . 1.44 -2.96 3.02
C59 TOT C . 2.74 -4.93 3.49
H1 TOT C . -3.90 4.76 4.70
H2 TOT C . -4.43 7.14 4.79
H3 TOT C . -4.86 8.38 2.67
H4 TOT C . -4.87 7.20 0.53
H61 TOT C . -4.91 5.94 -1.21
H62 TOT C . -5.48 4.35 -1.66
H63 TOT C . -3.74 4.71 -1.70
H8 TOT C . -4.42 2.40 -1.35
H13 TOT C . -4.86 -3.62 -2.29
H14 TOT C . -6.08 -2.65 -4.06
H15 TOT C . -5.81 -0.28 -4.60
H16 TOT C . -5.16 1.28 -2.85
H19 TOT C . -3.72 0.46 1.86
H20 TOT C . -3.35 -1.87 1.90
H221 TOT C . -2.75 -3.54 1.15
H222 TOT C . -4.27 -3.98 0.56
H231 TOT C . -1.51 -3.94 -0.77
H232 TOT C . -2.93 -4.77 -1.49
H241 TOT C . -3.10 -6.31 0.30
H242 TOT C . -2.03 -5.46 1.34
H261 TOT C . 1.09 -6.58 -0.29
H262 TOT C . 0.31 -5.12 -0.86
H271 TOT C . -0.12 -4.46 1.51
H272 TOT C . 0.68 -5.96 2.05
H281 TOT C . -2.07 -7.82 -1.47
H282 TOT C . -1.34 -6.36 -2.15
H283 TOT C . -0.34 -7.75 -1.75
H291 TOT C . -1.87 -8.36 0.75
H292 TOT C . -0.11 -8.39 0.63
H293 TOT C . -0.92 -7.44 1.89
H31 TOT C . 3.44 2.96 -7.12
H32 TOT C . 3.52 4.94 -8.58
H33 TOT C . 4.05 7.17 -7.59
H34 TOT C . 4.39 7.40 -5.18
H361 TOT C . 5.44 6.76 -2.27
H362 TOT C . 3.91 7.28 -3.00
H363 TOT C . 3.87 6.24 -1.58
H38 TOT C . 5.15 4.53 -1.04
H43 TOT C . 6.84 0.21 2.72
H44 TOT C . 7.31 2.21 3.98
H45 TOT C . 6.37 4.39 3.23
H46 TOT C . 5.48 4.60 0.95
H49 TOT C . 4.30 1.06 -2.39
H50 TOT C . 4.35 -0.93 -1.02
H521 TOT C . 5.35 -1.18 2.42
H522 TOT C . 5.78 -1.86 0.87
H531 TOT C . 2.92 -1.30 1.57
H532 TOT C . 3.54 -2.36 0.30
H541 TOT C . 4.57 -3.82 1.97
H542 TOT C . 4.02 -2.72 3.22
H561 TOT C . 2.76 -5.20 0.84
H562 TOT C . 1.89 -3.73 0.43
H581 TOT C . 0.59 -3.51 3.42
H582 TOT C . 1.07 -2.28 2.26
H583 TOT C . 1.86 -2.36 3.84
H591 TOT C . 3.44 -5.66 3.10
H592 TOT C . 1.83 -5.45 3.80
H593 TOT C . 3.18 -4.48 4.38
C1 TOT C . -4.11 5.54 3.76
C2 TOT C . -4.44 6.89 3.84
C3 TOT C . -4.82 7.57 2.68
C4 TOT C . -4.88 6.88 1.45
N5 TOT C . -4.62 4.70 0.24
C6 TOT C . -4.78 5.21 -1.15
C7 TOT C . -4.46 3.39 0.60
C8 TOT C . -4.58 2.30 -0.38
S9 TOT C . -4.14 3.18 2.21
C10 TOT C . -4.26 4.82 2.55
C11 TOT C . -4.61 5.49 1.38
C12 TOT C . -4.46 -1.38 -1.36
C13 TOT C . -4.94 -2.21 -2.41
C14 TOT C . -5.55 -1.64 -3.52
C15 TOT C . -5.42 -0.27 -3.76
C16 TOT C . -4.95 0.58 -2.75
C17 TOT C . -4.60 0.05 -1.48
C18 TOT C . -4.38 0.89 -0.34
C19 TOT C . -3.95 0.27 0.84
C20 TOT C . -3.69 -1.10 0.88
N21 TOT C . -3.88 -1.91 -0.21
C22 TOT C . -3.43 -3.28 0.13
C23 TOT C . -2.56 -4.24 -0.69
C24 TOT C . -2.35 -5.50 0.19
N25 TOT C . -1.25 -6.43 -0.21
C26 TOT C . 0.11 -5.78 -0.23
C27 TOT C . 0.55 -5.17 1.11
C28 TOT C . -1.49 -7.01 -1.55
C29 TOT C . -1.25 -7.58 0.74
C31 TOT C . 3.82 3.91 -6.70
C32 TOT C . 3.83 5.04 -7.51
C33 TOT C . 4.11 6.29 -6.95
C34 TOT C . 4.32 6.41 -5.57
N35 TOT C . 4.50 5.23 -3.35
C36 TOT C . 4.48 6.42 -2.48
C37 TOT C . 4.64 3.93 -2.96
C38 TOT C . 4.96 3.60 -1.56
S39 TOT C . 4.46 2.81 -4.16
C40 TOT C . 4.16 4.01 -5.33
C41 TOT C . 4.35 5.27 -4.74
C42 TOT C . 5.70 1.13 1.18
C43 TOT C . 6.46 1.06 2.36
C44 TOT C . 6.75 2.22 3.08
C45 TOT C . 6.29 3.45 2.61
C46 TOT C . 5.74 3.55 1.31
C47 TOT C . 5.49 2.38 0.54
C48 TOT C . 5.03 2.40 -0.82
C49 TOT C . 4.64 1.16 -1.39
C50 TOT C . 4.68 -0.03 -0.64
N51 TOT C . 5.17 -0.03 0.64
C52 TOT C . 5.10 -1.33 1.36
C53 TOT C . 3.72 -2.01 1.36
C54 TOT C . 3.86 -3.40 2.00
N55 TOT C . 2.58 -4.12 2.26
C56 TOT C . 1.96 -4.56 0.98
C58 TOT C . 1.64 -3.27 3.05
C59 TOT C . 2.94 -5.30 3.09
H1 TOT C . -3.72 5.05 4.65
H2 TOT C . -4.40 7.39 4.79
H3 TOT C . -5.06 8.62 2.72
H4 TOT C . -5.15 7.44 0.58
H61 TOT C . -4.14 4.67 -1.83
H62 TOT C . -4.48 6.26 -1.19
H63 TOT C . -5.82 5.14 -1.46
H8 TOT C . -4.89 2.69 -1.32
H13 TOT C . -4.96 -3.28 -2.42
H14 TOT C . -6.13 -2.25 -4.19
H15 TOT C . -5.71 0.10 -4.74
H16 TOT C . -4.88 1.61 -3.02
H19 TOT C . -3.79 0.75 1.78
H20 TOT C . -3.40 -1.58 1.79
H221 TOT C . -2.79 -3.25 1.01
H222 TOT C . -4.34 -3.67 0.46
H231 TOT C . -1.62 -3.74 -0.90
H232 TOT C . -3.08 -4.51 -1.60
H241 TOT C . -3.30 -6.02 0.21
H242 TOT C . -2.16 -5.21 1.21
H261 TOT C . 0.84 -6.54 -0.49
H262 TOT C . 0.14 -5.02 -1.01
H271 TOT C . -0.15 -4.37 1.39
H272 TOT C . 0.56 -5.94 1.87
H281 TOT C . -2.39 -7.61 -1.55
H282 TOT C . -1.60 -6.21 -2.27
H283 TOT C . -0.66 -7.64 -1.86
H291 TOT C . -1.18 -7.24 1.78
H292 TOT C . -2.19 -8.13 0.66
H293 TOT C . -0.43 -8.25 0.54
H31 TOT C . 3.55 2.96 -7.13
H32 TOT C . 3.64 4.95 -8.57
H33 TOT C . 4.15 7.18 -7.57
H34 TOT C . 4.47 7.39 -5.15
H361 TOT C . 5.49 6.71 -2.22
H362 TOT C . 3.99 7.25 -2.98
H363 TOT C . 3.92 6.21 -1.57
H38 TOT C . 5.18 4.49 -1.01
H43 TOT C . 6.87 0.13 2.72
H44 TOT C . 7.33 2.13 3.99
H45 TOT C . 6.39 4.30 3.25
H46 TOT C . 5.52 4.55 0.98
H49 TOT C . 4.30 1.05 -2.39
H50 TOT C . 4.37 -0.97 -1.06
H521 TOT C . 5.43 -1.28 2.39
H522 TOT C . 5.78 -1.92 0.80
H531 TOT C . 3.06 -1.40 1.97
H532 TOT C . 3.30 -2.11 0.37
H541 TOT C . 4.55 -4.03 1.42
H542 TOT C . 4.33 -3.22 2.96
H561 TOT C . 2.62 -5.28 0.50
H562 TOT C . 1.85 -3.71 0.30
H581 TOT C . 0.83 -3.86 3.47
H582 TOT C . 1.21 -2.50 2.42
H583 TOT C . 2.17 -2.80 3.88
H591 TOT C . 2.06 -5.87 3.40
H592 TOT C . 3.44 -4.99 4.01
H593 TOT C . 3.61 -5.97 2.55
C1 TOT C . -4.36 5.52 3.92
C2 TOT C . -4.69 6.87 4.05
C3 TOT C . -5.05 7.59 2.90
C4 TOT C . -5.07 6.96 1.65
N5 TOT C . -4.77 4.82 0.35
C6 TOT C . -4.91 5.37 -1.02
C7 TOT C . -4.60 3.52 0.67
C8 TOT C . -4.64 2.47 -0.36
S9 TOT C . -4.35 3.22 2.28
C10 TOT C . -4.48 4.86 2.68
C11 TOT C . -4.79 5.58 1.52
C12 TOT C . -4.69 -1.16 -1.45
C13 TOT C . -5.18 -1.98 -2.49
C14 TOT C . -6.01 -1.44 -3.47
C15 TOT C . -6.22 -0.06 -3.54
C16 TOT C . -5.72 0.77 -2.52
C17 TOT C . -4.99 0.24 -1.43
C18 TOT C . -4.56 1.05 -0.33
C19 TOT C . -4.05 0.38 0.79
C20 TOT C . -3.71 -0.97 0.73
N21 TOT C . -3.92 -1.70 -0.41
C22 TOT C . -3.31 -3.04 -0.25
C23 TOT C . -2.48 -3.80 -1.30
C24 TOT C . -2.03 -5.10 -0.55
N25 TOT C . -0.90 -5.86 -1.15
C26 TOT C . 0.42 -5.22 -0.90
C27 TOT C . 0.95 -5.32 0.54
C28 TOT C . -1.07 -5.99 -2.62
C29 TOT C . -0.92 -7.24 -0.59
C31 TOT C . 3.88 3.71 -6.64
C32 TOT C . 3.88 4.84 -7.48
C33 TOT C . 4.13 6.11 -6.95
C34 TOT C . 4.36 6.25 -5.58
N35 TOT C . 4.57 5.12 -3.33
C36 TOT C . 4.57 6.35 -2.49
C37 TOT C . 4.72 3.85 -2.91
C38 TOT C . 5.02 3.55 -1.50
S39 TOT C . 4.53 2.70 -4.07
C40 TOT C . 4.23 3.86 -5.27
C41 TOT C . 4.41 5.13 -4.71
C42 TOT C . 5.72 1.14 1.31
C43 TOT C . 6.45 1.11 2.51
C44 TOT C . 6.69 2.27 3.23
C45 TOT C . 6.22 3.49 2.73
C46 TOT C . 5.69 3.55 1.42
C47 TOT C . 5.49 2.37 0.65
C48 TOT C . 5.07 2.36 -0.71
C49 TOT C . 4.70 1.11 -1.27
C50 TOT C . 4.78 -0.06 -0.51
N51 TOT C . 5.24 -0.05 0.78
C52 TOT C . 5.21 -1.33 1.51
C53 TOT C . 3.85 -2.06 1.50
C54 TOT C . 4.02 -3.51 2.00
N55 TOT C . 2.76 -4.30 2.06
C56 TOT C . 2.15 -4.38 0.70
C58 TOT C . 1.82 -3.69 3.04
C59 TOT C . 3.12 -5.66 2.55
H1 TOT C . -4.03 4.99 4.81
H2 TOT C . -4.67 7.35 5.02
H3 TOT C . -5.30 8.64 2.99
H4 TOT C . -5.32 7.56 0.79
H61 TOT C . -4.87 6.46 -1.03
H62 TOT C . -5.87 5.05 -1.44
H63 TOT C . -4.10 5.01 -1.65
H8 TOT C . -4.75 2.88 -1.34
H13 TOT C . -5.03 -3.05 -2.60
H14 TOT C . -6.48 -2.13 -4.15
H15 TOT C . -6.78 0.37 -4.36
H16 TOT C . -5.94 1.82 -2.62
H19 TOT C . -3.85 0.83 1.74
H20 TOT C . -3.31 -1.48 1.57
H221 TOT C . -2.57 -2.98 0.54
H222 TOT C . -4.13 -3.53 0.14
H231 TOT C . -1.61 -3.20 -1.57
H232 TOT C . -3.06 -4.06 -2.17
H241 TOT C . -2.91 -5.72 -0.47
H242 TOT C . -1.76 -4.88 0.47
H261 TOT C . 1.17 -5.67 -1.54
H262 TOT C . 0.35 -4.16 -1.17
H271 TOT C . 0.19 -5.05 1.27
H272 TOT C . 1.27 -6.36 0.72
H281 TOT C . -0.86 -5.02 -3.08
H282 TOT C . -0.38 -6.71 -3.04
H283 TOT C . -2.09 -6.30 -2.87
H291 TOT C . -1.82 -7.77 -0.91
H292 TOT C . -0.05 -7.81 -0.93
H293 TOT C . -0.92 -7.22 0.51
H31 TOT C . 3.61 2.76 -7.04
H32 TOT C . 3.70 4.71 -8.54
H33 TOT C . 4.14 6.97 -7.60
H34 TOT C . 4.51 7.25 -5.18
H361 TOT C . 4.02 6.17 -1.57
H362 TOT C . 5.60 6.64 -2.27
H363 TOT C . 4.08 7.17 -3.00
H38 TOT C . 5.25 4.45 -0.96
H43 TOT C . 6.86 0.19 2.89
H44 TOT C . 7.27 2.21 4.15
H45 TOT C . 6.27 4.35 3.37
H46 TOT C . 5.44 4.54 1.07
H49 TOT C . 4.35 0.98 -2.27
H50 TOT C . 4.51 -1.03 -0.93
H521 TOT C . 5.50 -1.28 2.55
H522 TOT C . 5.93 -1.89 0.96
H531 TOT C . 3.18 -1.53 2.16
H532 TOT C . 3.43 -2.07 0.51
H541 TOT C . 4.75 -4.04 1.37
H542 TOT C . 4.45 -3.44 2.99
H561 TOT C . 2.92 -4.68 -0.02
H562 TOT C . 1.78 -3.39 0.42
H581 TOT C . 0.98 -4.36 3.26
H582 TOT C . 1.40 -2.76 2.66
H583 TOT C . 2.33 -3.49 3.98
H591 TOT C . 3.68 -5.59 3.49
H592 TOT C . 3.76 -6.17 1.82
H593 TOT C . 2.25 -6.27 2.73
C1 TOT C . -4.35 5.66 3.88
C2 TOT C . -4.66 7.02 3.98
C3 TOT C . -5.04 7.73 2.84
C4 TOT C . -5.08 7.08 1.60
N5 TOT C . -4.79 4.94 0.31
C6 TOT C . -4.93 5.49 -1.06
C7 TOT C . -4.63 3.63 0.64
C8 TOT C . -4.73 2.58 -0.38
S9 TOT C . -4.33 3.35 2.24
C10 TOT C . -4.46 4.99 2.64
C11 TOT C . -4.79 5.71 1.47
C12 TOT C . -4.77 -1.05 -1.47
C13 TOT C . -5.20 -1.87 -2.53
C14 TOT C . -5.97 -1.35 -3.56
C15 TOT C . -6.16 0.03 -3.66
C16 TOT C . -5.71 0.88 -2.63
C17 TOT C . -5.06 0.34 -1.48
C18 TOT C . -4.70 1.16 -0.35
C19 TOT C . -4.29 0.48 0.81
C20 TOT C . -3.95 -0.87 0.76
N21 TOT C . -4.08 -1.60 -0.39
C22 TOT C . -3.47 -2.93 -0.19
C23 TOT C . -2.59 -3.72 -1.16
C24 TOT C . -2.31 -5.03 -0.38
N25 TOT C . -1.07 -5.77 -0.75
C26 TOT C . 0.18 -5.09 -0.30
C27 TOT C . 0.40 -5.04 1.24
C28 TOT C . -1.00 -5.94 -2.22
C29 TOT C . -1.16 -7.13 -0.15
C31 TOT C . 3.91 3.70 -6.75
C32 TOT C . 3.92 4.82 -7.57
C33 TOT C . 4.14 6.09 -7.01
C34 TOT C . 4.33 6.21 -5.61
N35 TOT C . 4.52 5.04 -3.40
C36 TOT C . 4.49 6.24 -2.52
C37 TOT C . 4.67 3.75 -3.00
C38 TOT C . 4.94 3.42 -1.58
S39 TOT C . 4.50 2.62 -4.19
C40 TOT C . 4.23 3.81 -5.37
C41 TOT C . 4.39 5.07 -4.78
C42 TOT C . 5.66 0.94 1.15
C43 TOT C . 6.39 0.88 2.35
C44 TOT C . 6.64 2.02 3.10
C45 TOT C . 6.20 3.25 2.61
C46 TOT C . 5.68 3.35 1.30
C47 TOT C . 5.44 2.20 0.52
C48 TOT C . 5.00 2.21 -0.84
C49 TOT C . 4.63 0.98 -1.41
C50 TOT C . 4.69 -0.22 -0.69
N51 TOT C . 5.17 -0.22 0.59
C52 TOT C . 5.13 -1.53 1.29
C53 TOT C . 3.84 -2.36 1.09
C54 TOT C . 3.84 -3.50 2.12
N55 TOT C . 2.87 -4.60 1.86
C56 TOT C . 1.50 -4.04 1.64
C58 TOT C . 2.90 -5.47 3.06
C59 TOT C . 3.32 -5.40 0.69
H1 TOT C . -4.01 5.14 4.76
H2 TOT C . -4.61 7.51 4.95
H3 TOT C . -5.30 8.78 2.92
H4 TOT C . -5.34 7.67 0.73
H61 TOT C . -4.16 5.06 -1.71
H62 TOT C . -4.78 6.57 -1.06
H63 TOT C . -5.91 5.25 -1.44
H8 TOT C . -4.86 2.99 -1.37
H13 TOT C . -5.03 -2.94 -2.63
H14 TOT C . -6.41 -2.07 -4.24
H15 TOT C . -6.67 0.45 -4.51
H16 TOT C . -5.91 1.92 -2.76
H19 TOT C . -4.22 0.90 1.78
H20 TOT C . -3.59 -1.40 1.63
H221 TOT C . -2.78 -2.87 0.64
H222 TOT C . -4.33 -3.44 0.14
H231 TOT C . -1.68 -3.15 -1.35
H232 TOT C . -3.10 -3.95 -2.09
H241 TOT C . -3.19 -5.63 -0.51
H242 TOT C . -2.27 -4.86 0.69
H261 TOT C . 1.03 -5.60 -0.74
H262 TOT C . 0.17 -4.07 -0.68
H271 TOT C . -0.50 -4.67 1.72
H272 TOT C . 0.60 -6.04 1.62
H281 TOT C . -0.22 -6.66 -2.49
H282 TOT C . -1.95 -6.32 -2.61
H283 TOT C . -0.76 -4.99 -2.69
H291 TOT C . -1.99 -7.68 -0.59
H292 TOT C . -0.25 -7.70 -0.32
H293 TOT C . -1.35 -7.07 0.93
H31 TOT C . 3.67 2.74 -7.19
H32 TOT C . 3.77 4.73 -8.64
H33 TOT C . 4.16 6.97 -7.63
H34 TOT C . 4.46 7.20 -5.20
H361 TOT C . 5.51 6.53 -2.26
H362 TOT C . 4.02 7.08 -3.03
H363 TOT C . 3.92 6.05 -1.62
H38 TOT C . 5.14 4.31 -1.03
H43 TOT C . 6.81 -0.05 2.70
H44 TOT C . 7.17 1.94 4.04
H45 TOT C . 6.28 4.11 3.26
H46 TOT C . 5.47 4.35 0.97
H49 TOT C . 4.26 0.87 -2.41
H50 TOT C . 4.39 -1.16 -1.10
H521 TOT C . 5.35 -1.48 2.34
H522 TOT C . 5.89 -2.05 0.77
H531 TOT C . 2.99 -1.71 1.25
H532 TOT C . 3.81 -2.78 0.09
H541 TOT C . 4.84 -3.92 2.18
H542 TOT C . 3.61 -3.01 3.06
H561 TOT C . 1.51 -3.26 0.89
H562 TOT C . 1.19 -3.56 2.58
H581 TOT C . 2.28 -6.36 2.95
H582 TOT C . 2.54 -4.91 3.95
H583 TOT C . 3.92 -5.80 3.27
H591 TOT C . 3.21 -4.86 -0.24
H592 TOT C . 2.75 -6.33 0.62
H593 TOT C . 4.37 -5.68 0.81
C1 TOT C . -3.74 5.42 4.17
C2 TOT C . -3.98 6.79 4.31
C3 TOT C . -4.31 7.55 3.18
C4 TOT C . -4.41 6.92 1.92
N5 TOT C . -4.30 4.77 0.62
C6 TOT C . -4.37 5.36 -0.74
C7 TOT C . -4.28 3.46 0.94
C8 TOT C . -4.57 2.42 -0.07
S9 TOT C . -3.93 3.13 2.52
C10 TOT C . -3.94 4.77 2.93
C11 TOT C . -4.25 5.52 1.78
C12 TOT C . -4.77 -1.26 -1.02
C13 TOT C . -5.08 -2.08 -2.14
C14 TOT C . -5.46 -1.48 -3.34
C15 TOT C . -5.21 -0.13 -3.56
C16 TOT C . -4.85 0.70 -2.48
C17 TOT C . -4.76 0.17 -1.18
C18 TOT C . -4.68 1.00 -0.01
C19 TOT C . -4.70 0.35 1.24
C20 TOT C . -4.52 -1.02 1.33
N21 TOT C . -4.51 -1.81 0.22
C22 TOT C . -4.25 -3.21 0.61
C23 TOT C . -3.14 -4.06 0.02
C24 TOT C . -2.95 -5.31 0.93
N25 TOT C . -1.69 -6.07 0.75
C26 TOT C . -0.51 -5.16 0.95
C27 TOT C . 0.81 -5.85 1.29
C28 TOT C . -1.66 -6.68 -0.60
C29 TOT C . -1.70 -7.18 1.75
C31 TOT C . 3.79 3.26 -6.79
C32 TOT C . 3.68 4.42 -7.56
C33 TOT C . 3.81 5.68 -6.95
C34 TOT C . 3.97 5.75 -5.57
N35 TOT C . 4.23 4.54 -3.38
C36 TOT C . 4.11 5.69 -2.47
C37 TOT C . 4.47 3.25 -3.03
C38 TOT C . 4.76 2.89 -1.63
S39 TOT C . 4.43 2.15 -4.26
C40 TOT C . 4.07 3.36 -5.40
C41 TOT C . 4.11 4.59 -4.77
C42 TOT C . 5.78 0.38 0.99
C43 TOT C . 6.55 0.30 2.17
C44 TOT C . 6.76 1.44 2.94
C45 TOT C . 6.31 2.68 2.48
C46 TOT C . 5.76 2.79 1.18
C47 TOT C . 5.50 1.63 0.40
C48 TOT C . 4.96 1.67 -0.93
C49 TOT C . 4.63 0.43 -1.54
C50 TOT C . 4.79 -0.78 -0.85
N51 TOT C . 5.32 -0.79 0.41
C52 TOT C . 5.37 -2.12 1.07
C53 TOT C . 4.14 -3.03 0.88
C54 TOT C . 4.22 -4.15 1.91
N55 TOT C . 3.28 -5.30 1.68
C56 TOT C . 1.91 -4.78 1.40
C58 TOT C . 3.30 -6.12 2.92
C59 TOT C . 3.78 -6.13 0.56
H1 TOT C . -3.42 4.88 5.04
H2 TOT C . -3.90 7.27 5.28
H3 TOT C . -4.50 8.61 3.26
H4 TOT C . -4.65 7.53 1.06
H61 TOT C . -5.41 5.42 -1.07
H62 TOT C . -3.78 4.77 -1.44
H63 TOT C . -3.94 6.37 -0.74
H8 TOT C . -4.75 2.85 -1.03
H13 TOT C . -5.10 -3.15 -2.15
H14 TOT C . -5.98 -2.06 -4.07
H15 TOT C . -5.30 0.24 -4.57
H16 TOT C . -4.67 1.73 -2.73
H19 TOT C . -4.88 0.82 2.17
H20 TOT C . -4.47 -1.53 2.26
H221 TOT C . -4.14 -3.34 1.69
H222 TOT C . -5.23 -3.50 0.45
H231 TOT C . -2.23 -3.46 0.01
H232 TOT C . -3.42 -4.38 -0.97
H241 TOT C . -3.81 -5.95 0.79
H242 TOT C . -2.96 -4.98 1.96
H261 TOT C . -0.37 -4.57 0.05
H262 TOT C . -0.73 -4.48 1.77
H271 TOT C . 0.72 -6.38 2.24
H272 TOT C . 1.05 -6.56 0.49
H281 TOT C . -0.73 -7.22 -0.78
H282 TOT C . -2.49 -7.38 -0.72
H283 TOT C . -1.76 -5.90 -1.36
H291 TOT C . -1.62 -6.77 2.75
H292 TOT C . -2.63 -7.74 1.67
H293 TOT C . -0.87 -7.86 1.57
H31 TOT C . 3.65 2.30 -7.26
H32 TOT C . 3.50 4.34 -8.63
H33 TOT C . 3.76 6.58 -7.55
H34 TOT C . 4.01 6.74 -5.13
H361 TOT C . 3.64 6.54 -2.97
H362 TOT C . 3.48 5.44 -1.61
H363 TOT C . 5.09 6.00 -2.12
H38 TOT C . 4.80 3.77 -1.02
H43 TOT C . 7.02 -0.61 2.47
H44 TOT C . 7.30 1.34 3.88
H45 TOT C . 6.40 3.53 3.13
H46 TOT C . 5.57 3.80 0.85
H49 TOT C . 4.23 0.34 -2.52
H50 TOT C . 4.51 -1.72 -1.28
H521 TOT C . 5.62 -2.08 2.12
H522 TOT C . 6.15 -2.59 0.51
H531 TOT C . 3.23 -2.46 1.04
H532 TOT C . 4.14 -3.46 -0.12
H541 TOT C . 5.24 -4.53 1.96
H542 TOT C . 3.98 -3.67 2.86
H561 TOT C . 1.92 -4.24 0.46
H562 TOT C . 1.63 -4.09 2.19
H581 TOT C . 2.85 -5.56 3.75
H582 TOT C . 4.33 -6.36 3.19
H583 TOT C . 2.77 -7.06 2.79
H591 TOT C . 3.23 -7.07 0.48
H592 TOT C . 4.83 -6.39 0.70
H593 TOT C . 3.69 -5.61 -0.40
C1 TOT C . -4.13 5.50 3.91
C2 TOT C . -4.42 6.87 3.97
C3 TOT C . -4.76 7.54 2.79
C4 TOT C . -4.82 6.85 1.57
N5 TOT C . -4.54 4.65 0.37
C6 TOT C . -4.65 5.17 -1.01
C7 TOT C . -4.42 3.35 0.75
C8 TOT C . -4.54 2.26 -0.23
S9 TOT C . -4.14 3.13 2.36
C10 TOT C . -4.25 4.79 2.70
C11 TOT C . -4.55 5.45 1.51
C12 TOT C . -4.58 -1.42 -1.20
C13 TOT C . -4.98 -2.26 -2.27
C14 TOT C . -5.68 -1.74 -3.34
C15 TOT C . -5.79 -0.35 -3.51
C16 TOT C . -5.35 0.51 -2.49
C17 TOT C . -4.81 -0.01 -1.29
C18 TOT C . -4.51 0.84 -0.16
C19 TOT C . -4.16 0.19 1.04
C20 TOT C . -3.86 -1.17 1.06
N21 TOT C . -4.00 -1.95 -0.05
C22 TOT C . -3.49 -3.32 0.23
C23 TOT C . -2.67 -4.24 -0.66
C24 TOT C . -2.51 -5.56 0.13
N25 TOT C . -1.53 -6.56 -0.38
C26 TOT C . -0.14 -5.99 -0.49
C27 TOT C . 0.39 -5.38 0.82
C28 TOT C . -1.96 -7.08 -1.70
C29 TOT C . -1.53 -7.72 0.55
C31 TOT C . 3.95 3.85 -6.74
C32 TOT C . 3.96 5.03 -7.52
C33 TOT C . 4.21 6.25 -6.91
C34 TOT C . 4.39 6.32 -5.52
N35 TOT C . 4.52 5.07 -3.34
C36 TOT C . 4.50 6.23 -2.42
C37 TOT C . 4.66 3.76 -2.98
C38 TOT C . 4.91 3.39 -1.58
S39 TOT C . 4.50 2.68 -4.22
C40 TOT C . 4.25 3.91 -5.36
C41 TOT C . 4.41 5.15 -4.72
C42 TOT C . 5.68 0.81 1.06
C43 TOT C . 6.42 0.68 2.24
C44 TOT C . 6.76 1.80 3.00
C45 TOT C . 6.40 3.06 2.54
C46 TOT C . 5.86 3.22 1.24
C47 TOT C . 5.52 2.08 0.45
C48 TOT C . 5.02 2.16 -0.89
C49 TOT C . 4.62 0.94 -1.50
C50 TOT C . 4.64 -0.27 -0.79
N51 TOT C . 5.12 -0.32 0.48
C52 TOT C . 5.01 -1.62 1.18
C53 TOT C . 3.62 -2.30 1.15
C54 TOT C . 3.76 -3.73 1.71
N55 TOT C . 2.47 -4.45 1.96
C56 TOT C . 1.83 -4.83 0.67
C58 TOT C . 1.57 -3.62 2.79
C59 TOT C . 2.83 -5.66 2.74
H1 TOT C . -3.81 5.01 4.82
H2 TOT C . -4.37 7.39 4.91
H3 TOT C . -5.00 8.59 2.82
H4 TOT C . -5.06 7.41 0.68
H61 TOT C . -3.97 4.64 -1.67
H62 TOT C . -4.36 6.22 -1.05
H63 TOT C . -5.68 5.06 -1.36
H8 TOT C . -4.67 2.65 -1.21
H13 TOT C . -4.87 -3.32 -2.36
H14 TOT C . -6.15 -2.46 -3.99
H15 TOT C . -6.23 0.05 -4.41
H16 TOT C . -5.46 1.55 -2.70
H19 TOT C . -4.11 0.66 2.00
H20 TOT C . -3.55 -1.67 1.96
H221 TOT C . -2.85 -3.31 1.11
H222 TOT C . -4.42 -3.71 0.53
H231 TOT C . -1.70 -3.77 -0.82
H232 TOT C . -3.15 -4.43 -1.61
H241 TOT C . -3.49 -6.04 0.18
H242 TOT C . -2.25 -5.35 1.17
H261 TOT C . 0.54 -6.79 -0.79
H262 TOT C . -0.11 -5.23 -1.27
H271 TOT C . -0.25 -4.55 1.12
H272 TOT C . 0.37 -6.14 1.60
H281 TOT C . -2.12 -6.28 -2.40
H282 TOT C . -1.20 -7.76 -2.11
H283 TOT C . -2.89 -7.64 -1.61
H291 TOT C . -0.78 -8.46 0.24
H292 TOT C . -1.34 -7.43 1.58
H293 TOT C . -2.51 -8.22 0.54
H31 TOT C . 3.72 2.92 -7.22
H32 TOT C . 3.77 4.97 -8.58
H33 TOT C . 4.27 7.16 -7.49
H34 TOT C . 4.54 7.29 -5.07
H361 TOT C . 3.85 6.02 -1.57
H362 TOT C . 5.51 6.47 -2.08
H363 TOT C . 4.08 7.11 -2.92
H38 TOT C . 5.06 4.26 -0.98
H43 TOT C . 6.80 -0.27 2.57
H44 TOT C . 7.32 1.65 3.91
H45 TOT C . 6.55 3.90 3.20
H46 TOT C . 5.73 4.23 0.92
H49 TOT C . 4.27 0.87 -2.52
H50 TOT C . 4.31 -1.18 -1.24
H521 TOT C . 5.33 -1.62 2.21
H522 TOT C . 5.69 -2.21 0.61
H531 TOT C . 2.97 -1.70 1.80
H532 TOT C . 3.19 -2.33 0.15
H541 TOT C . 4.41 -4.33 1.06
H542 TOT C . 4.28 -3.62 2.65
H561 TOT C . 2.44 -5.59 0.17
H562 TOT C . 1.76 -3.97 0.01
H581 TOT C . 1.12 -2.82 2.22
H582 TOT C . 2.12 -3.18 3.63
H583 TOT C . 0.76 -4.22 3.21
H591 TOT C . 1.96 -6.25 3.03
H592 TOT C . 3.35 -5.39 3.67
H593 TOT C . 3.50 -6.31 2.16
C1 TOT C . -4.17 5.43 3.84
C2 TOT C . -4.46 6.80 3.92
C3 TOT C . -4.78 7.49 2.74
C4 TOT C . -4.82 6.82 1.51
N5 TOT C . -4.57 4.63 0.29
C6 TOT C . -4.70 5.14 -1.10
C7 TOT C . -4.44 3.32 0.66
C8 TOT C . -4.50 2.24 -0.34
S9 TOT C . -4.20 3.08 2.28
C10 TOT C . -4.29 4.73 2.62
C11 TOT C . -4.59 5.42 1.43
C12 TOT C . -4.55 -1.46 -1.28
C13 TOT C . -5.04 -2.29 -2.32
C14 TOT C . -5.67 -1.73 -3.42
C15 TOT C . -5.61 -0.36 -3.66
C16 TOT C . -5.15 0.48 -2.65
C17 TOT C . -4.70 -0.03 -1.40
C18 TOT C . -4.39 0.81 -0.28
C19 TOT C . -3.98 0.18 0.90
C20 TOT C . -3.74 -1.19 0.94
N21 TOT C . -3.94 -1.99 -0.14
C22 TOT C . -3.49 -3.37 0.20
C23 TOT C . -2.62 -4.30 -0.64
C24 TOT C . -2.40 -5.58 0.23
N25 TOT C . -1.27 -6.47 -0.16
C26 TOT C . 0.06 -5.79 -0.14
C27 TOT C . 0.44 -5.13 1.19
C28 TOT C . -1.48 -7.03 -1.52
C29 TOT C . -1.26 -7.63 0.77
C31 TOT C . 3.68 4.03 -6.66
C32 TOT C . 3.70 5.17 -7.47
C33 TOT C . 4.00 6.41 -6.89
C34 TOT C . 4.24 6.51 -5.52
N35 TOT C . 4.42 5.30 -3.32
C36 TOT C . 4.43 6.49 -2.43
C37 TOT C . 4.56 4.01 -2.94
C38 TOT C . 4.88 3.66 -1.55
S39 TOT C . 4.34 2.90 -4.15
C40 TOT C . 4.05 4.11 -5.30
C41 TOT C . 4.26 5.36 -4.69
C42 TOT C . 5.60 1.16 1.18
C43 TOT C . 6.36 1.07 2.35
C44 TOT C . 6.67 2.21 3.08
C45 TOT C . 6.24 3.46 2.61
C46 TOT C . 5.69 3.57 1.33
C47 TOT C . 5.41 2.41 0.54
C48 TOT C . 4.94 2.45 -0.81
C49 TOT C . 4.55 1.22 -1.39
C50 TOT C . 4.57 0.03 -0.65
N51 TOT C . 5.05 0.01 0.63
C52 TOT C . 4.96 -1.28 1.34
C53 TOT C . 3.59 -1.97 1.26
C54 TOT C . 3.62 -3.18 2.20
N55 TOT C . 2.31 -3.88 2.40
C56 TOT C . 1.82 -4.47 1.12
C58 TOT C . 1.30 -2.94 2.97
C59 TOT C . 2.57 -4.95 3.40
H1 TOT C . -3.83 4.93 4.74
H2 TOT C . -4.46 7.29 4.88
H3 TOT C . -4.99 8.56 2.79
H4 TOT C . -5.04 7.39 0.63
H61 TOT C . -3.94 4.69 -1.73
H62 TOT C . -4.56 6.22 -1.14
H63 TOT C . -5.69 4.90 -1.49
H8 TOT C . -4.66 2.64 -1.32
H13 TOT C . -5.02 -3.37 -2.34
H14 TOT C . -6.24 -2.36 -4.08
H15 TOT C . -5.92 0.01 -4.62
H16 TOT C . -5.18 1.53 -2.89
H19 TOT C . -3.78 0.67 1.83
H20 TOT C . -3.44 -1.66 1.86
H221 TOT C . -2.85 -3.33 1.07
H222 TOT C . -4.40 -3.76 0.53
H231 TOT C . -1.67 -3.80 -0.84
H232 TOT C . -3.12 -4.56 -1.56
H241 TOT C . -3.34 -6.11 0.22
H242 TOT C . -2.24 -5.31 1.27
H261 TOT C . 0.83 -6.53 -0.37
H262 TOT C . 0.11 -5.04 -0.93
H271 TOT C . -0.29 -4.36 1.43
H272 TOT C . 0.44 -5.89 1.98
H281 TOT C . -0.63 -7.64 -1.83
H282 TOT C . -2.37 -7.65 -1.55
H283 TOT C . -1.58 -6.22 -2.23
H291 TOT C . -0.43 -8.30 0.56
H292 TOT C . -1.20 -7.32 1.81
H293 TOT C . -2.19 -8.20 0.68
H31 TOT C . 3.38 3.08 -7.10
H32 TOT C . 3.49 5.09 -8.52
H33 TOT C . 4.05 7.30 -7.51
H34 TOT C . 4.42 7.48 -5.09
H361 TOT C . 3.89 6.28 -1.51
H362 TOT C . 5.46 6.78 -2.20
H363 TOT C . 3.93 7.34 -2.91
H38 TOT C . 5.13 4.54 -0.99
H43 TOT C . 6.76 0.13 2.70
H44 TOT C . 7.26 2.11 3.98
H45 TOT C . 6.34 4.31 3.27
H46 TOT C . 5.47 4.57 0.99
H49 TOT C . 4.21 1.11 -2.40
H50 TOT C . 4.23 -0.91 -1.06
H521 TOT C . 5.25 -1.23 2.38
H522 TOT C . 5.65 -1.88 0.81
H531 TOT C . 2.81 -1.28 1.57
H532 TOT C . 3.39 -2.32 0.24
H541 TOT C . 4.41 -3.85 1.87
H542 TOT C . 3.90 -2.76 3.15
H561 TOT C . 2.55 -5.20 0.76
H562 TOT C . 1.74 -3.69 0.36
H581 TOT C . 0.94 -2.25 2.21
H582 TOT C . 1.75 -2.37 3.79
H583 TOT C . 0.45 -3.49 3.38
H591 TOT C . 3.26 -5.70 3.00
H592 TOT C . 1.66 -5.46 3.70
H593 TOT C . 3.02 -4.53 4.30
C1 TOT C . -3.69 5.34 4.18
C2 TOT C . -3.90 6.72 4.30
C3 TOT C . -4.23 7.47 3.17
C4 TOT C . -4.33 6.84 1.91
N5 TOT C . -4.23 4.70 0.62
C6 TOT C . -4.29 5.28 -0.74
C7 TOT C . -4.22 3.38 0.94
C8 TOT C . -4.50 2.35 -0.07
S9 TOT C . -3.89 3.05 2.53
C10 TOT C . -3.88 4.70 2.93
C11 TOT C . -4.17 5.45 1.78
C12 TOT C . -4.67 -1.32 -1.04
C13 TOT C . -4.96 -2.14 -2.17
C14 TOT C . -5.32 -1.53 -3.37
C15 TOT C . -5.06 -0.19 -3.59
C16 TOT C . -4.73 0.64 -2.50
C17 TOT C . -4.66 0.10 -1.19
C18 TOT C . -4.59 0.92 -0.02
C19 TOT C . -4.62 0.28 1.22
C20 TOT C . -4.45 -1.10 1.31
N21 TOT C . -4.42 -1.88 0.20
C22 TOT C . -4.17 -3.29 0.59
C23 TOT C . -3.05 -4.15 0.00
C24 TOT C . -2.88 -5.39 0.91
N25 TOT C . -1.62 -6.16 0.73
C26 TOT C . -0.45 -5.26 0.93
C27 TOT C . 0.89 -5.96 1.27
C28 TOT C . -1.59 -6.78 -0.61
C29 TOT C . -1.63 -7.26 1.74
C31 TOT C . 3.87 3.15 -6.78
C32 TOT C . 3.74 4.31 -7.56
C33 TOT C . 3.83 5.57 -6.96
C34 TOT C . 3.99 5.65 -5.56
N35 TOT C . 4.25 4.44 -3.38
C36 TOT C . 4.11 5.60 -2.47
C37 TOT C . 4.52 3.15 -3.02
C38 TOT C . 4.79 2.81 -1.61
S39 TOT C . 4.51 2.06 -4.26
C40 TOT C . 4.14 3.25 -5.40
C41 TOT C . 4.15 4.50 -4.76
C42 TOT C . 5.81 0.30 1.01
C43 TOT C . 6.55 0.24 2.20
C44 TOT C . 6.76 1.39 2.98
C45 TOT C . 6.30 2.61 2.50
C46 TOT C . 5.76 2.72 1.20
C47 TOT C . 5.52 1.55 0.42
C48 TOT C . 5.01 1.59 -0.92
C49 TOT C . 4.70 0.34 -1.53
C50 TOT C . 4.86 -0.86 -0.84
N51 TOT C . 5.37 -0.87 0.42
C52 TOT C . 5.43 -2.20 1.08
C53 TOT C . 4.22 -3.12 0.88
C54 TOT C . 4.29 -4.25 1.91
N55 TOT C . 3.35 -5.39 1.68
C56 TOT C . 1.99 -4.87 1.38
C58 TOT C . 3.37 -6.22 2.91
C59 TOT C . 3.86 -6.22 0.55
H1 TOT C . -3.38 4.79 5.05
H2 TOT C . -3.80 7.20 5.27
H3 TOT C . -4.39 8.54 3.25
H4 TOT C . -4.56 7.46 1.06
H61 TOT C . -5.33 5.34 -1.08
H62 TOT C . -3.70 4.69 -1.43
H63 TOT C . -3.86 6.28 -0.74
H8 TOT C . -4.69 2.78 -1.04
H13 TOT C . -5.00 -3.22 -2.18
H14 TOT C . -5.83 -2.10 -4.13
H15 TOT C . -5.12 0.18 -4.60
H16 TOT C . -4.53 1.67 -2.73
H19 TOT C . -4.81 0.74 2.16
H20 TOT C . -4.40 -1.62 2.24
H221 TOT C . -4.07 -3.43 1.66
H222 TOT C . -5.15 -3.59 0.42
H231 TOT C . -2.15 -3.54 -0.01
H232 TOT C . -3.34 -4.46 -0.99
H241 TOT C . -3.75 -6.03 0.76
H242 TOT C . -2.89 -5.07 1.94
H261 TOT C . -0.29 -4.67 0.03
H262 TOT C . -0.66 -4.57 1.75
H271 TOT C . 0.79 -6.47 2.22
H272 TOT C . 1.13 -6.66 0.48
H281 TOT C . -0.66 -7.32 -0.79
H282 TOT C . -2.42 -7.48 -0.72
H283 TOT C . -1.69 -6.00 -1.37
H291 TOT C . -1.55 -6.86 2.74
H292 TOT C . -2.56 -7.83 1.67
H293 TOT C . -0.81 -7.96 1.57
H31 TOT C . 3.75 2.20 -7.26
H32 TOT C . 3.57 4.23 -8.63
H33 TOT C . 3.78 6.47 -7.55
H34 TOT C . 4.01 6.65 -5.13
H361 TOT C . 3.62 6.44 -2.97
H362 TOT C . 3.48 5.33 -1.63
H363 TOT C . 5.08 5.92 -2.10
H38 TOT C . 4.82 3.68 -1.01
H43 TOT C . 7.04 -0.66 2.52
H44 TOT C . 7.27 1.29 3.92
H45 TOT C . 6.36 3.47 3.17
H46 TOT C . 5.56 3.72 0.87
H49 TOT C . 4.32 0.25 -2.53
H50 TOT C . 4.61 -1.81 -1.27
H521 TOT C . 5.66 -2.16 2.13
H522 TOT C . 6.23 -2.65 0.54
H531 TOT C . 3.30 -2.55 1.02
H532 TOT C . 4.24 -3.55 -0.12
H541 TOT C . 5.31 -4.61 1.96
H542 TOT C . 4.05 -3.77 2.86
H561 TOT C . 1.99 -4.33 0.44
H562 TOT C . 1.69 -4.18 2.17
H581 TOT C . 4.40 -6.46 3.19
H582 TOT C . 2.83 -7.15 2.78
H583 TOT C . 2.92 -5.67 3.74
H591 TOT C . 3.76 -5.71 -0.41
H592 TOT C . 3.31 -7.16 0.47
H593 TOT C . 4.90 -6.48 0.70
C1 TOT C . -3.82 5.19 4.25
C2 TOT C . -4.05 6.56 4.36
C3 TOT C . -4.39 7.30 3.22
C4 TOT C . -4.47 6.66 1.97
N5 TOT C . -4.32 4.50 0.70
C6 TOT C . -4.37 5.06 -0.67
C7 TOT C . -4.30 3.18 1.03
C8 TOT C . -4.55 2.14 0.03
S9 TOT C . -3.97 2.88 2.62
C10 TOT C . -3.99 4.53 3.02
C11 TOT C . -4.27 5.25 1.86
C12 TOT C . -4.76 -1.54 -0.90
C13 TOT C . -5.06 -2.38 -2.00
C14 TOT C . -5.49 -1.81 -3.19
C15 TOT C . -5.28 -0.45 -3.43
C16 TOT C . -4.92 0.39 -2.37
C17 TOT C . -4.78 -0.12 -1.05
C18 TOT C . -4.67 0.71 0.10
C19 TOT C . -4.68 0.08 1.36
C20 TOT C . -4.48 -1.30 1.45
N21 TOT C . -4.46 -2.08 0.35
C22 TOT C . -4.18 -3.48 0.74
C23 TOT C . -3.03 -4.29 0.15
C24 TOT C . -2.79 -5.53 1.05
N25 TOT C . -1.51 -6.25 0.85
C26 TOT C . -0.37 -5.30 1.06
C27 TOT C . 0.98 -5.96 1.38
C28 TOT C . -1.46 -6.85 -0.50
C29 TOT C . -1.47 -7.36 1.84
C31 TOT C . 3.69 3.24 -6.70
C32 TOT C . 3.56 4.39 -7.47
C33 TOT C . 3.68 5.65 -6.87
C34 TOT C . 3.87 5.74 -5.48
N35 TOT C . 4.16 4.53 -3.31
C36 TOT C . 4.03 5.69 -2.39
C37 TOT C . 4.42 3.24 -2.94
C38 TOT C . 4.74 2.90 -1.55
S39 TOT C . 4.37 2.14 -4.17
C40 TOT C . 3.98 3.34 -5.31
C41 TOT C . 4.02 4.58 -4.68
C42 TOT C . 5.79 0.41 1.09
C43 TOT C . 6.55 0.36 2.26
C44 TOT C . 6.73 1.49 3.04
C45 TOT C . 6.24 2.72 2.58
C46 TOT C . 5.69 2.82 1.28
C47 TOT C . 5.47 1.66 0.49
C48 TOT C . 4.95 1.68 -0.85
C49 TOT C . 4.64 0.44 -1.45
C50 TOT C . 4.82 -0.77 -0.75
N51 TOT C . 5.35 -0.77 0.50
C52 TOT C . 5.44 -2.09 1.16
C53 TOT C . 4.23 -3.03 0.97
C54 TOT C . 4.34 -4.16 2.01
N55 TOT C . 3.44 -5.33 1.78
C56 TOT C . 2.05 -4.85 1.49
C58 TOT C . 3.49 -6.15 3.01
C59 TOT C . 3.95 -6.15 0.65
H1 TOT C . -3.51 4.64 5.13
H2 TOT C . -3.98 7.05 5.32
H3 TOT C . -4.57 8.36 3.30
H4 TOT C . -4.69 7.25 1.11
H61 TOT C . -5.40 5.09 -1.03
H62 TOT C . -3.76 4.48 -1.35
H63 TOT C . -3.97 6.08 -0.68
H8 TOT C . -4.71 2.55 -0.94
H13 TOT C . -5.04 -3.45 -2.00
H14 TOT C . -6.01 -2.42 -3.91
H15 TOT C . -5.42 -0.09 -4.43
H16 TOT C . -4.78 1.43 -2.62
H19 TOT C . -4.87 0.55 2.29
H20 TOT C . -4.41 -1.81 2.38
H221 TOT C . -4.07 -3.62 1.81
H222 TOT C . -5.14 -3.79 0.57
H231 TOT C . -2.15 -3.65 0.12
H232 TOT C . -3.31 -4.62 -0.85
H241 TOT C . -3.64 -6.21 0.91
H242 TOT C . -2.81 -5.21 2.08
H261 TOT C . -0.23 -4.69 0.17
H262 TOT C . -0.60 -4.64 1.90
H271 TOT C . 0.91 -6.48 2.33
H272 TOT C . 1.25 -6.66 0.59
H281 TOT C . -1.58 -6.07 -1.26
H282 TOT C . -0.52 -7.35 -0.68
H283 TOT C . -2.27 -7.57 -0.63
H291 TOT C . -2.37 -7.96 1.77
H292 TOT C . -0.62 -8.03 1.66
H293 TOT C . -1.41 -6.97 2.86
H31 TOT C . 3.55 2.28 -7.17
H32 TOT C . 3.37 4.31 -8.54
H33 TOT C . 3.63 6.55 -7.46
H34 TOT C . 3.91 6.72 -5.03
H361 TOT C . 3.50 6.50 -2.87
H362 TOT C . 3.45 5.41 -1.51
H363 TOT C . 5.01 6.04 -2.09
H38 TOT C . 4.82 3.78 -0.95
H43 TOT C . 7.05 -0.54 2.56
H44 TOT C . 7.28 1.41 3.96
H45 TOT C . 6.31 3.57 3.23
H46 TOT C . 5.44 3.82 0.97
H49 TOT C . 4.24 0.33 -2.43
H50 TOT C . 4.58 -1.73 -1.18
H521 TOT C . 5.69 -2.06 2.21
H522 TOT C . 6.23 -2.54 0.60
H531 TOT C . 3.31 -2.48 1.13
H532 TOT C . 4.24 -3.46 -0.03
H541 TOT C . 5.37 -4.50 2.05
H542 TOT C . 4.09 -3.69 2.96
H561 TOT C . 2.03 -4.30 0.56
H562 TOT C . 1.75 -4.17 2.30
H581 TOT C . 4.52 -6.36 3.28
H582 TOT C . 2.97 -7.10 2.88
H583 TOT C . 3.03 -5.61 3.85
H591 TOT C . 5.01 -6.37 0.78
H592 TOT C . 3.84 -5.62 -0.30
H593 TOT C . 3.43 -7.09 0.58
C1 TOT C . -3.88 5.22 4.26
C2 TOT C . -4.13 6.59 4.37
C3 TOT C . -4.48 7.32 3.23
C4 TOT C . -4.55 6.66 1.98
N5 TOT C . -4.38 4.51 0.70
C6 TOT C . -4.45 5.08 -0.66
C7 TOT C . -4.33 3.20 1.05
C8 TOT C . -4.57 2.14 0.04
S9 TOT C . -4.00 2.90 2.63
C10 TOT C . -4.04 4.55 3.02
C11 TOT C . -4.35 5.27 1.87
C12 TOT C . -4.70 -1.54 -0.87
C13 TOT C . -4.99 -2.39 -1.97
C14 TOT C . -5.44 -1.82 -3.17
C15 TOT C . -5.27 -0.46 -3.40
C16 TOT C . -4.91 0.39 -2.35
C17 TOT C . -4.75 -0.12 -1.03
C18 TOT C . -4.65 0.72 0.12
C19 TOT C . -4.65 0.08 1.37
C20 TOT C . -4.43 -1.28 1.47
N21 TOT C . -4.40 -2.08 0.38
C22 TOT C . -4.08 -3.46 0.76
C23 TOT C . -2.92 -4.25 0.17
C24 TOT C . -2.64 -5.48 1.07
N25 TOT C . -1.34 -6.16 0.87
C26 TOT C . -0.23 -5.18 1.06
C27 TOT C . 1.15 -5.80 1.36
C28 TOT C . -1.30 -6.76 -0.49
C29 TOT C . -1.27 -7.26 1.86
C31 TOT C . 3.57 3.36 -6.83
C32 TOT C . 3.46 4.51 -7.64
C33 TOT C . 3.58 5.78 -7.06
C34 TOT C . 3.78 5.89 -5.68
N35 TOT C . 4.09 4.72 -3.47
C36 TOT C . 3.96 5.90 -2.59
C37 TOT C . 4.37 3.44 -3.09
C38 TOT C . 4.71 3.13 -1.70
S39 TOT C . 4.28 2.32 -4.30
C40 TOT C . 3.88 3.49 -5.46
C41 TOT C . 3.93 4.75 -4.86
C42 TOT C . 5.74 0.71 1.00
C43 TOT C . 6.50 0.70 2.18
C44 TOT C . 6.64 1.86 2.95
C45 TOT C . 6.10 3.06 2.47
C46 TOT C . 5.55 3.12 1.17
C47 TOT C . 5.40 1.94 0.38
C48 TOT C . 4.91 1.93 -0.97
C49 TOT C . 4.63 0.67 -1.54
C50 TOT C . 4.84 -0.52 -0.83
N51 TOT C . 5.36 -0.49 0.42
C52 TOT C . 5.48 -1.81 1.09
C53 TOT C . 4.32 -2.78 0.91
C54 TOT C . 4.44 -3.89 1.96
N55 TOT C . 3.58 -5.09 1.74
C56 TOT C . 2.18 -4.66 1.47
C58 TOT C . 3.66 -5.90 2.99
C59 TOT C . 4.12 -5.90 0.62
H1 TOT C . -3.55 4.68 5.15
H2 TOT C . -4.06 7.07 5.33
H3 TOT C . -4.68 8.37 3.30
H4 TOT C . -4.79 7.26 1.11
H61 TOT C . -5.48 5.07 -1.01
H62 TOT C . -3.82 4.50 -1.35
H63 TOT C . -4.06 6.09 -0.67
H8 TOT C . -4.72 2.55 -0.93
H13 TOT C . -4.96 -3.47 -1.98
H14 TOT C . -5.95 -2.44 -3.88
H15 TOT C . -5.41 -0.11 -4.42
H16 TOT C . -4.79 1.43 -2.61
H19 TOT C . -4.84 0.55 2.31
H20 TOT C . -4.35 -1.80 2.40
H221 TOT C . -3.98 -3.61 1.83
H222 TOT C . -5.05 -3.79 0.58
H231 TOT C . -2.06 -3.59 0.13
H232 TOT C . -3.20 -4.58 -0.83
H241 TOT C . -3.47 -6.17 0.94
H242 TOT C . -2.67 -5.15 2.11
H261 TOT C . -0.12 -4.58 0.16
H262 TOT C . -0.48 -4.52 1.89
H271 TOT C . 1.10 -6.32 2.32
H272 TOT C . 1.42 -6.49 0.57
H281 TOT C . -1.44 -6.00 -1.24
H282 TOT C . -0.34 -7.26 -0.67
H283 TOT C . -2.08 -7.51 -0.60
H291 TOT C . -0.41 -7.91 1.68
H292 TOT C . -1.21 -6.86 2.88
H293 TOT C . -2.15 -7.89 1.81
H31 TOT C . 3.42 2.40 -7.29
H32 TOT C . 3.28 4.41 -8.70
H33 TOT C . 3.52 6.66 -7.67
H34 TOT C . 3.82 6.88 -5.24
H361 TOT C . 3.36 6.67 -3.07
H362 TOT C . 3.45 5.64 -1.67
H363 TOT C . 4.95 6.32 -2.37
H38 TOT C . 4.84 4.03 -1.14
H43 TOT C . 7.04 -0.18 2.50
H44 TOT C . 7.17 1.81 3.87
H45 TOT C . 6.11 3.91 3.12
H46 TOT C . 5.24 4.09 0.84
H49 TOT C . 4.23 0.54 -2.53
H50 TOT C . 4.63 -1.49 -1.25
H521 TOT C . 5.72 -1.74 2.16
H522 TOT C . 6.29 -2.22 0.55
H531 TOT C . 3.37 -2.27 1.05
H532 TOT C . 4.36 -3.23 -0.08
H541 TOT C . 5.48 -4.21 2.02
H542 TOT C . 4.18 -3.42 2.91
H561 TOT C . 2.15 -4.12 0.53
H562 TOT C . 1.86 -3.98 2.26
H581 TOT C . 3.17 -6.87 2.86
H582 TOT C . 3.19 -5.37 3.82
H583 TOT C . 4.71 -6.08 3.26
H591 TOT C . 5.18 -6.09 0.76
H592 TOT C . 3.99 -5.40 -0.34
H593 TOT C . 3.62 -6.88 0.56
C1 TOT C . -3.78 5.37 4.19
C2 TOT C . -4.01 6.74 4.32
C3 TOT C . -4.37 7.48 3.18
C4 TOT C . -4.46 6.85 1.94
N5 TOT C . -4.31 4.70 0.63
C6 TOT C . -4.39 5.28 -0.72
C7 TOT C . -4.27 3.39 0.96
C8 TOT C . -4.53 2.35 -0.05
S9 TOT C . -3.94 3.07 2.54
C10 TOT C . -3.96 4.72 2.95
C11 TOT C . -4.27 5.46 1.80
C12 TOT C . -4.65 -1.33 -1.03
C13 TOT C . -4.93 -2.14 -2.14
C14 TOT C . -5.31 -1.55 -3.35
C15 TOT C . -5.08 -0.19 -3.56
C16 TOT C . -4.74 0.63 -2.47
C17 TOT C . -4.65 0.09 -1.17
C18 TOT C . -4.60 0.92 0.00
C19 TOT C . -4.60 0.27 1.25
C20 TOT C . -4.40 -1.10 1.33
N21 TOT C . -4.38 -1.88 0.23
C22 TOT C . -4.11 -3.28 0.61
C23 TOT C . -2.96 -4.11 0.02
C24 TOT C . -2.75 -5.35 0.93
N25 TOT C . -1.46 -6.08 0.74
C26 TOT C . -0.33 -5.13 0.94
C27 TOT C . 1.03 -5.79 1.28
C28 TOT C . -1.43 -6.69 -0.60
C29 TOT C . -1.44 -7.17 1.75
C31 TOT C . 3.75 3.30 -6.90
C32 TOT C . 3.65 4.44 -7.70
C33 TOT C . 3.76 5.71 -7.12
C34 TOT C . 3.94 5.83 -5.72
N35 TOT C . 4.22 4.64 -3.53
C36 TOT C . 4.08 5.82 -2.64
C37 TOT C . 4.48 3.36 -3.14
C38 TOT C . 4.79 3.05 -1.74
S39 TOT C . 4.43 2.25 -4.36
C40 TOT C . 4.04 3.42 -5.51
C41 TOT C . 4.09 4.68 -4.90
C42 TOT C . 5.76 0.61 0.96
C43 TOT C . 6.50 0.60 2.16
C44 TOT C . 6.63 1.75 2.93
C45 TOT C . 6.12 2.96 2.44
C46 TOT C . 5.59 3.02 1.13
C47 TOT C . 5.44 1.85 0.35
C48 TOT C . 4.98 1.85 -1.01
C49 TOT C . 4.69 0.59 -1.59
C50 TOT C . 4.87 -0.61 -0.89
N51 TOT C . 5.37 -0.59 0.39
C52 TOT C . 5.47 -1.90 1.06
C53 TOT C . 4.29 -2.86 0.85
C54 TOT C . 4.36 -3.97 1.91
N55 TOT C . 3.47 -5.14 1.68
C56 TOT C . 2.09 -4.68 1.38
C58 TOT C . 3.51 -5.95 2.93
C59 TOT C . 4.01 -5.97 0.57
H1 TOT C . -3.47 4.82 5.06
H2 TOT C . -3.94 7.21 5.28
H3 TOT C . -4.55 8.55 3.27
H4 TOT C . -4.69 7.46 1.07
H61 TOT C . -3.77 4.71 -1.42
H62 TOT C . -3.98 6.29 -0.72
H63 TOT C . -5.42 5.31 -1.07
H8 TOT C . -4.72 2.77 -1.01
H13 TOT C . -4.94 -3.23 -2.16
H14 TOT C . -5.81 -2.12 -4.09
H15 TOT C . -5.16 0.17 -4.57
H16 TOT C . -4.56 1.67 -2.71
H19 TOT C . -4.80 0.73 2.19
H20 TOT C . -4.35 -1.62 2.25
H221 TOT C . -4.01 -3.43 1.68
H222 TOT C . -5.08 -3.59 0.43
H231 TOT C . -2.08 -3.48 0.01
H232 TOT C . -3.24 -4.43 -0.97
H241 TOT C . -3.59 -6.02 0.78
H242 TOT C . -2.77 -5.03 1.96
H261 TOT C . -0.19 -4.55 0.03
H262 TOT C . -0.56 -4.45 1.76
H271 TOT C . 0.96 -6.31 2.23
H272 TOT C . 1.30 -6.50 0.48
H281 TOT C . -0.48 -7.21 -0.79
H282 TOT C . -2.23 -7.42 -0.71
H283 TOT C . -1.55 -5.93 -1.37
H291 TOT C . -2.35 -7.77 1.68
H292 TOT C . -0.60 -7.85 1.57
H293 TOT C . -1.37 -6.76 2.76
H31 TOT C . 3.60 2.33 -7.35
H32 TOT C . 3.49 4.34 -8.76
H33 TOT C . 3.72 6.60 -7.72
H34 TOT C . 3.98 6.82 -5.30
H361 TOT C . 5.06 6.23 -2.38
H362 TOT C . 3.50 6.60 -3.12
H363 TOT C . 3.54 5.56 -1.73
H38 TOT C . 4.91 3.95 -1.18
H43 TOT C . 7.00 -0.29 2.49
H44 TOT C . 7.14 1.70 3.87
H45 TOT C . 6.13 3.81 3.10
H46 TOT C . 5.30 4.01 0.81
H49 TOT C . 4.31 0.46 -2.58
H50 TOT C . 4.66 -1.56 -1.30
H521 TOT C . 5.69 -1.85 2.12
H522 TOT C . 6.28 -2.33 0.53
H531 TOT C . 3.34 -2.33 0.96
H532 TOT C . 4.34 -3.31 -0.13
H541 TOT C . 5.40 -4.32 1.98
H542 TOT C . 4.10 -3.48 2.84
H561 TOT C . 2.09 -4.15 0.43
H562 TOT C . 1.78 -3.98 2.16
H581 TOT C . 3.01 -6.91 2.81
H582 TOT C . 3.04 -5.41 3.75
H583 TOT C . 4.55 -6.16 3.21
H591 TOT C . 3.91 -5.47 -0.39
H592 TOT C . 3.49 -6.93 0.51
H593 TOT C . 5.06 -6.20 0.73
C1 TOT C . -3.95 5.40 4.05
C2 TOT C . -4.23 6.77 4.15
C3 TOT C . -4.62 7.48 3.01
C4 TOT C . -4.70 6.82 1.77
N5 TOT C . -4.47 4.66 0.51
C6 TOT C . -4.58 5.22 -0.87
C7 TOT C . -4.38 3.35 0.85
C8 TOT C . -4.60 2.28 -0.14
S9 TOT C . -4.01 3.08 2.43
C10 TOT C . -4.11 4.72 2.82
C11 TOT C . -4.45 5.43 1.66
C12 TOT C . -4.60 -1.39 -1.09
C13 TOT C . -4.90 -2.23 -2.19
C14 TOT C . -5.35 -1.67 -3.38
C15 TOT C . -5.18 -0.30 -3.61
C16 TOT C . -4.85 0.55 -2.55
C17 TOT C . -4.69 0.02 -1.24
C18 TOT C . -4.61 0.86 -0.08
C19 TOT C . -4.55 0.22 1.17
C20 TOT C . -4.28 -1.14 1.25
N21 TOT C . -4.24 -1.92 0.14
C22 TOT C . -3.87 -3.31 0.52
C23 TOT C . -2.76 -4.14 -0.13
C24 TOT C . -2.51 -5.36 0.78
N25 TOT C . -1.23 -6.10 0.55
C26 TOT C . -0.08 -5.15 0.64
C27 TOT C . 1.26 -5.76 1.08
C28 TOT C . -1.26 -6.76 -0.77
C29 TOT C . -1.15 -7.16 1.59
C31 TOT C . 3.75 3.62 -6.81
C32 TOT C . 3.66 4.76 -7.61
C33 TOT C . 3.80 6.02 -7.01
C34 TOT C . 3.98 6.13 -5.63
N35 TOT C . 4.24 4.93 -3.44
C36 TOT C . 4.12 6.10 -2.54
C37 TOT C . 4.49 3.65 -3.05
C38 TOT C . 4.79 3.33 -1.65
S39 TOT C . 4.41 2.54 -4.28
C40 TOT C . 4.05 3.73 -5.43
C41 TOT C . 4.11 4.98 -4.82
C42 TOT C . 5.81 0.84 1.00
C43 TOT C . 6.57 0.81 2.19
C44 TOT C . 6.78 1.95 2.94
C45 TOT C . 6.29 3.17 2.47
C46 TOT C . 5.72 3.26 1.19
C47 TOT C . 5.50 2.09 0.40
C48 TOT C . 4.99 2.11 -0.93
C49 TOT C . 4.67 0.86 -1.52
C50 TOT C . 4.85 -0.33 -0.83
N51 TOT C . 5.39 -0.34 0.44
C52 TOT C . 5.48 -1.65 1.12
C53 TOT C . 4.21 -2.51 1.18
C54 TOT C . 4.62 -3.95 1.55
N55 TOT C . 3.49 -4.86 1.94
C56 TOT C . 2.35 -4.69 0.98
C58 TOT C . 3.07 -4.53 3.33
C59 TOT C . 4.02 -6.25 1.91
H1 TOT C . -3.61 4.87 4.93
H2 TOT C . -4.15 7.26 5.10
H3 TOT C . -4.86 8.53 3.08
H4 TOT C . -4.97 7.40 0.90
H61 TOT C . -4.22 6.25 -0.88
H62 TOT C . -5.62 5.19 -1.19
H63 TOT C . -3.95 4.66 -1.55
H8 TOT C . -4.83 2.70 -1.12
H13 TOT C . -4.87 -3.31 -2.20
H14 TOT C . -5.87 -2.28 -4.10
H15 TOT C . -5.33 0.06 -4.62
H16 TOT C . -4.72 1.59 -2.81
H19 TOT C . -4.72 0.68 2.11
H20 TOT C . -4.16 -1.64 2.18
H221 TOT C . -3.61 -3.39 1.58
H222 TOT C . -4.84 -3.69 0.48
H231 TOT C . -1.88 -3.51 -0.19
H232 TOT C . -3.10 -4.47 -1.10
H241 TOT C . -3.36 -6.04 0.69
H242 TOT C . -2.47 -5.05 1.82
H261 TOT C . 0.06 -4.67 -0.32
H262 TOT C . -0.32 -4.39 1.38
H271 TOT C . 1.15 -6.10 2.11
H272 TOT C . 1.53 -6.61 0.44
H281 TOT C . -1.44 -6.03 -1.55
H282 TOT C . -0.30 -7.26 -0.98
H283 TOT C . -2.05 -7.51 -0.81
H291 TOT C . -2.06 -7.77 1.57
H292 TOT C . -0.31 -7.83 1.41
H293 TOT C . -1.06 -6.73 2.59
H31 TOT C . 3.59 2.66 -7.28
H32 TOT C . 3.49 4.67 -8.67
H33 TOT C . 3.77 6.92 -7.62
H34 TOT C . 4.04 7.11 -5.20
H361 TOT C . 5.11 6.46 -2.25
H362 TOT C . 3.60 6.92 -3.04
H363 TOT C . 3.54 5.85 -1.66
H38 TOT C . 4.89 4.22 -1.07
H43 TOT C . 7.06 -0.11 2.50
H44 TOT C . 7.33 1.88 3.87
H45 TOT C . 6.37 4.03 3.13
H46 TOT C . 5.47 4.25 0.87
H49 TOT C . 4.25 0.77 -2.51
H50 TOT C . 4.62 -1.28 -1.28
H521 TOT C . 5.84 -1.63 2.13
H522 TOT C . 6.21 -2.12 0.50
H531 TOT C . 3.56 -2.10 1.94
H532 TOT C . 3.69 -2.52 0.23
H541 TOT C . 5.18 -4.37 0.72
H542 TOT C . 5.32 -3.91 2.38
H561 TOT C . 2.73 -4.70 -0.04
H562 TOT C . 1.89 -3.72 1.17
H581 TOT C . 2.33 -5.24 3.70
H582 TOT C . 2.65 -3.53 3.39
H583 TOT C . 3.92 -4.58 4.01
H591 TOT C . 4.91 -6.32 2.52
H592 TOT C . 4.26 -6.53 0.88
H593 TOT C . 3.28 -6.95 2.30
C1 TOT C . -3.75 5.12 4.20
C2 TOT C . -3.96 6.50 4.30
C3 TOT C . -4.30 7.24 3.16
C4 TOT C . -4.39 6.58 1.91
N5 TOT C . -4.24 4.41 0.65
C6 TOT C . -4.29 4.97 -0.72
C7 TOT C . -4.22 3.10 0.99
C8 TOT C . -4.47 2.05 0.00
S9 TOT C . -3.90 2.81 2.58
C10 TOT C . -3.93 4.46 2.97
C11 TOT C . -4.20 5.18 1.81
C12 TOT C . -4.62 -1.63 -0.94
C13 TOT C . -4.90 -2.47 -2.03
C14 TOT C . -5.31 -1.89 -3.23
C15 TOT C . -5.09 -0.54 -3.47
C16 TOT C . -4.75 0.31 -2.41
C17 TOT C . -4.64 -0.21 -1.09
C18 TOT C . -4.56 0.63 0.07
C19 TOT C . -4.57 -0.01 1.32
C20 TOT C . -4.37 -1.38 1.42
N21 TOT C . -4.34 -2.17 0.32
C22 TOT C . -4.06 -3.56 0.72
C23 TOT C . -2.92 -4.39 0.13
C24 TOT C . -2.69 -5.62 1.04
N25 TOT C . -1.41 -6.35 0.86
C26 TOT C . -0.26 -5.40 1.06
C27 TOT C . 1.09 -6.06 1.38
C28 TOT C . -1.37 -6.97 -0.49
C29 TOT C . -1.37 -7.44 1.87
C31 TOT C . 3.77 3.07 -6.76
C32 TOT C . 3.60 4.21 -7.55
C33 TOT C . 3.68 5.47 -6.94
C34 TOT C . 3.85 5.58 -5.56
N35 TOT C . 4.17 4.38 -3.37
C36 TOT C . 4.00 5.54 -2.46
C37 TOT C . 4.46 3.11 -3.00
C38 TOT C . 4.76 2.77 -1.60
S39 TOT C . 4.46 2.00 -4.24
C40 TOT C . 4.05 3.18 -5.38
C41 TOT C . 4.03 4.43 -4.75
C42 TOT C . 5.85 0.31 1.04
C43 TOT C . 6.61 0.29 2.22
C44 TOT C . 6.77 1.43 2.99
C45 TOT C . 6.28 2.64 2.52
C46 TOT C . 5.74 2.73 1.22
C47 TOT C . 5.52 1.55 0.44
C48 TOT C . 5.00 1.56 -0.89
C49 TOT C . 4.73 0.31 -1.49
C50 TOT C . 4.91 -0.89 -0.80
N51 TOT C . 5.45 -0.88 0.47
C52 TOT C . 5.54 -2.20 1.13
C53 TOT C . 4.35 -3.14 0.94
C54 TOT C . 4.45 -4.27 1.98
N55 TOT C . 3.55 -5.43 1.77
C56 TOT C . 2.16 -4.95 1.48
C58 TOT C . 3.59 -6.24 3.01
C59 TOT C . 4.06 -6.26 0.64
H1 TOT C . -3.45 4.58 5.09
H2 TOT C . -3.87 7.00 5.26
H3 TOT C . -4.48 8.29 3.22
H4 TOT C . -4.61 7.17 1.05
H61 TOT C . -3.67 4.38 -1.40
H62 TOT C . -3.89 5.99 -0.73
H63 TOT C . -5.32 5.00 -1.08
H8 TOT C . -4.63 2.47 -0.98
H13 TOT C . -4.90 -3.54 -2.04
H14 TOT C . -5.82 -2.50 -3.96
H15 TOT C . -5.20 -0.18 -4.49
H16 TOT C . -4.59 1.35 -2.66
H19 TOT C . -4.76 0.46 2.25
H20 TOT C . -4.31 -1.88 2.34
H221 TOT C . -3.96 -3.70 1.79
H222 TOT C . -5.03 -3.88 0.54
H231 TOT C . -2.04 -3.75 0.11
H232 TOT C . -3.19 -4.72 -0.86
H241 TOT C . -3.54 -6.29 0.91
H242 TOT C . -2.71 -5.29 2.08
H261 TOT C . -0.13 -4.81 0.15
H262 TOT C . -0.49 -4.73 1.87
H271 TOT C . 1.02 -6.57 2.34
H272 TOT C . 1.36 -6.77 0.59
H281 TOT C . -2.18 -7.69 -0.59
H282 TOT C . -1.48 -6.20 -1.24
H283 TOT C . -0.42 -7.49 -0.66
H291 TOT C . -1.30 -7.03 2.88
H292 TOT C . -2.28 -8.04 1.81
H293 TOT C . -0.53 -8.11 1.70
H31 TOT C . 3.66 2.10 -7.23
H32 TOT C . 3.43 4.11 -8.61
H33 TOT C . 3.60 6.36 -7.55
H34 TOT C . 3.86 6.56 -5.12
H361 TOT C . 4.97 5.90 -2.13
H362 TOT C . 3.48 6.36 -2.96
H363 TOT C . 3.39 5.26 -1.60
H38 TOT C . 4.79 3.66 -1.00
H43 TOT C . 7.12 -0.61 2.54
H44 TOT C . 7.31 1.35 3.93
H45 TOT C . 6.33 3.49 3.17
H46 TOT C . 5.50 3.72 0.89
H49 TOT C . 4.33 0.20 -2.48
H50 TOT C . 4.69 -1.85 -1.22
H521 TOT C . 5.77 -2.14 2.18
H522 TOT C . 6.34 -2.63 0.58
H531 TOT C . 3.42 -2.60 1.09
H532 TOT C . 4.37 -3.58 -0.05
H541 TOT C . 5.48 -4.60 2.04
H542 TOT C . 4.21 -3.79 2.93
H561 TOT C . 2.14 -4.42 0.53
H562 TOT C . 1.86 -4.26 2.27
H581 TOT C . 3.08 -7.19 2.89
H582 TOT C . 3.14 -5.70 3.83
H583 TOT C . 4.63 -6.46 3.28
H591 TOT C . 3.95 -5.74 -0.32
H592 TOT C . 3.53 -7.21 0.58
H593 TOT C . 5.11 -6.49 0.78
C1 TOT C . -3.87 5.19 4.20
C2 TOT C . -4.11 6.56 4.29
C3 TOT C . -4.47 7.27 3.14
C4 TOT C . -4.55 6.62 1.90
N5 TOT C . -4.35 4.46 0.64
C6 TOT C . -4.42 5.00 -0.73
C7 TOT C . -4.29 3.14 0.99
C8 TOT C . -4.52 2.07 -0.01
S9 TOT C . -3.97 2.87 2.59
C10 TOT C . -4.03 4.51 2.96
C11 TOT C . -4.33 5.22 1.79
C12 TOT C . -4.59 -1.61 -0.92
C13 TOT C . -4.88 -2.46 -2.02
C14 TOT C . -5.31 -1.89 -3.21
C15 TOT C . -5.13 -0.53 -3.46
C16 TOT C . -4.79 0.33 -2.40
C17 TOT C . -4.65 -0.19 -1.08
C18 TOT C . -4.57 0.65 0.07
C19 TOT C . -4.55 0.02 1.33
C20 TOT C . -4.32 -1.34 1.42
N21 TOT C . -4.29 -2.14 0.33
C22 TOT C . -3.98 -3.52 0.73
C23 TOT C . -2.82 -4.31 0.14
C24 TOT C . -2.55 -5.54 1.05
N25 TOT C . -1.25 -6.23 0.86
C26 TOT C . -0.13 -5.25 1.04
C27 TOT C . 1.24 -5.86 1.36
C28 TOT C . -1.20 -6.85 -0.49
C29 TOT C . -1.18 -7.33 1.86
C31 TOT C . 3.66 3.28 -6.86
C32 TOT C . 3.53 4.42 -7.67
C33 TOT C . 3.64 5.69 -7.09
C34 TOT C . 3.83 5.82 -5.70
N35 TOT C . 4.14 4.65 -3.50
C36 TOT C . 4.00 5.84 -2.62
C37 TOT C . 4.42 3.38 -3.11
C38 TOT C . 4.76 3.08 -1.72
S39 TOT C . 4.37 2.25 -4.32
C40 TOT C . 3.96 3.41 -5.49
C41 TOT C . 4.00 4.68 -4.88
C42 TOT C . 5.81 0.67 0.99
C43 TOT C . 6.55 0.68 2.18
C44 TOT C . 6.68 1.84 2.94
C45 TOT C . 6.12 3.02 2.46
C46 TOT C . 5.58 3.08 1.16
C47 TOT C . 5.45 1.90 0.38
C48 TOT C . 4.97 1.87 -0.97
C49 TOT C . 4.71 0.61 -1.55
C50 TOT C . 4.91 -0.57 -0.84
N51 TOT C . 5.42 -0.53 0.43
C52 TOT C . 5.56 -1.84 1.10
C53 TOT C . 4.39 -2.84 0.92
C54 TOT C . 4.52 -3.94 1.97
N55 TOT C . 3.67 -5.15 1.75
C56 TOT C . 2.26 -4.72 1.46
C58 TOT C . 3.74 -5.95 3.00
C59 TOT C . 4.22 -5.96 0.64
H1 TOT C . -3.55 4.66 5.08
H2 TOT C . -4.04 7.07 5.24
H3 TOT C . -4.70 8.34 3.20
H4 TOT C . -4.79 7.20 1.03
H61 TOT C . -4.05 6.03 -0.75
H62 TOT C . -5.45 4.98 -1.08
H63 TOT C . -3.78 4.43 -1.40
H8 TOT C . -4.68 2.49 -0.98
H13 TOT C . -4.85 -3.53 -2.02
H14 TOT C . -5.82 -2.51 -3.93
H15 TOT C . -5.26 -0.18 -4.47
H16 TOT C . -4.66 1.36 -2.66
H19 TOT C . -4.74 0.49 2.27
H20 TOT C . -4.24 -1.85 2.36
H221 TOT C . -3.88 -3.67 1.80
H222 TOT C . -4.95 -3.86 0.56
H231 TOT C . -1.96 -3.66 0.10
H232 TOT C . -3.09 -4.66 -0.85
H241 TOT C . -3.38 -6.24 0.92
H242 TOT C . -2.57 -5.21 2.09
H261 TOT C . -0.03 -4.66 0.14
H262 TOT C . -0.38 -4.58 1.87
H271 TOT C . 1.19 -6.38 2.32
H272 TOT C . 1.52 -6.56 0.58
H281 TOT C . -1.99 -7.59 -0.59
H282 TOT C . -1.34 -6.09 -1.25
H283 TOT C . -0.25 -7.34 -0.67
H291 TOT C . -2.07 -7.95 1.81
H292 TOT C . -0.31 -7.97 1.69
H293 TOT C . -1.11 -6.91 2.87
H31 TOT C . 3.51 2.31 -7.31
H32 TOT C . 3.36 4.31 -8.73
H33 TOT C . 3.57 6.58 -7.71
H34 TOT C . 3.86 6.81 -5.28
H361 TOT C . 3.39 6.60 -3.10
H362 TOT C . 3.48 5.57 -1.70
H363 TOT C . 4.97 6.25 -2.38
H38 TOT C . 4.88 3.98 -1.15
H43 TOT C . 7.08 -0.20 2.50
H44 TOT C . 7.20 1.80 3.88
H45 TOT C . 6.15 3.88 3.11
H46 TOT C . 5.27 4.06 0.82
H49 TOT C . 4.31 0.47 -2.54
H50 TOT C . 4.72 -1.54 -1.26
H521 TOT C . 5.78 -1.78 2.16
H522 TOT C . 6.38 -2.26 0.58
H531 TOT C . 3.44 -2.32 1.04
H532 TOT C . 4.44 -3.28 -0.07
H541 TOT C . 5.57 -4.25 2.03
H542 TOT C . 4.25 -3.46 2.91
H561 TOT C . 2.23 -4.18 0.52
H562 TOT C . 1.94 -4.03 2.25
H581 TOT C . 3.26 -5.42 3.82
H582 TOT C . 4.78 -6.13 3.27
H583 TOT C . 3.27 -6.92 2.87
H591 TOT C . 3.72 -6.93 0.57
H592 TOT C . 5.29 -6.14 0.78
H593 TOT C . 4.08 -5.45 -0.32
C1 TOT C . -4.05 5.38 3.87
C2 TOT C . -4.33 6.75 3.91
C3 TOT C . -4.69 7.41 2.74
C4 TOT C . -4.75 6.70 1.53
N5 TOT C . -4.48 4.50 0.34
C6 TOT C . -4.63 4.99 -1.04
C7 TOT C . -4.34 3.20 0.74
C8 TOT C . -4.46 2.11 -0.24
S9 TOT C . -4.04 2.99 2.34
C10 TOT C . -4.17 4.65 2.67
C11 TOT C . -4.48 5.31 1.47
C12 TOT C . -4.42 -1.58 -1.20
C13 TOT C . -4.77 -2.43 -2.27
C14 TOT C . -5.42 -1.92 -3.38
C15 TOT C . -5.52 -0.54 -3.57
C16 TOT C . -5.12 0.33 -2.54
C17 TOT C . -4.65 -0.17 -1.30
C18 TOT C . -4.43 0.67 -0.16
C19 TOT C . -4.16 0.04 1.06
C20 TOT C . -3.83 -1.31 1.09
N21 TOT C . -3.88 -2.10 -0.02
C22 TOT C . -3.36 -3.46 0.29
C23 TOT C . -2.47 -4.37 -0.56
C24 TOT C . -2.31 -5.68 0.25
N25 TOT C . -1.30 -6.66 -0.25
C26 TOT C . 0.07 -6.08 -0.39
C27 TOT C . 0.66 -5.52 0.92
C28 TOT C . -1.74 -7.23 -1.55
C29 TOT C . -1.27 -7.81 0.70
C31 TOT C . 4.06 3.66 -6.88
C32 TOT C . 4.03 4.81 -7.67
C33 TOT C . 4.21 6.07 -7.07
C34 TOT C . 4.35 6.16 -5.68
N35 TOT C . 4.50 4.94 -3.48
C36 TOT C . 4.40 6.12 -2.58
C37 TOT C . 4.68 3.65 -3.11
C38 TOT C . 4.92 3.30 -1.70
S39 TOT C . 4.61 2.55 -4.34
C40 TOT C . 4.32 3.75 -5.49
C41 TOT C . 4.40 5.00 -4.87
C42 TOT C . 5.82 0.78 0.95
C43 TOT C . 6.58 0.69 2.14
C44 TOT C . 6.90 1.83 2.87
C45 TOT C . 6.52 3.08 2.37
C46 TOT C . 5.99 3.20 1.09
C47 TOT C . 5.63 2.04 0.33
C48 TOT C . 5.09 2.08 -0.99
C49 TOT C . 4.71 0.85 -1.59
C50 TOT C . 4.78 -0.35 -0.87
N51 TOT C . 5.28 -0.37 0.40
C52 TOT C . 5.22 -1.68 1.10
C53 TOT C . 3.85 -2.38 1.12
C54 TOT C . 4.04 -3.81 1.66
N55 TOT C . 2.79 -4.56 1.97
C56 TOT C . 2.06 -4.92 0.71
C58 TOT C . 1.91 -3.77 2.88
C59 TOT C . 3.20 -5.79 2.69
H1 TOT C . -3.75 4.89 4.79
H2 TOT C . -4.26 7.28 4.84
H3 TOT C . -4.92 8.46 2.76
H4 TOT C . -5.01 7.25 0.64
H61 TOT C . -3.92 4.49 -1.70
H62 TOT C . -4.41 6.06 -1.09
H63 TOT C . -5.65 4.81 -1.39
H8 TOT C . -4.62 2.49 -1.22
H13 TOT C . -4.63 -3.49 -2.36
H14 TOT C . -5.85 -2.66 -4.04
H15 TOT C . -5.91 -0.15 -4.49
H16 TOT C . -5.21 1.38 -2.78
H19 TOT C . -4.20 0.52 2.01
H20 TOT C . -3.56 -1.80 2.02
H221 TOT C . -2.78 -3.43 1.21
H222 TOT C . -4.30 -3.87 0.54
H231 TOT C . -1.51 -3.86 -0.67
H232 TOT C . -2.92 -4.58 -1.52
H241 TOT C . -3.27 -6.17 0.30
H242 TOT C . -2.05 -5.44 1.28
H261 TOT C . 0.75 -6.85 -0.75
H262 TOT C . 0.07 -5.29 -1.15
H271 TOT C . 0.02 -4.75 1.31
H272 TOT C . 0.74 -6.33 1.63
H281 TOT C . -0.98 -7.90 -1.96
H282 TOT C . -2.67 -7.79 -1.44
H283 TOT C . -1.92 -6.45 -2.28
H291 TOT C . -1.08 -7.48 1.72
H292 TOT C . -2.23 -8.33 0.71
H293 TOT C . -0.49 -8.53 0.42
H31 TOT C . 3.89 2.70 -7.35
H32 TOT C . 3.88 4.73 -8.74
H33 TOT C . 4.23 6.96 -7.68
H34 TOT C . 4.42 7.15 -5.25
H361 TOT C . 3.71 5.89 -1.77
H362 TOT C . 5.39 6.36 -2.18
H363 TOT C . 4.01 6.99 -3.10
H38 TOT C . 4.97 4.18 -1.09
H43 TOT C . 6.97 -0.25 2.48
H44 TOT C . 7.45 1.70 3.79
H45 TOT C . 6.68 3.93 3.01
H46 TOT C . 5.86 4.20 0.72
H49 TOT C . 4.34 0.76 -2.59
H50 TOT C . 4.47 -1.29 -1.30
H521 TOT C . 5.55 -1.66 2.13
H522 TOT C . 5.91 -2.24 0.53
H531 TOT C . 3.21 -1.81 1.78
H532 TOT C . 3.40 -2.42 0.14
H541 TOT C . 4.68 -4.38 1.00
H542 TOT C . 4.59 -3.70 2.60
H561 TOT C . 2.67 -5.61 0.13
H562 TOT C . 1.92 -4.02 0.09
H581 TOT C . 1.14 -4.40 3.32
H582 TOT C . 1.42 -2.96 2.35
H583 TOT C . 2.50 -3.35 3.70
H591 TOT C . 3.83 -6.42 2.04
H592 TOT C . 2.36 -6.40 3.02
H593 TOT C . 3.78 -5.54 3.58
C1 TOT C . -3.87 5.20 4.17
C2 TOT C . -4.12 6.57 4.26
C3 TOT C . -4.49 7.28 3.12
C4 TOT C . -4.57 6.63 1.87
N5 TOT C . -4.36 4.47 0.62
C6 TOT C . -4.44 5.01 -0.76
C7 TOT C . -4.30 3.14 0.96
C8 TOT C . -4.52 2.08 -0.03
S9 TOT C . -3.97 2.87 2.56
C10 TOT C . -4.04 4.52 2.94
C11 TOT C . -4.34 5.23 1.77
C12 TOT C . -4.59 -1.60 -0.94
C13 TOT C . -4.87 -2.45 -2.04
C14 TOT C . -5.31 -1.89 -3.23
C15 TOT C . -5.13 -0.53 -3.48
C16 TOT C . -4.79 0.33 -2.42
C17 TOT C . -4.65 -0.18 -1.11
C18 TOT C . -4.57 0.66 0.05
C19 TOT C . -4.56 0.03 1.30
C20 TOT C . -4.33 -1.33 1.40
N21 TOT C . -4.30 -2.13 0.32
C22 TOT C . -3.98 -3.52 0.71
C23 TOT C . -2.82 -4.31 0.12
C24 TOT C . -2.56 -5.54 1.03
N25 TOT C . -1.25 -6.22 0.84
C26 TOT C . -0.14 -5.25 1.03
C27 TOT C . 1.23 -5.86 1.36
C28 TOT C . -1.20 -6.84 -0.50
C29 TOT C . -1.19 -7.32 1.85
C31 TOT C . 3.68 3.26 -6.87
C32 TOT C . 3.56 4.40 -7.68
C33 TOT C . 3.66 5.67 -7.11
C34 TOT C . 3.84 5.80 -5.72
N35 TOT C . 4.15 4.63 -3.51
C36 TOT C . 4.00 5.82 -2.63
C37 TOT C . 4.43 3.36 -3.12
C38 TOT C . 4.76 3.07 -1.73
S39 TOT C . 4.38 2.23 -4.32
C40 TOT C . 3.98 3.39 -5.50
C41 TOT C . 4.01 4.66 -4.90
C42 TOT C . 5.81 0.66 0.99
C43 TOT C . 6.56 0.67 2.18
C44 TOT C . 6.68 1.84 2.94
C45 TOT C . 6.13 3.02 2.44
C46 TOT C . 5.59 3.07 1.14
C47 TOT C . 5.46 1.89 0.37
C48 TOT C . 4.98 1.87 -0.98
C49 TOT C . 4.71 0.60 -1.56
C50 TOT C . 4.92 -0.58 -0.84
N51 TOT C . 5.43 -0.54 0.43
C52 TOT C . 5.56 -1.85 1.10
C53 TOT C . 4.39 -2.85 0.92
C54 TOT C . 4.52 -3.95 1.97
N55 TOT C . 3.66 -5.15 1.75
C56 TOT C . 2.26 -4.72 1.46
C58 TOT C . 3.73 -5.95 3.00
C59 TOT C . 4.22 -5.97 0.64
H1 TOT C . -3.55 4.67 5.06
H2 TOT C . -4.04 7.08 5.22
H3 TOT C . -4.70 8.35 3.18
H4 TOT C . -4.81 7.21 1.00
H61 TOT C . -4.08 6.03 -0.77
H62 TOT C . -5.47 4.98 -1.11
H63 TOT C . -3.80 4.44 -1.43
H8 TOT C . -4.70 2.49 -1.00
H13 TOT C . -4.85 -3.53 -2.05
H14 TOT C . -5.81 -2.51 -3.95
H15 TOT C . -5.25 -0.17 -4.49
H16 TOT C . -4.65 1.36 -2.68
H19 TOT C . -4.75 0.50 2.24
H20 TOT C . -4.25 -1.84 2.34
H221 TOT C . -3.88 -3.66 1.78
H222 TOT C . -4.95 -3.85 0.53
H231 TOT C . -1.96 -3.66 0.09
H232 TOT C . -3.10 -4.65 -0.87
H241 TOT C . -3.38 -6.24 0.90
H242 TOT C . -2.58 -5.20 2.07
H261 TOT C . -0.03 -4.65 0.13
H262 TOT C . -0.39 -4.58 1.86
H271 TOT C . 1.17 -6.37 2.32
H272 TOT C . 1.52 -6.56 0.57
H281 TOT C . -0.25 -7.33 -0.68
H282 TOT C . -1.99 -7.58 -0.61
H283 TOT C . -1.35 -6.08 -1.26
H291 TOT C . -0.33 -7.96 1.67
H292 TOT C . -1.12 -6.90 2.86
H293 TOT C . -2.08 -7.94 1.79
H31 TOT C . 3.53 2.29 -7.32
H32 TOT C . 3.39 4.29 -8.74
H33 TOT C . 3.59 6.55 -7.73
H34 TOT C . 3.87 6.79 -5.30
H361 TOT C . 3.48 5.56 -1.72
H362 TOT C . 4.97 6.23 -2.39
H363 TOT C . 3.40 6.59 -3.12
H38 TOT C . 4.87 3.97 -1.16
H43 TOT C . 7.08 -0.20 2.50
H44 TOT C . 7.20 1.80 3.88
H45 TOT C . 6.14 3.88 3.10
H46 TOT C . 5.28 4.05 0.81
H49 TOT C . 4.32 0.46 -2.54
H50 TOT C . 4.72 -1.55 -1.26
H521 TOT C . 5.79 -1.79 2.16
H522 TOT C . 6.38 -2.28 0.57
H531 TOT C . 3.45 -2.33 1.04
H532 TOT C . 4.44 -3.29 -0.07
H541 TOT C . 5.56 -4.25 2.04
H542 TOT C . 4.25 -3.46 2.91
H561 TOT C . 2.24 -4.19 0.51
H562 TOT C . 1.93 -4.03 2.24
H581 TOT C . 3.25 -6.92 2.89
H582 TOT C . 3.25 -5.41 3.83
H583 TOT C . 4.77 -6.13 3.28
H591 TOT C . 4.08 -5.46 -0.32
H592 TOT C . 3.72 -6.93 0.58
H593 TOT C . 5.28 -6.15 0.79
C1 TOT C . -4.13 5.58 3.58
C2 TOT C . -4.46 6.94 3.66
C3 TOT C . -4.85 7.61 2.50
C4 TOT C . -4.94 6.93 1.28
N5 TOT C . -4.69 4.73 0.07
C6 TOT C . -4.89 5.23 -1.31
C7 TOT C . -4.52 3.42 0.45
C8 TOT C . -4.65 2.33 -0.53
S9 TOT C . -4.19 3.22 2.05
C10 TOT C . -4.30 4.87 2.37
C11 TOT C . -4.67 5.53 1.20
C12 TOT C . -4.50 -1.35 -1.49
C13 TOT C . -4.99 -2.20 -2.53
C14 TOT C . -5.60 -1.63 -3.65
C15 TOT C . -5.49 -0.26 -3.90
C16 TOT C . -5.01 0.58 -2.89
C17 TOT C . -4.65 0.07 -1.62
C18 TOT C . -4.43 0.91 -0.49
C19 TOT C . -3.99 0.30 0.70
C20 TOT C . -3.71 -1.06 0.73
N21 TOT C . -3.90 -1.88 -0.34
C22 TOT C . -3.42 -3.25 -0.01
C23 TOT C . -2.58 -4.21 -0.83
C24 TOT C . -2.35 -5.46 0.06
N25 TOT C . -1.24 -6.39 -0.33
C26 TOT C . 0.11 -5.76 -0.33
C27 TOT C . 0.59 -5.25 1.04
C28 TOT C . -1.48 -6.95 -1.68
C29 TOT C . -1.28 -7.54 0.62
C31 TOT C . 3.80 3.86 -6.71
C32 TOT C . 3.82 4.99 -7.53
C33 TOT C . 4.08 6.25 -6.97
C34 TOT C . 4.29 6.37 -5.59
N35 TOT C . 4.45 5.20 -3.37
C36 TOT C . 4.42 6.40 -2.49
C37 TOT C . 4.59 3.91 -2.96
C38 TOT C . 4.90 3.59 -1.57
S39 TOT C . 4.42 2.78 -4.17
C40 TOT C . 4.13 3.97 -5.34
C41 TOT C . 4.32 5.23 -4.75
C42 TOT C . 5.64 1.10 1.18
C43 TOT C . 6.37 1.05 2.38
C44 TOT C . 6.62 2.20 3.13
C45 TOT C . 6.19 3.42 2.63
C46 TOT C . 5.68 3.52 1.32
C47 TOT C . 5.43 2.35 0.54
C48 TOT C . 4.98 2.37 -0.82
C49 TOT C . 4.61 1.14 -1.40
C50 TOT C . 4.67 -0.06 -0.66
N51 TOT C . 5.15 -0.06 0.63
C52 TOT C . 5.09 -1.37 1.34
C53 TOT C . 3.74 -2.09 1.32
C54 TOT C . 3.91 -3.49 1.94
N55 TOT C . 2.64 -4.23 2.20
C56 TOT C . 1.98 -4.59 0.90
C58 TOT C . 1.73 -3.44 3.06
C59 TOT C . 3.04 -5.46 2.94
H1 TOT C . -3.74 5.11 4.47
H2 TOT C . -4.44 7.45 4.62
H3 TOT C . -5.09 8.67 2.54
H4 TOT C . -5.20 7.48 0.39
H61 TOT C . -4.61 6.28 -1.38
H62 TOT C . -5.93 5.11 -1.61
H63 TOT C . -4.24 4.70 -2.00
H8 TOT C . -4.98 2.71 -1.47
H13 TOT C . -4.99 -3.27 -2.54
H14 TOT C . -6.19 -2.25 -4.31
H15 TOT C . -5.77 0.10 -4.88
H16 TOT C . -4.94 1.62 -3.16
H19 TOT C . -3.82 0.79 1.63
H20 TOT C . -3.41 -1.53 1.65
H221 TOT C . -2.78 -3.19 0.86
H222 TOT C . -4.33 -3.65 0.34
H231 TOT C . -1.63 -3.71 -1.06
H232 TOT C . -3.10 -4.48 -1.74
H241 TOT C . -3.30 -5.99 0.08
H242 TOT C . -2.16 -5.15 1.08
H261 TOT C . 0.84 -6.50 -0.66
H262 TOT C . 0.14 -4.94 -1.04
H271 TOT C . -0.11 -4.52 1.44
H272 TOT C . 0.67 -6.10 1.72
H281 TOT C . -2.38 -7.56 -1.70
H282 TOT C . -1.59 -6.14 -2.39
H283 TOT C . -0.65 -7.58 -1.99
H291 TOT C . -0.45 -8.22 0.41
H292 TOT C . -1.22 -7.21 1.65
H293 TOT C . -2.21 -8.10 0.50
H31 TOT C . 3.52 2.92 -7.14
H32 TOT C . 3.64 4.90 -8.59
H33 TOT C . 4.13 7.13 -7.59
H34 TOT C . 4.43 7.35 -5.17
H361 TOT C . 3.86 6.19 -1.59
H362 TOT C . 5.44 6.70 -2.24
H363 TOT C . 3.93 7.23 -3.00
H38 TOT C . 5.10 4.47 -1.01
H43 TOT C . 6.80 0.13 2.72
H44 TOT C . 7.16 2.11 4.06
H45 TOT C . 6.27 4.27 3.30
H46 TOT C . 5.48 4.52 0.97
H49 TOT C . 4.27 1.03 -2.40
H50 TOT C . 4.38 -1.00 -1.09
H521 TOT C . 5.43 -1.33 2.36
H522 TOT C . 5.79 -1.95 0.76
H531 TOT C . 3.05 -1.51 1.93
H532 TOT C . 3.35 -2.18 0.31
H541 TOT C . 4.58 -4.08 1.32
H542 TOT C . 4.42 -3.32 2.89
H561 TOT C . 2.64 -5.26 0.35
H562 TOT C . 1.82 -3.70 0.31
H581 TOT C . 0.94 -4.06 3.47
H582 TOT C . 1.26 -2.63 2.50
H583 TOT C . 2.28 -3.01 3.90
H591 TOT C . 3.67 -6.10 2.32
H592 TOT C . 2.17 -6.05 3.26
H593 TOT C . 3.59 -5.20 3.84
C1 TOT C . -4.71 5.49 4.04
C2 TOT C . -4.98 6.87 4.12
C3 TOT C . -5.41 7.55 2.97
C4 TOT C . -5.49 6.87 1.74
N5 TOT C . -5.19 4.71 0.50
C6 TOT C . -5.33 5.23 -0.89
C7 TOT C . -5.02 3.41 0.86
C8 TOT C . -5.03 2.34 -0.14
S9 TOT C . -4.80 3.15 2.47
C10 TOT C . -4.88 4.81 2.83
C11 TOT C . -5.21 5.49 1.65
C12 TOT C . -4.99 -1.34 -1.01
C13 TOT C . -5.48 -2.22 -1.99
C14 TOT C . -5.89 -1.75 -3.23
C15 TOT C . -5.92 -0.37 -3.46
C16 TOT C . -5.65 0.52 -2.41
C17 TOT C . -5.15 0.06 -1.17
C18 TOT C . -4.79 0.93 -0.09
C19 TOT C . -4.16 0.35 1.04
C20 TOT C . -3.91 -1.01 1.10
N21 TOT C . -4.33 -1.86 0.10
C22 TOT C . -4.01 -3.30 0.33
C23 TOT C . -4.38 -3.86 1.72
C24 TOT C . -3.98 -5.33 1.85
N25 TOT C . -2.71 -5.63 2.57
C26 TOT C . -1.56 -4.91 1.96
C27 TOT C . -0.18 -5.46 2.37
C28 TOT C . -2.53 -7.11 2.49
C29 TOT C . -2.84 -5.28 4.02
C31 TOT C . 3.48 3.43 -6.65
C32 TOT C . 3.39 4.61 -7.40
C33 TOT C . 3.40 5.85 -6.74
C34 TOT C . 3.53 5.89 -5.34
N35 TOT C . 3.82 4.60 -3.20
C36 TOT C . 3.76 5.73 -2.24
C37 TOT C . 4.00 3.28 -2.87
C38 TOT C . 4.18 2.88 -1.47
S39 TOT C . 4.01 2.24 -4.14
C40 TOT C . 3.71 3.48 -5.26
C41 TOT C . 3.69 4.70 -4.57
C42 TOT C . 5.16 0.28 1.08
C43 TOT C . 5.92 0.18 2.26
C44 TOT C . 6.19 1.31 3.04
C45 TOT C . 5.80 2.57 2.57
C46 TOT C . 5.29 2.71 1.27
C47 TOT C . 4.95 1.56 0.50
C48 TOT C . 4.39 1.63 -0.82
C49 TOT C . 4.05 0.42 -1.46
C50 TOT C . 4.13 -0.80 -0.77
N51 TOT C . 4.65 -0.85 0.49
C52 TOT C . 4.64 -2.19 1.13
C53 TOT C . 3.34 -2.99 1.00
C54 TOT C . 3.38 -4.07 2.09
N55 TOT C . 2.33 -5.12 2.04
C56 TOT C . 0.96 -4.51 1.97
C58 TOT C . 2.49 -5.92 3.29
C59 TOT C . 2.56 -6.01 0.88
H1 TOT C . -4.36 4.98 4.92
H2 TOT C . -4.88 7.39 5.05
H3 TOT C . -5.68 8.59 3.02
H4 TOT C . -5.76 7.44 0.86
H61 TOT C . -6.33 5.03 -1.26
H62 TOT C . -4.59 4.76 -1.54
H63 TOT C . -5.15 6.30 -0.92
H8 TOT C . -5.27 2.72 -1.11
H13 TOT C . -5.57 -3.27 -1.77
H14 TOT C . -6.20 -2.43 -4.00
H15 TOT C . -6.16 -0.02 -4.46
H16 TOT C . -5.83 1.56 -2.64
H19 TOT C . -3.82 0.92 1.88
H20 TOT C . -3.36 -1.45 1.91
H221 TOT C . -4.37 -3.99 -0.42
H222 TOT C . -2.95 -3.24 0.17
H231 TOT C . -5.45 -3.82 1.80
H232 TOT C . -3.97 -3.30 2.54
H241 TOT C . -3.94 -5.79 0.86
H242 TOT C . -4.80 -5.79 2.40
H261 TOT C . -1.63 -5.01 0.87
H262 TOT C . -1.61 -3.86 2.21
H271 TOT C . -0.14 -5.60 3.44
H272 TOT C . -0.04 -6.42 1.87
H281 TOT C . -3.42 -7.63 2.83
H282 TOT C . -2.33 -7.40 1.45
H283 TOT C . -1.70 -7.45 3.11
H291 TOT C . -2.01 -5.67 4.60
H292 TOT C . -2.86 -4.20 4.18
H293 TOT C . -3.76 -5.71 4.43
H31 TOT C . 3.39 2.50 -7.17
H32 TOT C . 3.30 4.56 -8.48
H33 TOT C . 3.32 6.76 -7.31
H34 TOT C . 3.51 6.86 -4.87
H361 TOT C . 3.67 6.69 -2.74
H362 TOT C . 2.89 5.61 -1.59
H363 TOT C . 4.66 5.76 -1.63
H38 TOT C . 4.12 3.72 -0.81
H43 TOT C . 6.35 -0.75 2.59
H44 TOT C . 6.71 1.19 3.98
H45 TOT C . 5.92 3.42 3.23
H46 TOT C . 5.18 3.72 0.91
H49 TOT C . 3.69 0.35 -2.47
H50 TOT C . 3.82 -1.74 -1.21
H521 TOT C . 4.94 -2.17 2.17
H522 TOT C . 5.37 -2.71 0.56
H531 TOT C . 2.47 -2.36 1.17
H532 TOT C . 3.27 -3.45 0.01
H541 TOT C . 4.37 -4.55 2.06
H542 TOT C . 3.30 -3.51 3.03
H561 TOT C . 0.79 -4.14 0.96
H562 TOT C . 0.92 -3.65 2.65
H581 TOT C . 1.86 -6.81 3.28
H582 TOT C . 2.22 -5.32 4.16
H583 TOT C . 3.51 -6.24 3.41
H591 TOT C . 1.90 -6.88 0.90
H592 TOT C . 3.58 -6.39 0.89
H593 TOT C . 2.40 -5.49 -0.07
C1 TOT C . -4.98 6.02 3.79
C2 TOT C . -5.34 7.37 3.79
C3 TOT C . -5.82 7.95 2.60
C4 TOT C . -5.84 7.22 1.42
N5 TOT C . -5.41 5.00 0.30
C6 TOT C . -5.59 5.41 -1.12
C7 TOT C . -5.15 3.73 0.73
C8 TOT C . -5.09 2.61 -0.20
S9 TOT C . -4.92 3.59 2.37
C10 TOT C . -5.11 5.25 2.61
C11 TOT C . -5.47 5.84 1.39
C12 TOT C . -4.77 -1.11 -0.80
C13 TOT C . -5.21 -2.10 -1.70
C14 TOT C . -5.65 -1.76 -2.97
C15 TOT C . -5.80 -0.40 -3.31
C16 TOT C . -5.60 0.59 -2.33
C17 TOT C . -5.05 0.26 -1.05
C18 TOT C . -4.75 1.23 -0.06
C19 TOT C . -4.09 0.79 1.11
C20 TOT C . -3.69 -0.55 1.26
N21 TOT C . -4.07 -1.49 0.34
C22 TOT C . -3.63 -2.87 0.66
C23 TOT C . -3.67 -3.29 2.14
C24 TOT C . -3.60 -4.81 2.30
N25 TOT C . -2.80 -5.29 3.48
C26 TOT C . -1.36 -4.88 3.43
C27 TOT C . -0.65 -5.12 2.08
C28 TOT C . -2.90 -6.78 3.51
C29 TOT C . -3.40 -4.77 4.73
C31 TOT C . 3.54 4.00 -6.84
C32 TOT C . 3.60 5.22 -7.53
C33 TOT C . 3.81 6.41 -6.83
C34 TOT C . 3.92 6.38 -5.43
N35 TOT C . 3.98 4.98 -3.34
C36 TOT C . 3.96 6.08 -2.33
C37 TOT C . 4.06 3.66 -3.07
C38 TOT C . 4.22 3.18 -1.69
S39 TOT C . 3.95 2.66 -4.38
C40 TOT C . 3.77 3.97 -5.44
C41 TOT C . 3.90 5.16 -4.71
C42 TOT C . 4.87 0.43 0.82
C43 TOT C . 5.54 0.21 2.04
C44 TOT C . 5.88 1.28 2.86
C45 TOT C . 5.60 2.58 2.44
C46 TOT C . 5.15 2.81 1.12
C47 TOT C . 4.78 1.74 0.28
C48 TOT C . 4.32 1.89 -1.08
C49 TOT C . 3.96 0.73 -1.78
C50 TOT C . 3.94 -0.53 -1.16
N51 TOT C . 4.33 -0.66 0.14
C52 TOT C . 4.16 -2.00 0.75
C53 TOT C . 2.78 -2.67 0.58
C54 TOT C . 2.89 -4.17 0.92
N55 TOT C . 1.60 -4.93 0.90
C56 TOT C . 0.80 -4.61 2.11
C58 TOT C . 1.95 -6.38 0.91
C59 TOT C . 0.85 -4.65 -0.36
H1 TOT C . -4.61 5.57 4.71
H2 TOT C . -5.27 7.96 4.70
H3 TOT C . -6.17 8.98 2.60
H4 TOT C . -6.15 7.71 0.51
H61 TOT C . -4.78 5.00 -1.73
H62 TOT C . -5.56 6.50 -1.23
H63 TOT C . -6.55 5.06 -1.49
H8 TOT C . -5.34 2.91 -1.20
H13 TOT C . -5.22 -3.14 -1.43
H14 TOT C . -5.91 -2.53 -3.69
H15 TOT C . -6.06 -0.16 -4.33
H16 TOT C . -5.89 1.59 -2.61
H19 TOT C . -3.81 1.42 1.93
H20 TOT C . -3.08 -0.87 2.07
H221 TOT C . -4.07 -3.66 0.07
H222 TOT C . -2.60 -2.76 0.37
H231 TOT C . -4.60 -2.94 2.60
H232 TOT C . -2.84 -2.83 2.66
H241 TOT C . -3.19 -5.26 1.40
H242 TOT C . -4.62 -5.17 2.38
H261 TOT C . -1.25 -3.82 3.68
H262 TOT C . -0.81 -5.43 4.20
H271 TOT C . -0.68 -6.19 1.86
H272 TOT C . -1.18 -4.57 1.31
H281 TOT C . -3.92 -7.09 3.64
H282 TOT C . -2.53 -7.21 2.58
H283 TOT C . -2.31 -7.19 4.33
H291 TOT C . -4.46 -5.06 4.79
H292 TOT C . -2.88 -5.18 5.59
H293 TOT C . -3.35 -3.68 4.78
H31 TOT C . 3.33 3.10 -7.39
H32 TOT C . 3.49 5.22 -8.61
H33 TOT C . 3.88 7.34 -7.36
H34 TOT C . 4.04 7.32 -4.91
H361 TOT C . 3.72 7.04 -2.78
H362 TOT C . 3.20 5.88 -1.58
H363 TOT C . 4.94 6.16 -1.85
H38 TOT C . 4.28 4.00 -1.00
H43 TOT C . 5.85 -0.77 2.34
H44 TOT C . 6.37 1.07 3.80
H45 TOT C . 5.74 3.40 3.14
H46 TOT C . 5.10 3.85 0.83
H49 TOT C . 3.65 0.72 -2.81
H50 TOT C . 3.64 -1.42 -1.68
H521 TOT C . 4.38 -2.06 1.81
H522 TOT C . 4.90 -2.53 0.21
H531 TOT C . 2.08 -2.18 1.25
H532 TOT C . 2.42 -2.58 -0.44
H541 TOT C . 3.58 -4.64 0.22
H542 TOT C . 3.32 -4.26 1.91
H561 TOT C . 0.73 -3.52 2.25
H562 TOT C . 1.30 -5.01 3.00
H581 TOT C . 2.55 -6.63 0.04
H582 TOT C . 1.06 -7.01 0.88
H583 TOT C . 2.53 -6.62 1.80
H591 TOT C . 1.51 -4.73 -1.21
H592 TOT C . 0.41 -3.64 -0.33
H593 TOT C . 0.04 -5.37 -0.50
C1 TOT C . -4.84 5.50 4.04
C2 TOT C . -5.15 6.86 4.10
C3 TOT C . -5.57 7.53 2.95
C4 TOT C . -5.63 6.85 1.73
N5 TOT C . -5.28 4.67 0.50
C6 TOT C . -5.42 5.18 -0.89
C7 TOT C . -5.08 3.38 0.87
C8 TOT C . -5.06 2.30 -0.13
S9 TOT C . -4.87 3.14 2.49
C10 TOT C . -4.98 4.79 2.82
C11 TOT C . -5.32 5.46 1.64
C12 TOT C . -4.97 -1.39 -0.94
C13 TOT C . -5.45 -2.28 -1.91
C14 TOT C . -5.88 -1.83 -3.16
C15 TOT C . -5.94 -0.45 -3.40
C16 TOT C . -5.69 0.46 -2.36
C17 TOT C . -5.16 0.02 -1.12
C18 TOT C . -4.79 0.91 -0.06
C19 TOT C . -4.16 0.35 1.07
C20 TOT C . -3.89 -1.01 1.16
N21 TOT C . -4.30 -1.87 0.17
C22 TOT C . -3.95 -3.30 0.39
C23 TOT C . -4.32 -3.86 1.78
C24 TOT C . -3.86 -5.32 1.95
N25 TOT C . -2.57 -5.54 2.67
C26 TOT C . -1.46 -4.79 2.02
C27 TOT C . -0.05 -5.25 2.44
C28 TOT C . -2.32 -7.01 2.62
C29 TOT C . -2.71 -5.15 4.11
C31 TOT C . 3.27 3.65 -6.79
C32 TOT C . 3.27 4.81 -7.57
C33 TOT C . 3.49 6.05 -6.95
C34 TOT C . 3.68 6.11 -5.56
N35 TOT C . 3.86 4.86 -3.39
C36 TOT C . 3.83 6.03 -2.48
C37 TOT C . 4.02 3.55 -3.04
C38 TOT C . 4.33 3.18 -1.66
S39 TOT C . 3.84 2.47 -4.28
C40 TOT C . 3.57 3.71 -5.41
C41 TOT C . 3.72 4.94 -4.77
C42 TOT C . 5.12 0.66 1.03
C43 TOT C . 5.87 0.60 2.22
C44 TOT C . 6.08 1.74 2.98
C45 TOT C . 5.59 2.96 2.52
C46 TOT C . 5.05 3.07 1.23
C47 TOT C . 4.85 1.92 0.43
C48 TOT C . 4.41 1.96 -0.93
C49 TOT C . 4.04 0.72 -1.54
C50 TOT C . 4.13 -0.48 -0.82
N51 TOT C . 4.64 -0.50 0.45
C52 TOT C . 4.65 -1.83 1.11
C53 TOT C . 3.37 -2.68 0.99
C54 TOT C . 3.45 -3.73 2.09
N55 TOT C . 2.44 -4.82 2.07
C56 TOT C . 1.05 -4.26 2.01
C58 TOT C . 2.64 -5.60 3.31
C59 TOT C . 2.69 -5.71 0.90
H1 TOT C . -4.48 5.00 4.92
H2 TOT C . -5.06 7.40 5.04
H3 TOT C . -5.87 8.57 2.99
H4 TOT C . -5.91 7.40 0.85
H61 TOT C . -5.30 6.26 -0.94
H62 TOT C . -6.39 4.92 -1.29
H63 TOT C . -4.64 4.76 -1.53
H8 TOT C . -5.28 2.68 -1.11
H13 TOT C . -5.52 -3.32 -1.69
H14 TOT C . -6.17 -2.53 -3.93
H15 TOT C . -6.20 -0.13 -4.40
H16 TOT C . -5.91 1.48 -2.59
H19 TOT C . -3.83 0.93 1.90
H20 TOT C . -3.32 -1.43 1.97
H221 TOT C . -4.29 -4.01 -0.35
H222 TOT C . -2.91 -3.23 0.24
H231 TOT C . -5.40 -3.88 1.84
H232 TOT C . -3.96 -3.27 2.61
H241 TOT C . -3.81 -5.79 0.98
H242 TOT C . -4.66 -5.81 2.51
H261 TOT C . -1.53 -4.91 0.94
H262 TOT C . -1.56 -3.73 2.25
H271 TOT C . 0.01 -5.36 3.52
H272 TOT C . 0.14 -6.22 1.96
H281 TOT C . -3.18 -7.55 2.98
H282 TOT C . -2.13 -7.32 1.59
H283 TOT C . -1.47 -7.30 3.23
H291 TOT C . -2.77 -4.08 4.23
H292 TOT C . -3.60 -5.60 4.54
H293 TOT C . -1.85 -5.50 4.69
H31 TOT C . 3.02 2.71 -7.28
H32 TOT C . 3.11 4.75 -8.63
H33 TOT C . 3.51 6.96 -7.54
H34 TOT C . 3.80 7.08 -5.10
H361 TOT C . 3.30 5.78 -1.56
H362 TOT C . 4.84 6.36 -2.24
H363 TOT C . 3.29 6.85 -2.93
H38 TOT C . 4.55 4.05 -1.08
H43 TOT C . 6.34 -0.32 2.54
H44 TOT C . 6.63 1.66 3.91
H45 TOT C . 5.65 3.82 3.19
H46 TOT C . 4.77 4.07 0.92
H49 TOT C . 3.68 0.63 -2.54
H50 TOT C . 3.84 -1.43 -1.24
H521 TOT C . 4.94 -1.78 2.15
H522 TOT C . 5.39 -2.34 0.56
H531 TOT C . 2.48 -2.06 1.14
H532 TOT C . 3.32 -3.15 0.01
H541 TOT C . 4.45 -4.17 2.07
H542 TOT C . 3.35 -3.16 3.02
H561 TOT C . 0.84 -3.91 0.99
H562 TOT C . 0.98 -3.40 2.67
H581 TOT C . 2.35 -4.99 4.18
H582 TOT C . 3.69 -5.87 3.42
H583 TOT C . 2.05 -6.51 3.32
H591 TOT C . 2.06 -6.60 0.95
H592 TOT C . 3.73 -6.05 0.91
H593 TOT C . 2.50 -5.20 -0.04
C1 TOT C . -5.20 6.15 3.84
C2 TOT C . -5.62 7.49 3.85
C3 TOT C . -6.10 8.06 2.66
C4 TOT C . -6.09 7.33 1.47
N5 TOT C . -5.58 5.14 0.34
C6 TOT C . -5.76 5.55 -1.08
C7 TOT C . -5.28 3.88 0.77
C8 TOT C . -5.19 2.77 -0.16
S9 TOT C . -5.06 3.73 2.39
C10 TOT C . -5.30 5.39 2.65
C11 TOT C . -5.68 5.98 1.44
C12 TOT C . -4.88 -0.95 -0.76
C13 TOT C . -5.32 -1.94 -1.67
C14 TOT C . -5.82 -1.59 -2.92
C15 TOT C . -6.00 -0.24 -3.24
C16 TOT C . -5.79 0.75 -2.25
C17 TOT C . -5.18 0.42 -1.01
C18 TOT C . -4.86 1.38 -0.01
C19 TOT C . -4.18 0.94 1.14
C20 TOT C . -3.77 -0.39 1.27
N21 TOT C . -4.14 -1.33 0.36
C22 TOT C . -3.68 -2.70 0.66
C23 TOT C . -3.65 -3.14 2.13
C24 TOT C . -3.52 -4.66 2.28
N25 TOT C . -2.68 -5.12 3.43
C26 TOT C . -1.25 -4.65 3.34
C27 TOT C . -0.59 -4.87 1.97
C28 TOT C . -2.72 -6.60 3.46
C29 TOT C . -3.25 -4.62 4.71
C31 TOT C . 3.30 4.49 -6.98
C32 TOT C . 3.44 5.69 -7.69
C33 TOT C . 3.70 6.87 -6.99
C34 TOT C . 3.80 6.84 -5.59
N35 TOT C . 3.81 5.46 -3.50
C36 TOT C . 3.81 6.56 -2.49
C37 TOT C . 3.86 4.13 -3.22
C38 TOT C . 4.08 3.65 -1.84
S39 TOT C . 3.69 3.13 -4.53
C40 TOT C . 3.53 4.45 -5.60
C41 TOT C . 3.73 5.63 -4.87
C42 TOT C . 4.73 0.89 0.65
C43 TOT C . 5.42 0.67 1.86
C44 TOT C . 5.75 1.74 2.68
C45 TOT C . 5.43 3.04 2.29
C46 TOT C . 4.94 3.27 0.99
C47 TOT C . 4.61 2.20 0.12
C48 TOT C . 4.16 2.37 -1.23
C49 TOT C . 3.78 1.19 -1.94
C50 TOT C . 3.79 -0.06 -1.32
N51 TOT C . 4.20 -0.20 -0.03
C52 TOT C . 4.05 -1.55 0.57
C53 TOT C . 2.70 -2.26 0.40
C54 TOT C . 2.86 -3.76 0.69
N55 TOT C . 1.60 -4.57 0.70
C56 TOT C . 0.83 -4.30 1.96
C58 TOT C . 2.00 -6.00 0.66
C59 TOT C . 0.79 -4.28 -0.51
H1 TOT C . -4.81 5.72 4.75
H2 TOT C . -5.59 8.07 4.75
H3 TOT C . -6.50 9.08 2.66
H4 TOT C . -6.40 7.83 0.56
H61 TOT C . -6.68 5.14 -1.46
H62 TOT C . -4.92 5.20 -1.68
H63 TOT C . -5.79 6.64 -1.18
H8 TOT C . -5.40 3.06 -1.17
H13 TOT C . -5.31 -2.98 -1.41
H14 TOT C . -6.06 -2.36 -3.64
H15 TOT C . -6.29 0.01 -4.24
H16 TOT C . -6.12 1.73 -2.51
H19 TOT C . -3.91 1.57 1.97
H20 TOT C . -3.13 -0.70 2.07
H221 TOT C . -4.11 -3.50 0.08
H222 TOT C . -2.65 -2.56 0.33
H231 TOT C . -4.57 -2.82 2.63
H232 TOT C . -2.81 -2.65 2.63
H241 TOT C . -3.13 -5.09 1.37
H242 TOT C . -4.53 -5.04 2.40
H261 TOT C . -1.17 -3.60 3.59
H262 TOT C . -0.66 -5.19 4.09
H271 TOT C . -0.59 -5.93 1.73
H272 TOT C . -1.16 -4.33 1.21
H281 TOT C . -3.73 -6.94 3.66
H282 TOT C . -2.40 -7.03 2.51
H283 TOT C . -2.07 -6.99 4.24
H291 TOT C . -4.29 -4.94 4.81
H292 TOT C . -2.68 -5.02 5.55
H293 TOT C . -3.21 -3.53 4.76
H31 TOT C . 3.01 3.60 -7.53
H32 TOT C . 3.36 5.69 -8.76
H33 TOT C . 3.82 7.81 -7.52
H34 TOT C . 3.96 7.78 -5.07
H361 TOT C . 3.11 6.34 -1.69
H362 TOT C . 4.81 6.68 -2.08
H363 TOT C . 3.50 7.50 -2.94
H38 TOT C . 4.19 4.48 -1.18
H43 TOT C . 5.77 -0.31 2.13
H44 TOT C . 6.26 1.53 3.61
H45 TOT C . 5.55 3.84 3.00
H46 TOT C . 4.84 4.32 0.72
H49 TOT C . 3.46 1.19 -2.96
H50 TOT C . 3.50 -0.95 -1.86
H521 TOT C . 4.29 -1.61 1.62
H522 TOT C . 4.81 -2.05 0.02
H531 TOT C . 1.99 -1.80 1.10
H532 TOT C . 2.31 -2.15 -0.61
H541 TOT C . 3.54 -4.19 -0.04
H542 TOT C . 3.34 -3.88 1.67
H561 TOT C . 0.75 -3.23 2.11
H562 TOT C . 1.39 -4.71 2.80
H581 TOT C . 2.62 -6.25 1.52
H582 TOT C . 2.58 -6.20 -0.25
H583 TOT C . 1.14 -6.67 0.65
H591 TOT C . 1.43 -4.30 -1.40
H592 TOT C . 0.34 -3.28 -0.45
H593 TOT C . 0.01 -5.01 -0.65
C1 TOT C . -4.82 5.87 3.95
C2 TOT C . -5.17 7.22 4.09
C3 TOT C . -5.64 7.92 2.97
C4 TOT C . -5.73 7.30 1.73
N5 TOT C . -5.40 5.17 0.40
C6 TOT C . -5.61 5.73 -0.96
C7 TOT C . -5.17 3.87 0.71
C8 TOT C . -5.18 2.82 -0.32
S9 TOT C . -4.89 3.57 2.31
C10 TOT C . -5.01 5.21 2.71
C11 TOT C . -5.41 5.92 1.57
C12 TOT C . -5.00 -0.84 -1.24
C13 TOT C . -5.53 -1.75 -2.16
C14 TOT C . -6.09 -1.30 -3.37
C15 TOT C . -6.25 0.08 -3.57
C16 TOT C . -5.94 0.99 -2.53
C17 TOT C . -5.28 0.55 -1.36
C18 TOT C . -4.88 1.43 -0.31
C19 TOT C . -4.14 0.87 0.77
C20 TOT C . -3.78 -0.47 0.78
N21 TOT C . -4.21 -1.33 -0.21
C22 TOT C . -3.74 -2.73 -0.10
C23 TOT C . -3.92 -3.36 1.27
C24 TOT C . -3.73 -4.89 1.24
N25 TOT C . -2.35 -5.43 0.99
C26 TOT C . -1.30 -4.61 1.67
C27 TOT C . 0.10 -5.25 1.70
C28 TOT C . -2.09 -5.51 -0.47
C29 TOT C . -2.35 -6.81 1.52
C31 TOT C . 3.27 3.96 -6.41
C32 TOT C . 3.13 5.13 -7.14
C33 TOT C . 3.19 6.36 -6.46
C34 TOT C . 3.38 6.39 -5.07
N35 TOT C . 3.76 5.06 -2.96
C36 TOT C . 3.73 6.18 -1.98
C37 TOT C . 3.98 3.75 -2.66
C38 TOT C . 4.29 3.33 -1.29
S39 TOT C . 3.89 2.72 -3.95
C40 TOT C . 3.53 3.98 -5.02
C41 TOT C . 3.57 5.19 -4.32
C42 TOT C . 5.32 0.74 1.26
C43 TOT C . 6.04 0.65 2.47
C44 TOT C . 6.28 1.78 3.26
C45 TOT C . 5.86 3.03 2.80
C46 TOT C . 5.36 3.16 1.48
C47 TOT C . 5.07 2.02 0.69
C48 TOT C . 4.57 2.08 -0.65
C49 TOT C . 4.31 0.86 -1.31
C50 TOT C . 4.39 -0.36 -0.63
N51 TOT C . 4.87 -0.41 0.65
C52 TOT C . 4.87 -1.75 1.28
C53 TOT C . 3.57 -2.55 1.12
C54 TOT C . 3.59 -3.66 2.19
N55 TOT C . 2.59 -4.75 2.01
C56 TOT C . 1.20 -4.21 1.95
C58 TOT C . 2.73 -5.64 3.20
C59 TOT C . 2.93 -5.55 0.80
H1 TOT C . -4.41 5.34 4.80
H2 TOT C . -5.08 7.70 5.05
H3 TOT C . -5.93 8.96 3.07
H4 TOT C . -6.05 7.88 0.88
H61 TOT C . -6.62 5.50 -1.31
H62 TOT C . -4.88 5.31 -1.65
H63 TOT C . -5.50 6.80 -0.96
H8 TOT C . -5.46 3.21 -1.28
H13 TOT C . -5.54 -2.80 -1.93
H14 TOT C . -6.41 -1.99 -4.12
H15 TOT C . -6.61 0.41 -4.53
H16 TOT C . -6.23 2.01 -2.72
H19 TOT C . -3.80 1.44 1.61
H20 TOT C . -3.14 -0.87 1.54
H221 TOT C . -4.06 -3.44 -0.85
H222 TOT C . -2.71 -2.55 -0.30
H231 TOT C . -4.95 -3.19 1.57
H232 TOT C . -3.27 -2.93 2.03
H241 TOT C . -4.41 -5.28 0.51
H242 TOT C . -4.08 -5.21 2.22
H261 TOT C . -1.21 -3.65 1.15
H262 TOT C . -1.59 -4.42 2.70
H271 TOT C . 0.11 -6.01 2.48
H272 TOT C . 0.31 -5.73 0.74
H281 TOT C . -1.94 -4.54 -0.92
H282 TOT C . -1.20 -6.11 -0.69
H283 TOT C . -2.92 -6.00 -0.98
H291 TOT C . -1.44 -7.35 1.26
H292 TOT C . -2.45 -6.81 2.61
H293 TOT C . -3.19 -7.38 1.11
H31 TOT C . 3.19 3.01 -6.93
H32 TOT C . 2.98 5.10 -8.21
H33 TOT C . 3.10 7.29 -7.01
H34 TOT C . 3.40 7.35 -4.58
H361 TOT C . 3.04 5.95 -1.17
H362 TOT C . 4.72 6.35 -1.59
H363 TOT C . 3.38 7.10 -2.44
H38 TOT C . 4.31 4.18 -0.64
H43 TOT C . 6.48 -0.28 2.80
H44 TOT C . 6.79 1.66 4.20
H45 TOT C . 5.93 3.87 3.45
H46 TOT C . 5.20 4.17 1.15
H49 TOT C . 4.05 0.78 -2.35
H50 TOT C . 4.11 -1.30 -1.08
H521 TOT C . 5.13 -1.73 2.33
H522 TOT C . 5.62 -2.27 0.73
H531 TOT C . 2.71 -1.92 1.29
H532 TOT C . 3.52 -2.98 0.12
H541 TOT C . 4.59 -4.08 2.21
H542 TOT C . 3.40 -3.14 3.12
H561 TOT C . 1.14 -3.49 1.13
H562 TOT C . 0.97 -3.68 2.87
H581 TOT C . 2.14 -6.55 3.11
H582 TOT C . 2.43 -5.11 4.10
H583 TOT C . 3.77 -5.94 3.33
H591 TOT C . 3.99 -5.77 0.77
H592 TOT C . 2.65 -5.01 -0.11
H593 TOT C . 2.40 -6.50 0.79
C1 TOT C . -4.70 5.49 4.04
C2 TOT C . -4.96 6.87 4.11
C3 TOT C . -5.38 7.54 2.97
C4 TOT C . -5.45 6.87 1.73
N5 TOT C . -5.16 4.69 0.50
C6 TOT C . -5.29 5.20 -0.88
C7 TOT C . -5.00 3.39 0.87
C8 TOT C . -5.01 2.32 -0.13
S9 TOT C . -4.79 3.14 2.48
C10 TOT C . -4.86 4.79 2.82
C11 TOT C . -5.18 5.48 1.65
C12 TOT C . -4.99 -1.37 -0.98
C13 TOT C . -5.49 -2.25 -1.96
C14 TOT C . -5.89 -1.77 -3.20
C15 TOT C . -5.92 -0.40 -3.43
C16 TOT C . -5.65 0.50 -2.38
C17 TOT C . -5.14 0.03 -1.14
C18 TOT C . -4.78 0.91 -0.07
C19 TOT C . -4.17 0.33 1.06
C20 TOT C . -3.91 -1.04 1.13
N21 TOT C . -4.34 -1.88 0.13
C22 TOT C . -4.03 -3.32 0.36
C23 TOT C . -4.39 -3.88 1.75
C24 TOT C . -3.98 -5.36 1.89
N25 TOT C . -2.71 -5.64 2.62
C26 TOT C . -1.57 -4.92 1.98
C27 TOT C . -0.18 -5.45 2.40
C28 TOT C . -2.52 -7.11 2.54
C29 TOT C . -2.84 -5.27 4.06
C31 TOT C . 3.45 3.46 -6.63
C32 TOT C . 3.35 4.64 -7.37
C33 TOT C . 3.39 5.87 -6.71
C34 TOT C . 3.53 5.92 -5.32
N35 TOT C . 3.81 4.61 -3.18
C36 TOT C . 3.76 5.75 -2.21
C37 TOT C . 4.00 3.30 -2.86
C38 TOT C . 4.18 2.89 -1.46
S39 TOT C . 4.00 2.26 -4.12
C40 TOT C . 3.68 3.51 -5.23
C41 TOT C . 3.69 4.73 -4.55
C42 TOT C . 5.17 0.29 1.10
C43 TOT C . 5.92 0.19 2.27
C44 TOT C . 6.19 1.31 3.05
C45 TOT C . 5.80 2.57 2.59
C46 TOT C . 5.30 2.71 1.29
C47 TOT C . 4.94 1.57 0.51
C48 TOT C . 4.39 1.64 -0.81
C49 TOT C . 4.05 0.43 -1.45
C50 TOT C . 4.12 -0.79 -0.76
N51 TOT C . 4.65 -0.84 0.50
C52 TOT C . 4.63 -2.18 1.13
C53 TOT C . 3.33 -2.98 1.02
C54 TOT C . 3.38 -4.06 2.10
N55 TOT C . 2.32 -5.11 2.05
C56 TOT C . 0.96 -4.50 1.99
C58 TOT C . 2.49 -5.91 3.29
C59 TOT C . 2.55 -6.00 0.89
H1 TOT C . -4.36 4.97 4.93
H2 TOT C . -4.86 7.39 5.05
H3 TOT C . -5.65 8.58 3.01
H4 TOT C . -5.72 7.43 0.86
H61 TOT C . -4.54 4.75 -1.53
H62 TOT C . -5.12 6.27 -0.92
H63 TOT C . -6.28 4.99 -1.28
H8 TOT C . -5.23 2.69 -1.10
H13 TOT C . -5.58 -3.30 -1.74
H14 TOT C . -6.20 -2.46 -3.97
H15 TOT C . -6.17 -0.05 -4.43
H16 TOT C . -5.86 1.53 -2.61
H19 TOT C . -3.83 0.90 1.90
H20 TOT C . -3.36 -1.47 1.95
H221 TOT C . -4.37 -4.02 -0.38
H222 TOT C . -2.97 -3.27 0.21
H231 TOT C . -5.47 -3.85 1.82
H232 TOT C . -4.00 -3.31 2.58
H241 TOT C . -3.95 -5.81 0.91
H242 TOT C . -4.81 -5.82 2.44
H261 TOT C . -1.63 -5.02 0.90
H262 TOT C . -1.62 -3.86 2.22
H271 TOT C . -0.14 -5.59 3.47
H272 TOT C . -0.03 -6.42 1.90
H281 TOT C . -1.68 -7.44 3.16
H282 TOT C . -3.41 -7.63 2.89
H283 TOT C . -2.34 -7.42 1.50
H291 TOT C . -2.86 -4.20 4.20
H292 TOT C . -3.76 -5.70 4.47
H293 TOT C . -2.01 -5.66 4.63
H31 TOT C . 3.34 2.52 -7.14
H32 TOT C . 3.26 4.60 -8.45
H33 TOT C . 3.31 6.79 -7.27
H34 TOT C . 3.52 6.89 -4.84
H361 TOT C . 2.91 5.61 -1.54
H362 TOT C . 4.68 5.79 -1.62
H363 TOT C . 3.65 6.70 -2.70
H38 TOT C . 4.14 3.74 -0.79
H43 TOT C . 6.36 -0.75 2.60
H44 TOT C . 6.72 1.18 3.99
H45 TOT C . 5.92 3.42 3.25
H46 TOT C . 5.18 3.73 0.94
H49 TOT C . 3.68 0.37 -2.45
H50 TOT C . 3.81 -1.72 -1.19
H521 TOT C . 4.93 -2.16 2.18
H522 TOT C . 5.35 -2.70 0.56
H531 TOT C . 2.46 -2.35 1.18
H532 TOT C . 3.26 -3.45 0.03
H541 TOT C . 4.36 -4.54 2.07
H542 TOT C . 3.29 -3.51 3.03
H561 TOT C . 0.77 -4.13 0.97
H562 TOT C . 0.91 -3.64 2.66
H581 TOT C . 1.87 -6.81 3.28
H582 TOT C . 2.22 -5.31 4.17
H583 TOT C . 3.52 -6.23 3.41
H591 TOT C . 1.89 -6.86 0.91
H592 TOT C . 3.58 -6.37 0.89
H593 TOT C . 2.38 -5.48 -0.05
C1 TOT C . -4.90 5.82 3.80
C2 TOT C . -5.18 7.19 3.77
C3 TOT C . -5.47 7.81 2.56
C4 TOT C . -5.47 7.07 1.37
N5 TOT C . -5.17 4.81 0.28
C6 TOT C . -5.27 5.22 -1.14
C7 TOT C . -5.01 3.53 0.73
C8 TOT C . -4.98 2.40 -0.19
S9 TOT C . -4.89 3.39 2.37
C10 TOT C . -4.99 5.06 2.61
C11 TOT C . -5.24 5.67 1.38
C12 TOT C . -4.78 -1.33 -0.78
C13 TOT C . -5.18 -2.30 -1.72
C14 TOT C . -5.53 -1.93 -3.02
C15 TOT C . -5.63 -0.59 -3.35
C16 TOT C . -5.48 0.40 -2.34
C17 TOT C . -4.99 0.05 -1.06
C18 TOT C . -4.71 1.01 -0.03
C19 TOT C . -4.12 0.54 1.16
C20 TOT C . -3.85 -0.82 1.36
N21 TOT C . -4.19 -1.75 0.40
C22 TOT C . -3.85 -3.17 0.72
C23 TOT C . -4.49 -3.67 2.03
C24 TOT C . -3.78 -4.89 2.62
N25 TOT C . -2.85 -4.63 3.76
C26 TOT C . -1.64 -3.83 3.37
C27 TOT C . -0.70 -4.53 2.38
C28 TOT C . -2.43 -5.95 4.30
C29 TOT C . -3.52 -3.91 4.88
C31 TOT C . 3.34 4.35 -6.90
C32 TOT C . 3.44 5.51 -7.67
C33 TOT C . 3.73 6.73 -7.05
C34 TOT C . 3.90 6.77 -5.66
N35 TOT C . 3.98 5.50 -3.48
C36 TOT C . 4.02 6.65 -2.54
C37 TOT C . 4.04 4.18 -3.14
C38 TOT C . 4.29 3.78 -1.75
S39 TOT C . 3.82 3.13 -4.39
C40 TOT C . 3.63 4.39 -5.52
C41 TOT C . 3.86 5.60 -4.87
C42 TOT C . 4.85 1.13 0.89
C43 TOT C . 5.55 0.96 2.09
C44 TOT C . 5.91 2.05 2.87
C45 TOT C . 5.59 3.34 2.43
C46 TOT C . 5.08 3.53 1.12
C47 TOT C . 4.76 2.42 0.30
C48 TOT C . 4.32 2.53 -1.06
C49 TOT C . 3.92 1.34 -1.71
C50 TOT C . 3.87 0.12 -1.02
N51 TOT C . 4.27 0.04 0.28
C52 TOT C . 4.07 -1.27 0.96
C53 TOT C . 2.68 -1.92 0.81
C54 TOT C . 2.76 -3.43 1.15
N55 TOT C . 1.48 -4.17 1.09
C56 TOT C . 0.53 -3.64 2.10
C58 TOT C . 1.81 -5.60 1.38
C59 TOT C . 0.89 -4.11 -0.28
H1 TOT C . -4.65 5.35 4.74
H2 TOT C . -5.17 7.75 4.70
H3 TOT C . -5.69 8.87 2.53
H4 TOT C . -5.67 7.59 0.44
H61 TOT C . -4.48 4.77 -1.72
H62 TOT C . -5.17 6.30 -1.25
H63 TOT C . -6.24 4.93 -1.55
H8 TOT C . -5.18 2.71 -1.20
H13 TOT C . -5.23 -3.32 -1.41
H14 TOT C . -5.73 -2.69 -3.76
H15 TOT C . -5.84 -0.34 -4.38
H16 TOT C . -5.73 1.40 -2.64
H19 TOT C . -3.81 1.17 1.97
H20 TOT C . -3.37 -1.16 2.25
H221 TOT C . -3.99 -3.93 -0.03
H222 TOT C . -2.78 -3.09 0.77
H231 TOT C . -5.49 -4.01 1.75
H232 TOT C . -4.64 -2.88 2.76
H241 TOT C . -3.30 -5.46 1.84
H242 TOT C . -4.58 -5.51 3.01
H261 TOT C . -1.96 -2.88 2.95
H262 TOT C . -1.07 -3.60 4.28
H271 TOT C . -0.35 -5.45 2.84
H272 TOT C . -1.22 -4.75 1.46
H281 TOT C . -1.64 -5.85 5.04
H282 TOT C . -3.29 -6.44 4.79
H283 TOT C . -2.08 -6.62 3.51
H291 TOT C . -3.66 -2.85 4.66
H292 TOT C . -4.50 -4.35 5.09
H293 TOT C . -2.92 -3.96 5.79
H31 TOT C . 3.02 3.43 -7.38
H32 TOT C . 3.30 5.45 -8.74
H33 TOT C . 3.81 7.63 -7.63
H34 TOT C . 4.08 7.74 -5.20
H361 TOT C . 3.37 6.47 -1.70
H362 TOT C . 5.04 6.82 -2.20
H363 TOT C . 3.67 7.56 -3.03
H38 TOT C . 4.49 4.63 -1.13
H43 TOT C . 5.87 -0.02 2.40
H44 TOT C . 6.44 1.89 3.79
H45 TOT C . 5.73 4.16 3.11
H46 TOT C . 4.97 4.56 0.81
H49 TOT C . 3.62 1.28 -2.74
H50 TOT C . 3.56 -0.80 -1.51
H521 TOT C . 4.29 -1.28 2.01
H522 TOT C . 4.82 -1.82 0.45
H531 TOT C . 2.01 -1.42 1.50
H532 TOT C . 2.29 -1.82 -0.20
H541 TOT C . 3.47 -3.91 0.47
H542 TOT C . 3.18 -3.51 2.15
H561 TOT C . 0.16 -2.66 1.78
H562 TOT C . 1.05 -3.49 3.05
H581 TOT C . 2.15 -5.71 2.41
H582 TOT C . 2.59 -5.96 0.71
H583 TOT C . 0.94 -6.25 1.23
H591 TOT C . 0.07 -4.80 -0.39
H592 TOT C . 1.64 -4.35 -1.03
H593 TOT C . 0.50 -3.11 -0.49
C1 TOT C . -5.12 5.96 3.97
C2 TOT C . -5.50 7.32 3.98
C3 TOT C . -5.95 7.91 2.78
C4 TOT C . -5.94 7.19 1.59
N5 TOT C . -5.47 4.99 0.45
C6 TOT C . -5.63 5.43 -0.96
C7 TOT C . -5.19 3.73 0.87
C8 TOT C . -5.09 2.62 -0.09
S9 TOT C . -5.01 3.56 2.49
C10 TOT C . -5.21 5.21 2.77
C11 TOT C . -5.57 5.83 1.55
C12 TOT C . -4.73 -1.09 -0.70
C13 TOT C . -5.17 -2.07 -1.61
C14 TOT C . -5.61 -1.72 -2.89
C15 TOT C . -5.77 -0.37 -3.21
C16 TOT C . -5.59 0.61 -2.22
C17 TOT C . -5.03 0.28 -0.96
C18 TOT C . -4.73 1.25 0.05
C19 TOT C . -4.06 0.81 1.21
C20 TOT C . -3.67 -0.53 1.36
N21 TOT C . -4.03 -1.46 0.43
C22 TOT C . -3.57 -2.85 0.74
C23 TOT C . -3.59 -3.29 2.21
C24 TOT C . -3.38 -4.81 2.32
N25 TOT C . -2.55 -5.26 3.48
C26 TOT C . -1.13 -4.76 3.43
C27 TOT C . -0.42 -4.98 2.08
C28 TOT C . -2.54 -6.74 3.48
C29 TOT C . -3.16 -4.80 4.76
C31 TOT C . 3.42 4.21 -6.95
C32 TOT C . 3.52 5.40 -7.68
C33 TOT C . 3.77 6.60 -7.00
C34 TOT C . 3.92 6.59 -5.60
N35 TOT C . 3.97 5.24 -3.49
C36 TOT C . 3.97 6.37 -2.52
C37 TOT C . 4.05 3.92 -3.19
C38 TOT C . 4.30 3.47 -1.81
S39 TOT C . 3.86 2.90 -4.47
C40 TOT C . 3.68 4.19 -5.56
C41 TOT C . 3.88 5.39 -4.86
C42 TOT C . 4.88 0.77 0.77
C43 TOT C . 5.55 0.61 1.99
C44 TOT C . 5.83 1.69 2.81
C45 TOT C . 5.47 2.97 2.39
C46 TOT C . 5.00 3.18 1.08
C47 TOT C . 4.74 2.08 0.22
C48 TOT C . 4.33 2.21 -1.15
C49 TOT C . 3.97 1.02 -1.84
C50 TOT C . 3.99 -0.22 -1.20
N51 TOT C . 4.37 -0.33 0.11
C52 TOT C . 4.25 -1.67 0.73
C53 TOT C . 2.90 -2.40 0.55
C54 TOT C . 3.06 -3.89 0.90
N55 TOT C . 1.81 -4.71 0.89
C56 TOT C . 1.00 -4.40 2.11
C58 TOT C . 2.23 -6.13 0.91
C59 TOT C . 1.06 -4.46 -0.36
H1 TOT C . -4.77 5.51 4.87
H2 TOT C . -5.46 7.88 4.89
H3 TOT C . -6.30 8.94 2.80
H4 TOT C . -6.22 7.70 0.69
H61 TOT C . -6.56 5.06 -1.37
H62 TOT C . -4.80 5.06 -1.57
H63 TOT C . -5.61 6.52 -1.06
H8 TOT C . -5.31 2.94 -1.08
H13 TOT C . -5.17 -3.11 -1.34
H14 TOT C . -5.84 -2.48 -3.61
H15 TOT C . -6.03 -0.12 -4.22
H16 TOT C . -5.90 1.60 -2.49
H19 TOT C . -3.78 1.43 2.03
H20 TOT C . -3.05 -0.85 2.17
H221 TOT C . -4.01 -3.64 0.16
H222 TOT C . -2.55 -2.72 0.46
H231 TOT C . -4.55 -3.04 2.67
H232 TOT C . -2.80 -2.79 2.76
H241 TOT C . -2.96 -5.20 1.39
H242 TOT C . -4.38 -5.24 2.39
H261 TOT C . -1.09 -3.69 3.65
H262 TOT C . -0.56 -5.26 4.20
H271 TOT C . -0.40 -6.05 1.86
H272 TOT C . -0.96 -4.46 1.30
H281 TOT C . -3.54 -7.13 3.68
H282 TOT C . -2.22 -7.15 2.53
H283 TOT C . -1.88 -7.13 4.26
H291 TOT C . -3.15 -3.72 4.83
H292 TOT C . -4.20 -5.14 4.82
H293 TOT C . -2.61 -5.21 5.60
H31 TOT C . 3.17 3.30 -7.48
H32 TOT C . 3.39 5.39 -8.76
H33 TOT C . 3.86 7.52 -7.55
H34 TOT C . 4.07 7.54 -5.11
H361 TOT C . 3.56 7.27 -2.96
H362 TOT C . 3.35 6.13 -1.66
H363 TOT C . 4.99 6.58 -2.18
H38 TOT C . 4.49 4.31 -1.17
H43 TOT C . 5.91 -0.37 2.29
H44 TOT C . 6.34 1.52 3.75
H45 TOT C . 5.56 3.78 3.10
H46 TOT C . 4.84 4.20 0.80
H49 TOT C . 3.67 1.00 -2.86
H50 TOT C . 3.71 -1.13 -1.71
H521 TOT C . 4.47 -1.71 1.79
H522 TOT C . 5.02 -2.18 0.20
H531 TOT C . 2.19 -1.93 1.22
H532 TOT C . 2.53 -2.32 -0.46
H541 TOT C . 3.78 -4.33 0.20
H542 TOT C . 3.51 -3.96 1.89
H561 TOT C . 0.89 -3.33 2.23
H562 TOT C . 1.52 -4.78 2.99
H581 TOT C . 2.82 -6.35 1.81
H582 TOT C . 2.84 -6.37 0.04
H583 TOT C . 1.37 -6.81 0.89
H591 TOT C . 0.58 -3.48 -0.35
H592 TOT C . 0.27 -5.22 -0.50
H593 TOT C . 1.72 -4.52 -1.23
C1 TOT C . -5.04 6.02 4.14
C2 TOT C . -5.42 7.37 4.14
C3 TOT C . -5.83 7.97 2.94
C4 TOT C . -5.80 7.24 1.75
N5 TOT C . -5.33 5.04 0.62
C6 TOT C . -5.44 5.48 -0.79
C7 TOT C . -5.09 3.77 1.05
C8 TOT C . -5.00 2.65 0.11
S9 TOT C . -4.92 3.60 2.69
C10 TOT C . -5.11 5.26 2.95
C11 TOT C . -5.44 5.86 1.73
C12 TOT C . -4.72 -1.06 -0.55
C13 TOT C . -5.11 -2.01 -1.50
C14 TOT C . -5.43 -1.63 -2.80
C15 TOT C . -5.54 -0.28 -3.11
C16 TOT C . -5.41 0.68 -2.09
C17 TOT C . -4.94 0.32 -0.80
C18 TOT C . -4.68 1.27 0.24
C19 TOT C . -4.08 0.79 1.42
C20 TOT C . -3.78 -0.57 1.59
N21 TOT C . -4.12 -1.49 0.62
C22 TOT C . -3.76 -2.89 0.93
C23 TOT C . -4.34 -3.40 2.27
C24 TOT C . -3.74 -4.73 2.76
N25 TOT C . -2.67 -4.64 3.80
C26 TOT C . -1.46 -3.92 3.33
C27 TOT C . -0.69 -4.62 2.20
C28 TOT C . -2.34 -6.03 4.21
C29 TOT C . -3.17 -3.96 5.02
C31 TOT C . 3.53 4.47 -7.01
C32 TOT C . 3.66 5.66 -7.74
C33 TOT C . 3.97 6.85 -7.06
C34 TOT C . 4.12 6.83 -5.67
N35 TOT C . 4.12 5.47 -3.55
C36 TOT C . 4.18 6.58 -2.57
C37 TOT C . 4.15 4.14 -3.25
C38 TOT C . 4.38 3.67 -1.88
S39 TOT C . 3.91 3.14 -4.55
C40 TOT C . 3.78 4.44 -5.63
C41 TOT C . 4.03 5.63 -4.92
C42 TOT C . 4.80 0.94 0.68
C43 TOT C . 5.45 0.71 1.90
C44 TOT C . 5.76 1.77 2.74
C45 TOT C . 5.44 3.07 2.35
C46 TOT C . 5.01 3.32 1.03
C47 TOT C . 4.72 2.25 0.14
C48 TOT C . 4.37 2.41 -1.24
C49 TOT C . 3.99 1.23 -1.95
C50 TOT C . 3.91 0.00 -1.31
N51 TOT C . 4.24 -0.14 0.01
C52 TOT C . 4.02 -1.46 0.63
C53 TOT C . 2.63 -2.10 0.42
C54 TOT C . 2.70 -3.60 0.74
N55 TOT C . 1.39 -4.31 0.74
C56 TOT C . 0.54 -3.77 1.84
C58 TOT C . 1.69 -5.75 0.95
C59 TOT C . 0.70 -4.15 -0.57
H1 TOT C . -4.69 5.57 5.06
H2 TOT C . -5.39 7.93 5.06
H3 TOT C . -6.17 8.99 2.93
H4 TOT C . -6.07 7.75 0.84
H61 TOT C . -6.41 5.17 -1.20
H62 TOT C . -4.64 5.04 -1.39
H63 TOT C . -5.35 6.55 -0.87
H8 TOT C . -5.23 2.97 -0.89
H13 TOT C . -5.17 -3.05 -1.22
H14 TOT C . -5.61 -2.37 -3.57
H15 TOT C . -5.73 -0.01 -4.14
H16 TOT C . -5.66 1.70 -2.38
H19 TOT C . -3.79 1.42 2.24
H20 TOT C . -3.26 -0.93 2.47
H221 TOT C . -3.96 -3.66 0.18
H222 TOT C . -2.69 -2.81 0.90
H231 TOT C . -5.38 -3.63 2.07
H232 TOT C . -4.34 -2.65 3.05
H241 TOT C . -3.41 -5.32 1.90
H242 TOT C . -4.57 -5.26 3.20
H261 TOT C . -1.73 -2.91 3.01
H262 TOT C . -0.78 -3.81 4.18
H271 TOT C . -0.35 -5.58 2.56
H272 TOT C . -1.32 -4.74 1.33
H281 TOT C . -2.12 -6.65 3.33
H282 TOT C . -1.47 -6.04 4.87
H283 TOT C . -3.18 -6.49 4.72
H291 TOT C . -4.15 -4.34 5.31
H292 TOT C . -2.49 -4.11 5.85
H293 TOT C . -3.26 -2.88 4.88
H31 TOT C . 3.23 3.57 -7.55
H32 TOT C . 3.52 5.67 -8.81
H33 TOT C . 4.09 7.77 -7.60
H34 TOT C . 4.31 7.77 -5.16
H361 TOT C . 5.19 6.76 -2.24
H362 TOT C . 3.80 7.51 -3.02
H363 TOT C . 3.54 6.37 -1.72
H38 TOT C . 4.62 4.50 -1.24
H43 TOT C . 5.77 -0.28 2.18
H44 TOT C . 6.26 1.56 3.68
H45 TOT C . 5.53 3.85 3.08
H46 TOT C . 4.89 4.36 0.76
H49 TOT C . 3.74 1.22 -2.98
H50 TOT C . 3.60 -0.89 -1.84
H521 TOT C . 4.20 -1.50 1.70
H522 TOT C . 4.78 -2.02 0.13
H531 TOT C . 1.94 -1.58 1.09
H532 TOT C . 2.29 -1.98 -0.61
H541 TOT C . 3.38 -4.08 0.04
H542 TOT C . 3.15 -3.70 1.73
H561 TOT C . 0.19 -2.77 1.58
H562 TOT C . 1.14 -3.68 2.75
H581 TOT C . 2.41 -6.10 0.21
H582 TOT C . 0.79 -6.36 0.83
H583 TOT C . 2.10 -5.91 1.94
H591 TOT C . 0.36 -3.13 -0.73
H592 TOT C . -0.16 -4.82 -0.65
H593 TOT C . 1.39 -4.41 -1.38
C1 TOT C . -4.91 6.08 3.33
C2 TOT C . -5.29 7.44 3.31
C3 TOT C . -5.82 7.98 2.13
C4 TOT C . -5.90 7.19 0.96
N5 TOT C . -5.52 4.94 -0.09
C6 TOT C . -5.78 5.29 -1.51
C7 TOT C . -5.23 3.69 0.38
C8 TOT C . -5.19 2.53 -0.52
S9 TOT C . -4.94 3.61 2.00
C10 TOT C . -5.10 5.27 2.19
C11 TOT C . -5.53 5.82 0.98
C12 TOT C . -4.86 -1.20 -1.04
C13 TOT C . -5.28 -2.21 -1.94
C14 TOT C . -5.76 -1.88 -3.21
C15 TOT C . -5.94 -0.55 -3.55
C16 TOT C . -5.74 0.46 -2.59
C17 TOT C . -5.16 0.16 -1.32
C18 TOT C . -4.85 1.15 -0.34
C19 TOT C . -4.20 0.73 0.84
C20 TOT C . -3.81 -0.60 1.01
N21 TOT C . -4.15 -1.56 0.10
C22 TOT C . -3.68 -2.93 0.43
C23 TOT C . -3.68 -3.34 1.91
C24 TOT C . -3.49 -4.86 2.06
N25 TOT C . -2.74 -5.29 3.28
C26 TOT C . -1.34 -4.77 3.33
C27 TOT C . -0.53 -4.96 2.02
C28 TOT C . -2.74 -6.77 3.30
C29 TOT C . -3.45 -4.82 4.49
C31 TOT C . 3.37 4.09 -6.92
C32 TOT C . 3.46 5.27 -7.66
C33 TOT C . 3.72 6.47 -7.01
C34 TOT C . 3.87 6.51 -5.62
N35 TOT C . 3.92 5.20 -3.48
C36 TOT C . 3.91 6.34 -2.53
C37 TOT C . 4.02 3.88 -3.15
C38 TOT C . 4.27 3.46 -1.77
S39 TOT C . 3.83 2.84 -4.42
C40 TOT C . 3.64 4.11 -5.53
C41 TOT C . 3.83 5.32 -4.85
C42 TOT C . 4.87 0.84 0.88
C43 TOT C . 5.54 0.69 2.12
C44 TOT C . 5.81 1.80 2.90
C45 TOT C . 5.46 3.07 2.45
C46 TOT C . 4.99 3.24 1.12
C47 TOT C . 4.73 2.11 0.29
C48 TOT C . 4.34 2.21 -1.08
C49 TOT C . 4.00 1.01 -1.75
C50 TOT C . 4.00 -0.22 -1.07
N51 TOT C . 4.37 -0.30 0.25
C52 TOT C . 4.23 -1.62 0.91
C53 TOT C . 2.89 -2.35 0.72
C54 TOT C . 3.04 -3.84 1.08
N55 TOT C . 1.79 -4.67 1.00
C56 TOT C . 0.88 -4.35 2.15
C58 TOT C . 2.22 -6.09 1.08
C59 TOT C . 1.11 -4.45 -0.30
H1 TOT C . -4.48 5.68 4.23
H2 TOT C . -5.17 8.05 4.18
H3 TOT C . -6.17 8.99 2.10
H4 TOT C . -6.24 7.66 0.06
H61 TOT C . -6.72 4.84 -1.84
H62 TOT C . -4.96 4.93 -2.13
H63 TOT C . -5.85 6.37 -1.65
H8 TOT C . -5.44 2.80 -1.52
H13 TOT C . -5.26 -3.24 -1.65
H14 TOT C . -6.01 -2.67 -3.90
H15 TOT C . -6.24 -0.31 -4.56
H16 TOT C . -6.05 1.45 -2.88
H19 TOT C . -3.94 1.36 1.65
H20 TOT C . -3.21 -0.90 1.84
H221 TOT C . -4.08 -3.74 -0.15
H222 TOT C . -2.65 -2.78 0.15
H231 TOT C . -4.63 -3.07 2.38
H232 TOT C . -2.88 -2.84 2.42
H241 TOT C . -3.01 -5.27 1.18
H242 TOT C . -4.49 -5.29 2.09
H261 TOT C . -1.32 -3.71 3.57
H262 TOT C . -0.79 -5.28 4.12
H271 TOT C . -0.47 -6.02 1.80
H272 TOT C . -1.04 -4.43 1.21
H281 TOT C . -3.74 -7.15 3.38
H282 TOT C . -2.29 -7.18 2.40
H283 TOT C . -2.17 -7.14 4.17
H291 TOT C . -3.46 -3.73 4.55
H292 TOT C . -4.48 -5.18 4.50
H293 TOT C . -2.94 -5.19 5.40
H31 TOT C . 3.09 3.17 -7.42
H32 TOT C . 3.33 5.24 -8.73
H33 TOT C . 3.82 7.40 -7.58
H34 TOT C . 4.03 7.46 -5.14
H361 TOT C . 3.49 7.22 -3.00
H362 TOT C . 3.28 6.10 -1.67
H363 TOT C . 4.92 6.56 -2.20
H38 TOT C . 4.45 4.32 -1.15
H43 TOT C . 5.90 -0.27 2.44
H44 TOT C . 6.33 1.65 3.85
H45 TOT C . 5.55 3.90 3.13
H46 TOT C . 4.84 4.26 0.82
H49 TOT C . 3.73 0.95 -2.78
H50 TOT C . 3.75 -1.14 -1.56
H521 TOT C . 4.43 -1.61 1.97
H522 TOT C . 5.02 -2.12 0.41
H531 TOT C . 2.15 -1.87 1.37
H532 TOT C . 2.52 -2.28 -0.30
H541 TOT C . 3.79 -4.29 0.43
H542 TOT C . 3.43 -3.89 2.10
H561 TOT C . 0.75 -3.28 2.24
H562 TOT C . 1.34 -4.71 3.07
H581 TOT C . 1.38 -6.77 1.01
H582 TOT C . 2.75 -6.28 2.02
H583 TOT C . 2.90 -6.33 0.26
H591 TOT C . 0.36 -5.22 -0.48
H592 TOT C . 1.84 -4.50 -1.12
H593 TOT C . 0.63 -3.47 -0.33
C1 TOT C . -5.07 6.04 4.16
C2 TOT C . -5.45 7.40 4.17
C3 TOT C . -5.86 8.00 2.97
C4 TOT C . -5.82 7.27 1.77
N5 TOT C . -5.33 5.08 0.64
C6 TOT C . -5.45 5.52 -0.77
C7 TOT C . -5.10 3.81 1.07
C8 TOT C . -4.99 2.69 0.13
S9 TOT C . -4.93 3.63 2.70
C10 TOT C . -5.13 5.29 2.96
C11 TOT C . -5.45 5.90 1.75
C12 TOT C . -4.72 -1.03 -0.53
C13 TOT C . -5.11 -1.98 -1.48
C14 TOT C . -5.44 -1.59 -2.78
C15 TOT C . -5.56 -0.24 -3.09
C16 TOT C . -5.42 0.72 -2.07
C17 TOT C . -4.95 0.36 -0.78
C18 TOT C . -4.69 1.31 0.26
C19 TOT C . -4.07 0.83 1.44
C20 TOT C . -3.77 -0.53 1.61
N21 TOT C . -4.11 -1.45 0.64
C22 TOT C . -3.77 -2.86 0.95
C23 TOT C . -4.33 -3.36 2.29
C24 TOT C . -3.74 -4.69 2.78
N25 TOT C . -2.67 -4.62 3.81
C26 TOT C . -1.46 -3.89 3.35
C27 TOT C . -0.70 -4.58 2.20
C28 TOT C . -2.34 -6.01 4.21
C29 TOT C . -3.17 -3.94 5.05
C31 TOT C . 3.54 4.54 -7.01
C32 TOT C . 3.69 5.73 -7.73
C33 TOT C . 4.02 6.91 -7.05
C34 TOT C . 4.18 6.90 -5.66
N35 TOT C . 4.17 5.53 -3.54
C36 TOT C . 4.24 6.65 -2.57
C37 TOT C . 4.17 4.21 -3.26
C38 TOT C . 4.41 3.73 -1.88
S39 TOT C . 3.92 3.21 -4.55
C40 TOT C . 3.80 4.52 -5.62
C41 TOT C . 4.08 5.69 -4.92
C42 TOT C . 4.79 0.98 0.67
C43 TOT C . 5.44 0.75 1.90
C44 TOT C . 5.75 1.80 2.75
C45 TOT C . 5.43 3.11 2.35
C46 TOT C . 5.01 3.37 1.03
C47 TOT C . 4.72 2.29 0.14
C48 TOT C . 4.37 2.46 -1.25
C49 TOT C . 3.99 1.29 -1.96
C50 TOT C . 3.89 0.05 -1.32
N51 TOT C . 4.23 -0.09 0.00
C52 TOT C . 3.98 -1.41 0.62
C53 TOT C . 2.61 -2.04 0.40
C54 TOT C . 2.67 -3.55 0.72
N55 TOT C . 1.35 -4.25 0.72
C56 TOT C . 0.52 -3.72 1.83
C58 TOT C . 1.65 -5.70 0.90
C59 TOT C . 0.66 -4.08 -0.58
H1 TOT C . -4.72 5.60 5.08
H2 TOT C . -5.44 7.96 5.09
H3 TOT C . -6.21 9.02 2.96
H4 TOT C . -6.09 7.78 0.85
H61 TOT C . -6.40 5.18 -1.19
H62 TOT C . -4.63 5.10 -1.36
H63 TOT C . -5.39 6.60 -0.86
H8 TOT C . -5.20 3.01 -0.87
H13 TOT C . -5.17 -3.01 -1.20
H14 TOT C . -5.62 -2.34 -3.54
H15 TOT C . -5.75 0.03 -4.12
H16 TOT C . -5.69 1.72 -2.35
H19 TOT C . -3.78 1.46 2.26
H20 TOT C . -3.26 -0.89 2.48
H221 TOT C . -3.96 -3.62 0.21
H222 TOT C . -2.70 -2.77 0.92
H231 TOT C . -5.38 -3.57 2.10
H232 TOT C . -4.32 -2.61 3.08
H241 TOT C . -3.42 -5.28 1.91
H242 TOT C . -4.58 -5.21 3.22
H261 TOT C . -1.73 -2.89 3.05
H262 TOT C . -0.77 -3.80 4.19
H271 TOT C . -0.36 -5.55 2.55
H272 TOT C . -1.34 -4.70 1.33
H281 TOT C . -1.47 -6.03 4.87
H282 TOT C . -3.18 -6.47 4.73
H283 TOT C . -2.12 -6.62 3.32
H291 TOT C . -3.26 -2.87 4.91
H292 TOT C . -4.14 -4.33 5.34
H293 TOT C . -2.48 -4.11 5.87
H31 TOT C . 3.23 3.66 -7.55
H32 TOT C . 3.56 5.74 -8.80
H33 TOT C . 4.17 7.84 -7.60
H34 TOT C . 4.40 7.82 -5.16
H361 TOT C . 3.61 6.42 -1.70
H362 TOT C . 5.27 6.80 -2.26
H363 TOT C . 3.86 7.56 -3.01
H38 TOT C . 4.66 4.55 -1.24
H43 TOT C . 5.75 -0.25 2.17
H44 TOT C . 6.24 1.58 3.68
H45 TOT C . 5.52 3.88 3.09
H46 TOT C . 4.89 4.40 0.77
H49 TOT C . 3.74 1.28 -3.00
H50 TOT C . 3.58 -0.83 -1.85
H521 TOT C . 4.17 -1.46 1.68
H522 TOT C . 4.74 -1.96 0.12
H531 TOT C . 1.91 -1.54 1.07
H532 TOT C . 2.25 -1.91 -0.62
H541 TOT C . 3.34 -4.02 0.00
H542 TOT C . 3.12 -3.66 1.69
H561 TOT C . 0.16 -2.73 1.59
H562 TOT C . 1.14 -3.65 2.74
H581 TOT C . 2.09 -5.88 1.89
H582 TOT C . 2.36 -6.05 0.14
H583 TOT C . 0.75 -6.30 0.79
H591 TOT C . 0.31 -3.06 -0.72
H592 TOT C . -0.21 -4.74 -0.66
H593 TOT C . 1.33 -4.33 -1.40
C1 TOT C . -4.98 6.01 3.79
C2 TOT C . -5.35 7.37 3.79
C3 TOT C . -5.83 7.95 2.61
C4 TOT C . -5.84 7.21 1.42
N5 TOT C . -5.42 5.00 0.30
C6 TOT C . -5.60 5.41 -1.11
C7 TOT C . -5.15 3.73 0.73
C8 TOT C . -5.09 2.61 -0.21
S9 TOT C . -4.92 3.59 2.36
C10 TOT C . -5.11 5.25 2.61
C11 TOT C . -5.48 5.84 1.41
C12 TOT C . -4.78 -1.11 -0.81
C13 TOT C . -5.21 -2.09 -1.71
C14 TOT C . -5.67 -1.75 -2.98
C15 TOT C . -5.80 -0.39 -3.32
C16 TOT C . -5.60 0.60 -2.33
C17 TOT C . -5.05 0.26 -1.06
C18 TOT C . -4.75 1.23 -0.06
C19 TOT C . -4.09 0.79 1.10
C20 TOT C . -3.69 -0.55 1.25
N21 TOT C . -4.07 -1.49 0.33
C22 TOT C . -3.63 -2.87 0.65
C23 TOT C . -3.68 -3.29 2.13
C24 TOT C . -3.59 -4.81 2.28
N25 TOT C . -2.80 -5.30 3.46
C26 TOT C . -1.37 -4.89 3.43
C27 TOT C . -0.65 -5.12 2.08
C28 TOT C . -2.90 -6.77 3.49
C29 TOT C . -3.41 -4.78 4.71
C31 TOT C . 3.56 3.99 -6.84
C32 TOT C . 3.61 5.21 -7.54
C33 TOT C . 3.81 6.40 -6.83
C34 TOT C . 3.93 6.38 -5.43
N35 TOT C . 3.99 4.99 -3.34
C36 TOT C . 3.97 6.08 -2.33
C37 TOT C . 4.06 3.65 -3.07
C38 TOT C . 4.22 3.18 -1.68
S39 TOT C . 3.95 2.66 -4.38
C40 TOT C . 3.78 3.97 -5.44
C41 TOT C . 3.91 5.16 -4.71
C42 TOT C . 4.88 0.43 0.82
C43 TOT C . 5.54 0.21 2.04
C44 TOT C . 5.88 1.29 2.87
C45 TOT C . 5.60 2.58 2.44
C46 TOT C . 5.15 2.82 1.12
C47 TOT C . 4.78 1.74 0.28
C48 TOT C . 4.33 1.89 -1.07
C49 TOT C . 3.96 0.73 -1.78
C50 TOT C . 3.94 -0.53 -1.15
N51 TOT C . 4.34 -0.66 0.15
C52 TOT C . 4.16 -2.00 0.76
C53 TOT C . 2.79 -2.67 0.58
C54 TOT C . 2.89 -4.17 0.93
N55 TOT C . 1.60 -4.93 0.91
C56 TOT C . 0.80 -4.61 2.11
C58 TOT C . 1.96 -6.38 0.91
C59 TOT C . 0.86 -4.65 -0.35
H1 TOT C . -4.61 5.57 4.71
H2 TOT C . -5.28 7.94 4.71
H3 TOT C . -6.17 8.97 2.61
H4 TOT C . -6.15 7.71 0.52
H61 TOT C . -6.56 5.06 -1.49
H62 TOT C . -4.79 5.01 -1.73
H63 TOT C . -5.57 6.50 -1.21
H8 TOT C . -5.35 2.91 -1.20
H13 TOT C . -5.23 -3.13 -1.44
H14 TOT C . -5.91 -2.52 -3.70
H15 TOT C . -6.06 -0.15 -4.34
H16 TOT C . -5.89 1.60 -2.61
H19 TOT C . -3.81 1.42 1.92
H20 TOT C . -3.08 -0.87 2.06
H221 TOT C . -4.07 -3.66 0.06
H222 TOT C . -2.60 -2.76 0.36
H231 TOT C . -4.60 -2.95 2.59
H232 TOT C . -2.84 -2.83 2.65
H241 TOT C . -3.19 -5.26 1.38
H242 TOT C . -4.62 -5.16 2.36
H261 TOT C . -1.26 -3.82 3.68
H262 TOT C . -0.82 -5.43 4.19
H271 TOT C . -0.67 -6.19 1.86
H272 TOT C . -1.17 -4.57 1.29
H281 TOT C . -3.94 -7.09 3.62
H282 TOT C . -2.53 -7.21 2.57
H283 TOT C . -2.31 -7.19 4.31
H291 TOT C . -4.46 -5.07 4.77
H292 TOT C . -2.89 -5.19 5.58
H293 TOT C . -3.35 -3.69 4.76
H31 TOT C . 3.34 3.09 -7.39
H32 TOT C . 3.50 5.21 -8.61
H33 TOT C . 3.88 7.33 -7.36
H34 TOT C . 4.04 7.31 -4.92
H361 TOT C . 3.74 7.04 -2.79
H362 TOT C . 3.20 5.88 -1.58
H363 TOT C . 4.94 6.15 -1.85
H38 TOT C . 4.28 4.00 -1.00
H43 TOT C . 5.86 -0.76 2.35
H44 TOT C . 6.37 1.08 3.80
H45 TOT C . 5.74 3.40 3.14
H46 TOT C . 5.11 3.85 0.83
H49 TOT C . 3.65 0.72 -2.81
H50 TOT C . 3.64 -1.42 -1.67
H521 TOT C . 4.39 -2.06 1.81
H522 TOT C . 4.91 -2.53 0.22
H531 TOT C . 2.09 -2.18 1.25
H532 TOT C . 2.43 -2.58 -0.44
H541 TOT C . 3.59 -4.64 0.23
H542 TOT C . 3.32 -4.26 1.92
H561 TOT C . 0.74 -3.53 2.25
H562 TOT C . 1.30 -5.01 3.00
H581 TOT C . 1.07 -7.01 0.89
H582 TOT C . 2.53 -6.62 1.81
H583 TOT C . 2.57 -6.64 0.05
H591 TOT C . 0.42 -3.65 -0.34
H592 TOT C . 0.05 -5.37 -0.50
H593 TOT C . 1.53 -4.73 -1.21
C1 TOT C . -4.65 5.70 4.04
C2 TOT C . -4.92 7.07 4.12
C3 TOT C . -5.34 7.76 2.98
C4 TOT C . -5.43 7.08 1.75
N5 TOT C . -5.20 4.91 0.52
C6 TOT C . -5.35 5.44 -0.86
C7 TOT C . -5.05 3.61 0.88
C8 TOT C . -5.12 2.53 -0.13
S9 TOT C . -4.78 3.35 2.49
C10 TOT C . -4.84 5.00 2.83
C11 TOT C . -5.19 5.69 1.66
C12 TOT C . -5.00 -1.13 -1.02
C13 TOT C . -5.49 -2.01 -2.01
C14 TOT C . -5.85 -1.53 -3.28
C15 TOT C . -5.82 -0.15 -3.52
C16 TOT C . -5.55 0.75 -2.47
C17 TOT C . -5.13 0.27 -1.20
C18 TOT C . -4.83 1.13 -0.09
C19 TOT C . -4.21 0.55 1.04
C20 TOT C . -3.96 -0.83 1.10
N21 TOT C . -4.38 -1.66 0.09
C22 TOT C . -4.08 -3.10 0.31
C23 TOT C . -4.49 -3.66 1.68
C24 TOT C . -4.13 -5.16 1.84
N25 TOT C . -2.86 -5.48 2.54
C26 TOT C . -1.69 -4.80 1.90
C27 TOT C . -0.32 -5.37 2.29
C28 TOT C . -2.72 -6.96 2.44
C29 TOT C . -2.95 -5.12 3.98
C31 TOT C . 3.53 3.44 -6.70
C32 TOT C . 3.45 4.62 -7.44
C33 TOT C . 3.50 5.86 -6.79
C34 TOT C . 3.63 5.90 -5.40
N35 TOT C . 3.86 4.61 -3.24
C36 TOT C . 3.80 5.75 -2.28
C37 TOT C . 4.03 3.30 -2.91
C38 TOT C . 4.20 2.89 -1.51
S39 TOT C . 4.04 2.25 -4.19
C40 TOT C . 3.75 3.50 -5.30
C41 TOT C . 3.76 4.72 -4.62
C42 TOT C . 5.12 0.28 1.05
C43 TOT C . 5.87 0.17 2.24
C44 TOT C . 6.15 1.30 3.01
C45 TOT C . 5.78 2.56 2.55
C46 TOT C . 5.28 2.70 1.24
C47 TOT C . 4.93 1.56 0.46
C48 TOT C . 4.38 1.64 -0.86
C49 TOT C . 4.02 0.43 -1.49
C50 TOT C . 4.09 -0.79 -0.81
N51 TOT C . 4.59 -0.85 0.45
C52 TOT C . 4.55 -2.18 1.10
C53 TOT C . 3.23 -2.97 0.96
C54 TOT C . 3.26 -4.05 2.04
N55 TOT C . 2.19 -5.08 1.98
C56 TOT C . 0.84 -4.44 1.90
C58 TOT C . 2.32 -5.89 3.22
C59 TOT C . 2.42 -5.97 0.80
H1 TOT C . -4.28 5.18 4.92
H2 TOT C . -4.81 7.59 5.07
H3 TOT C . -5.58 8.81 3.04
H4 TOT C . -5.71 7.65 0.88
H61 TOT C . -6.38 5.36 -1.19
H62 TOT C . -4.70 4.89 -1.56
H63 TOT C . -5.05 6.48 -0.91
H8 TOT C . -5.46 2.90 -1.06
H13 TOT C . -5.61 -3.06 -1.80
H14 TOT C . -6.14 -2.20 -4.06
H15 TOT C . -6.03 0.19 -4.52
H16 TOT C . -5.67 1.78 -2.71
H19 TOT C . -3.88 1.10 1.88
H20 TOT C . -3.43 -1.26 1.93
H221 TOT C . -4.43 -3.80 -0.44
H222 TOT C . -3.03 -3.07 0.18
H231 TOT C . -5.58 -3.60 1.74
H232 TOT C . -4.10 -3.11 2.53
H241 TOT C . -4.15 -5.63 0.85
H242 TOT C . -4.95 -5.58 2.42
H261 TOT C . -1.77 -4.90 0.82
H262 TOT C . -1.72 -3.74 2.15
H271 TOT C . -0.28 -5.52 3.37
H272 TOT C . -0.20 -6.34 1.79
H281 TOT C . -1.89 -7.33 3.05
H282 TOT C . -3.61 -7.45 2.80
H283 TOT C . -2.55 -7.27 1.41
H291 TOT C . -3.87 -5.51 4.41
H292 TOT C . -2.12 -5.53 4.55
H293 TOT C . -2.94 -4.04 4.13
H31 TOT C . 3.42 2.50 -7.21
H32 TOT C . 3.36 4.57 -8.52
H33 TOT C . 3.43 6.77 -7.36
H34 TOT C . 3.62 6.88 -4.92
H361 TOT C . 4.71 5.78 -1.69
H362 TOT C . 3.69 6.70 -2.78
H363 TOT C . 2.95 5.61 -1.62
H38 TOT C . 4.15 3.73 -0.85
H43 TOT C . 6.28 -0.78 2.56
H44 TOT C . 6.67 1.16 3.95
H45 TOT C . 5.90 3.40 3.20
H46 TOT C . 5.19 3.72 0.88
H49 TOT C . 3.67 0.37 -2.51
H50 TOT C . 3.76 -1.71 -1.25
H521 TOT C . 4.83 -2.17 2.15
H522 TOT C . 5.27 -2.72 0.54
H531 TOT C . 2.38 -2.32 1.12
H532 TOT C . 3.17 -3.42 -0.02
H541 TOT C . 4.24 -4.53 2.01
H542 TOT C . 3.18 -3.50 2.97
H561 TOT C . 0.67 -4.06 0.89
H562 TOT C . 0.81 -3.59 2.58
H581 TOT C . 2.07 -5.29 4.09
H582 TOT C . 3.35 -6.23 3.33
H583 TOT C . 1.68 -6.77 3.19
H591 TOT C . 3.43 -6.36 0.82
H592 TOT C . 2.26 -5.44 -0.13
H593 TOT C . 1.74 -6.82 0.82
C1 TOT C . -5.12 6.03 3.81
C2 TOT C . -5.53 7.38 3.81
C3 TOT C . -6.02 7.95 2.63
C4 TOT C . -6.01 7.21 1.44
N5 TOT C . -5.52 5.01 0.31
C6 TOT C . -5.71 5.42 -1.10
C7 TOT C . -5.22 3.76 0.75
C8 TOT C . -5.12 2.63 -0.19
S9 TOT C . -5.01 3.61 2.38
C10 TOT C . -5.23 5.27 2.63
C11 TOT C . -5.61 5.85 1.42
C12 TOT C . -4.72 -1.08 -0.78
C13 TOT C . -5.13 -2.08 -1.68
C14 TOT C . -5.59 -1.74 -2.96
C15 TOT C . -5.78 -0.40 -3.29
C16 TOT C . -5.60 0.60 -2.31
C17 TOT C . -5.03 0.28 -1.05
C18 TOT C . -4.75 1.27 -0.04
C19 TOT C . -4.06 0.85 1.11
C20 TOT C . -3.65 -0.48 1.26
N21 TOT C . -4.00 -1.43 0.35
C22 TOT C . -3.53 -2.80 0.68
C23 TOT C . -3.56 -3.21 2.16
C24 TOT C . -3.43 -4.74 2.32
N25 TOT C . -2.61 -5.18 3.49
C26 TOT C . -1.19 -4.73 3.44
C27 TOT C . -0.49 -4.96 2.09
C28 TOT C . -2.66 -6.68 3.53
C29 TOT C . -3.22 -4.69 4.75
C31 TOT C . 3.46 4.22 -6.95
C32 TOT C . 3.55 5.42 -7.67
C33 TOT C . 3.79 6.61 -7.00
C34 TOT C . 3.93 6.60 -5.59
N35 TOT C . 3.96 5.25 -3.48
C36 TOT C . 3.96 6.36 -2.50
C37 TOT C . 4.05 3.92 -3.19
C38 TOT C . 4.27 3.47 -1.81
S39 TOT C . 3.87 2.91 -4.48
C40 TOT C . 3.70 4.20 -5.57
C41 TOT C . 3.89 5.40 -4.86
C42 TOT C . 4.87 0.76 0.76
C43 TOT C . 5.52 0.59 1.98
C44 TOT C . 5.81 1.67 2.81
C45 TOT C . 5.48 2.96 2.38
C46 TOT C . 5.02 3.17 1.07
C47 TOT C . 4.74 2.07 0.20
C48 TOT C . 4.32 2.20 -1.16
C49 TOT C . 3.96 1.02 -1.86
C50 TOT C . 3.97 -0.23 -1.21
N51 TOT C . 4.35 -0.34 0.10
C52 TOT C . 4.21 -1.68 0.72
C53 TOT C . 2.85 -2.39 0.54
C54 TOT C . 3.00 -3.89 0.89
N55 TOT C . 1.75 -4.70 0.88
C56 TOT C . 0.94 -4.39 2.10
C58 TOT C . 2.15 -6.13 0.89
C59 TOT C . 0.97 -4.44 -0.36
H1 TOT C . -4.74 5.60 4.72
H2 TOT C . -5.47 7.96 4.73
H3 TOT C . -6.39 8.96 2.62
H4 TOT C . -6.33 7.71 0.54
H61 TOT C . -6.65 5.04 -1.48
H62 TOT C . -4.89 5.05 -1.71
H63 TOT C . -5.72 6.51 -1.20
H8 TOT C . -5.38 2.94 -1.18
H13 TOT C . -5.12 -3.11 -1.40
H14 TOT C . -5.83 -2.52 -3.67
H15 TOT C . -6.04 -0.16 -4.31
H16 TOT C . -5.91 1.58 -2.60
H19 TOT C . -3.80 1.49 1.92
H20 TOT C . -3.02 -0.77 2.08
H221 TOT C . -3.95 -3.60 0.09
H222 TOT C . -2.50 -2.67 0.38
H231 TOT C . -4.49 -2.89 2.62
H232 TOT C . -2.73 -2.73 2.68
H241 TOT C . -3.03 -5.18 1.41
H242 TOT C . -4.45 -5.11 2.42
H261 TOT C . -1.11 -3.67 3.68
H262 TOT C . -0.62 -5.26 4.21
H271 TOT C . -0.48 -6.02 1.87
H272 TOT C . -1.03 -4.42 1.30
H281 TOT C . -3.69 -7.02 3.67
H282 TOT C . -2.29 -7.11 2.60
H283 TOT C . -2.07 -7.06 4.35
H291 TOT C . -2.69 -5.07 5.61
H292 TOT C . -3.21 -3.59 4.80
H293 TOT C . -4.27 -5.01 4.83
H31 TOT C . 3.20 3.31 -7.49
H32 TOT C . 3.44 5.41 -8.75
H33 TOT C . 3.89 7.54 -7.54
H34 TOT C . 4.07 7.55 -5.10
H361 TOT C . 3.30 6.14 -1.68
H362 TOT C . 4.96 6.54 -2.14
H363 TOT C . 3.58 7.28 -2.96
H38 TOT C . 4.42 4.31 -1.17
H43 TOT C . 5.87 -0.39 2.28
H44 TOT C . 6.30 1.49 3.76
H45 TOT C . 5.58 3.77 3.08
H46 TOT C . 4.89 4.20 0.78
H49 TOT C . 3.67 0.99 -2.88
H50 TOT C . 3.69 -1.13 -1.73
H521 TOT C . 4.42 -1.72 1.78
H522 TOT C . 4.98 -2.19 0.19
H531 TOT C . 2.14 -1.92 1.21
H532 TOT C . 2.49 -2.32 -0.48
H541 TOT C . 3.71 -4.34 0.19
H542 TOT C . 3.45 -3.96 1.87
H561 TOT C . 0.85 -3.31 2.23
H562 TOT C . 1.47 -4.77 2.99
H581 TOT C . 2.74 -6.35 1.78
H582 TOT C . 2.74 -6.36 0.02
H583 TOT C . 1.29 -6.79 0.88
H591 TOT C . 1.64 -4.49 -1.23
H592 TOT C . 0.51 -3.44 -0.34
H593 TOT C . 0.19 -5.17 -0.50
C1 TOT C . -4.77 6.18 3.88
C2 TOT C . -5.18 7.52 3.97
C3 TOT C . -5.71 8.15 2.85
C4 TOT C . -5.79 7.46 1.63
N5 TOT C . -5.43 5.32 0.38
C6 TOT C . -5.65 5.83 -0.99
C7 TOT C . -5.18 4.03 0.74
C8 TOT C . -5.25 2.93 -0.23
S9 TOT C . -4.82 3.81 2.34
C10 TOT C . -4.98 5.46 2.68
C11 TOT C . -5.43 6.10 1.53
C12 TOT C . -5.11 -0.73 -1.09
C13 TOT C . -5.61 -1.61 -2.07
C14 TOT C . -5.93 -1.15 -3.34
C15 TOT C . -5.87 0.22 -3.61
C16 TOT C . -5.60 1.13 -2.58
C17 TOT C . -5.22 0.67 -1.29
C18 TOT C . -4.93 1.54 -0.20
C19 TOT C . -4.29 0.99 0.93
C20 TOT C . -4.07 -0.39 1.03
N21 TOT C . -4.50 -1.24 0.05
C22 TOT C . -4.25 -2.68 0.30
C23 TOT C . -4.69 -3.19 1.68
C24 TOT C . -4.35 -4.67 1.89
N25 TOT C . -3.07 -4.98 2.59
C26 TOT C . -1.91 -4.32 1.91
C27 TOT C . -0.53 -4.87 2.32
C28 TOT C . -2.92 -6.46 2.54
C29 TOT C . -3.16 -4.58 4.02
C31 TOT C . 3.45 3.85 -6.90
C32 TOT C . 3.52 5.01 -7.67
C33 TOT C . 3.77 6.24 -7.03
C34 TOT C . 3.92 6.29 -5.64
N35 TOT C . 3.98 5.02 -3.48
C36 TOT C . 3.97 6.18 -2.55
C37 TOT C . 4.08 3.71 -3.13
C38 TOT C . 4.31 3.32 -1.73
S39 TOT C . 3.92 2.64 -4.37
C40 TOT C . 3.71 3.89 -5.51
C41 TOT C . 3.89 5.11 -4.86
C42 TOT C . 5.00 0.74 0.93
C43 TOT C . 5.74 0.62 2.12
C44 TOT C . 6.02 1.75 2.89
C45 TOT C . 5.64 3.01 2.43
C46 TOT C . 5.11 3.15 1.13
C47 TOT C . 4.81 2.01 0.32
C48 TOT C . 4.36 2.08 -1.03
C49 TOT C . 3.95 0.88 -1.64
C50 TOT C . 3.95 -0.34 -0.93
N51 TOT C . 4.44 -0.39 0.34
C52 TOT C . 4.36 -1.72 1.00
C53 TOT C . 3.03 -2.49 0.86
C54 TOT C . 3.04 -3.56 1.96
N55 TOT C . 1.96 -4.58 1.91
C56 TOT C . 0.61 -3.94 1.88
C58 TOT C . 2.13 -5.39 3.14
C59 TOT C . 2.15 -5.47 0.73
H1 TOT C . -4.31 5.71 4.74
H2 TOT C . -5.08 8.04 4.91
H3 TOT C . -6.07 9.17 2.91
H4 TOT C . -6.15 8.01 0.77
H61 TOT C . -5.00 5.31 -1.71
H62 TOT C . -5.39 6.89 -1.05
H63 TOT C . -6.68 5.70 -1.28
H8 TOT C . -5.65 3.28 -1.17
H13 TOT C . -5.76 -2.66 -1.83
H14 TOT C . -6.22 -1.84 -4.12
H15 TOT C . -6.05 0.55 -4.63
H16 TOT C . -5.67 2.17 -2.84
H19 TOT C . -3.93 1.56 1.76
H20 TOT C . -3.54 -0.82 1.86
H221 TOT C . -4.61 -3.39 -0.44
H222 TOT C . -3.19 -2.67 0.17
H231 TOT C . -5.77 -3.12 1.69
H232 TOT C . -4.32 -2.61 2.51
H241 TOT C . -4.36 -5.17 0.91
H242 TOT C . -5.17 -5.07 2.46
H261 TOT C . -2.00 -4.46 0.83
H262 TOT C . -1.93 -3.25 2.13
H271 TOT C . -0.48 -4.99 3.39
H272 TOT C . -0.42 -5.85 1.84
H281 TOT C . -3.83 -6.94 2.92
H282 TOT C . -2.77 -6.80 1.52
H283 TOT C . -2.09 -6.81 3.14
H291 TOT C . -2.32 -4.97 4.59
H292 TOT C . -3.15 -3.49 4.12
H293 TOT C . -4.08 -4.96 4.46
H31 TOT C . 3.19 2.93 -7.40
H32 TOT C . 3.39 4.97 -8.74
H33 TOT C . 3.84 7.15 -7.62
H34 TOT C . 4.06 7.25 -5.18
H361 TOT C . 3.33 5.97 -1.68
H362 TOT C . 4.97 6.42 -2.22
H363 TOT C . 3.55 7.07 -3.04
H38 TOT C . 4.49 4.19 -1.14
H43 TOT C . 6.14 -0.32 2.45
H44 TOT C . 6.55 1.63 3.82
H45 TOT C . 5.76 3.85 3.09
H46 TOT C . 4.94 4.16 0.82
H49 TOT C . 3.60 0.81 -2.65
H50 TOT C . 3.61 -1.26 -1.35
H521 TOT C . 4.64 -1.69 2.04
H522 TOT C . 5.08 -2.27 0.45
H531 TOT C . 2.19 -1.82 1.01
H532 TOT C . 2.96 -2.94 -0.12
H541 TOT C . 4.01 -4.06 1.92
H542 TOT C . 2.97 -2.99 2.88
H561 TOT C . 0.42 -3.57 0.86
H562 TOT C . 0.61 -3.08 2.54
H581 TOT C . 1.49 -6.27 3.15
H582 TOT C . 1.90 -4.79 4.03
H583 TOT C . 3.16 -5.74 3.24
H591 TOT C . 3.17 -5.87 0.72
H592 TOT C . 1.98 -4.94 -0.20
H593 TOT C . 1.48 -6.32 0.76
C1 TOT C . -5.00 6.19 3.87
C2 TOT C . -5.39 7.53 3.89
C3 TOT C . -5.84 8.14 2.72
C4 TOT C . -5.88 7.40 1.52
N5 TOT C . -5.46 5.19 0.38
C6 TOT C . -5.65 5.63 -1.03
C7 TOT C . -5.19 3.93 0.80
C8 TOT C . -5.14 2.80 -0.15
S9 TOT C . -4.95 3.77 2.42
C10 TOT C . -5.13 5.42 2.69
C11 TOT C . -5.52 6.03 1.48
C12 TOT C . -4.77 -0.91 -0.78
C13 TOT C . -5.20 -1.88 -1.70
C14 TOT C . -5.61 -1.53 -2.98
C15 TOT C . -5.72 -0.18 -3.31
C16 TOT C . -5.54 0.80 -2.33
C17 TOT C . -5.04 0.47 -1.04
C18 TOT C . -4.77 1.43 -0.02
C19 TOT C . -4.09 0.99 1.14
C20 TOT C . -3.72 -0.35 1.29
N21 TOT C . -4.08 -1.30 0.36
C22 TOT C . -3.66 -2.68 0.69
C23 TOT C . -3.70 -3.11 2.16
C24 TOT C . -3.55 -4.64 2.28
N25 TOT C . -2.75 -5.12 3.44
C26 TOT C . -1.32 -4.66 3.41
C27 TOT C . -0.59 -4.92 2.07
C28 TOT C . -2.79 -6.60 3.43
C29 TOT C . -3.36 -4.66 4.71
C31 TOT C . 3.57 4.09 -6.94
C32 TOT C . 3.65 5.29 -7.67
C33 TOT C . 3.89 6.49 -6.99
C34 TOT C . 4.01 6.49 -5.59
N35 TOT C . 4.02 5.14 -3.47
C36 TOT C . 4.01 6.26 -2.49
C37 TOT C . 4.09 3.82 -3.17
C38 TOT C . 4.27 3.38 -1.77
S39 TOT C . 3.96 2.80 -4.46
C40 TOT C . 3.79 4.09 -5.54
C41 TOT C . 3.96 5.29 -4.84
C42 TOT C . 4.89 0.67 0.79
C43 TOT C . 5.55 0.49 2.02
C44 TOT C . 5.88 1.57 2.83
C45 TOT C . 5.57 2.86 2.39
C46 TOT C . 5.11 3.07 1.07
C47 TOT C . 4.78 1.97 0.24
C48 TOT C . 4.34 2.11 -1.12
C49 TOT C . 3.96 0.93 -1.82
C50 TOT C . 3.96 -0.31 -1.16
N51 TOT C . 4.35 -0.42 0.14
C52 TOT C . 4.20 -1.76 0.76
C53 TOT C . 2.82 -2.46 0.59
C54 TOT C . 2.95 -3.95 0.95
N55 TOT C . 1.68 -4.72 0.93
C56 TOT C . 0.85 -4.38 2.12
C58 TOT C . 2.05 -6.17 0.99
C59 TOT C . 0.95 -4.49 -0.34
H1 TOT C . -4.61 5.74 4.78
H2 TOT C . -5.33 8.10 4.81
H3 TOT C . -6.18 9.16 2.72
H4 TOT C . -6.19 7.91 0.62
H61 TOT C . -5.54 6.71 -1.12
H62 TOT C . -6.64 5.35 -1.37
H63 TOT C . -4.89 5.17 -1.67
H8 TOT C . -5.45 3.11 -1.12
H13 TOT C . -5.23 -2.92 -1.42
H14 TOT C . -5.83 -2.29 -3.71
H15 TOT C . -5.95 0.06 -4.35
H16 TOT C . -5.79 1.81 -2.63
H19 TOT C . -3.80 1.62 1.95
H20 TOT C . -3.12 -0.67 2.11
H221 TOT C . -4.09 -3.47 0.09
H222 TOT C . -2.62 -2.57 0.41
H231 TOT C . -4.65 -2.82 2.61
H232 TOT C . -2.89 -2.63 2.70
H241 TOT C . -3.15 -5.06 1.36
H242 TOT C . -4.57 -5.01 2.36
H261 TOT C . -1.25 -3.60 3.63
H262 TOT C . -0.77 -5.18 4.19
H271 TOT C . -0.59 -5.99 1.87
H272 TOT C . -1.11 -4.40 1.27
H281 TOT C . -2.16 -7.02 4.22
H282 TOT C . -3.81 -6.96 3.60
H283 TOT C . -2.46 -7.01 2.48
H291 TOT C . -4.41 -4.97 4.77
H292 TOT C . -2.84 -5.07 5.56
H293 TOT C . -3.33 -3.56 4.79
H31 TOT C . 3.33 3.18 -7.47
H32 TOT C . 3.54 5.27 -8.74
H33 TOT C . 3.98 7.41 -7.54
H34 TOT C . 4.14 7.44 -5.10
H361 TOT C . 3.72 7.20 -2.96
H362 TOT C . 3.28 6.07 -1.71
H363 TOT C . 4.99 6.39 -2.06
H38 TOT C . 4.36 4.22 -1.12
H43 TOT C . 5.88 -0.49 2.33
H44 TOT C . 6.36 1.39 3.77
H45 TOT C . 5.70 3.69 3.08
H46 TOT C . 5.03 4.10 0.78
H49 TOT C . 3.65 0.90 -2.83
H50 TOT C . 3.67 -1.22 -1.68
H521 TOT C . 4.43 -1.81 1.82
H522 TOT C . 4.95 -2.28 0.23
H531 TOT C . 2.12 -1.96 1.26
H532 TOT C . 2.46 -2.37 -0.43
H541 TOT C . 3.66 -4.41 0.27
H542 TOT C . 3.38 -4.02 1.95
H561 TOT C . 0.76 -3.30 2.22
H562 TOT C . 1.34 -4.75 3.02
H581 TOT C . 2.67 -6.43 0.13
H582 TOT C . 1.18 -6.82 0.95
H583 TOT C . 2.62 -6.39 1.90
H591 TOT C . 1.63 -4.58 -1.19
H592 TOT C . 0.50 -3.49 -0.35
H593 TOT C . 0.15 -5.23 -0.49
C1 TOT C . -4.62 5.50 3.94
C2 TOT C . -4.88 6.88 4.00
C3 TOT C . -5.30 7.54 2.85
C4 TOT C . -5.39 6.85 1.62
N5 TOT C . -5.12 4.66 0.41
C6 TOT C . -5.25 5.16 -0.98
C7 TOT C . -4.96 3.36 0.80
C8 TOT C . -5.00 2.27 -0.18
S9 TOT C . -4.75 3.13 2.42
C10 TOT C . -4.80 4.79 2.74
C11 TOT C . -5.13 5.46 1.55
C12 TOT C . -4.95 -1.41 -1.00
C13 TOT C . -5.42 -2.31 -1.97
C14 TOT C . -5.81 -1.86 -3.23
C15 TOT C . -5.85 -0.49 -3.48
C16 TOT C . -5.60 0.43 -2.44
C17 TOT C . -5.11 -0.01 -1.19
C18 TOT C . -4.76 0.87 -0.11
C19 TOT C . -4.15 0.30 1.04
C20 TOT C . -3.91 -1.07 1.13
N21 TOT C . -4.31 -1.92 0.13
C22 TOT C . -3.99 -3.36 0.36
C23 TOT C . -4.42 -3.91 1.73
C24 TOT C . -4.01 -5.38 1.92
N25 TOT C . -2.73 -5.65 2.65
C26 TOT C . -1.59 -4.94 1.98
C27 TOT C . -0.19 -5.44 2.40
C28 TOT C . -2.53 -7.11 2.60
C29 TOT C . -2.84 -5.24 4.08
C31 TOT C . 3.42 3.58 -6.52
C32 TOT C . 3.32 4.77 -7.25
C33 TOT C . 3.36 5.99 -6.56
C34 TOT C . 3.51 6.01 -5.17
N35 TOT C . 3.84 4.68 -3.06
C36 TOT C . 3.81 5.80 -2.07
C37 TOT C . 4.02 3.36 -2.76
C38 TOT C . 4.22 2.93 -1.37
S39 TOT C . 4.00 2.34 -4.05
C40 TOT C . 3.67 3.60 -5.13
C41 TOT C . 3.69 4.82 -4.43
C42 TOT C . 5.20 0.31 1.16
C43 TOT C . 5.94 0.18 2.34
C44 TOT C . 6.21 1.30 3.13
C45 TOT C . 5.82 2.56 2.68
C46 TOT C . 5.32 2.72 1.37
C47 TOT C . 4.99 1.58 0.58
C48 TOT C . 4.44 1.67 -0.74
C49 TOT C . 4.12 0.46 -1.40
C50 TOT C . 4.18 -0.77 -0.72
N51 TOT C . 4.67 -0.83 0.55
C52 TOT C . 4.63 -2.16 1.19
C53 TOT C . 3.32 -2.96 1.04
C54 TOT C . 3.36 -4.04 2.11
N55 TOT C . 2.31 -5.09 2.05
C56 TOT C . 0.94 -4.49 1.99
C58 TOT C . 2.46 -5.91 3.28
C59 TOT C . 2.54 -5.98 0.87
H1 TOT C . -4.27 4.99 4.84
H2 TOT C . -4.77 7.41 4.93
H3 TOT C . -5.57 8.58 2.88
H4 TOT C . -5.67 7.40 0.74
H61 TOT C . -4.52 4.67 -1.62
H62 TOT C . -5.05 6.23 -1.02
H63 TOT C . -6.25 4.98 -1.35
H8 TOT C . -5.24 2.65 -1.16
H13 TOT C . -5.51 -3.35 -1.73
H14 TOT C . -6.11 -2.56 -3.99
H15 TOT C . -6.07 -0.17 -4.49
H16 TOT C . -5.80 1.46 -2.68
H19 TOT C . -3.83 0.88 1.87
H20 TOT C . -3.39 -1.48 1.97
H221 TOT C . -4.29 -4.06 -0.39
H222 TOT C . -2.93 -3.29 0.26
H231 TOT C . -5.51 -3.90 1.75
H232 TOT C . -4.08 -3.33 2.59
H241 TOT C . -3.99 -5.87 0.95
H242 TOT C . -4.82 -5.83 2.50
H261 TOT C . -1.66 -5.06 0.91
H262 TOT C . -1.64 -3.86 2.22
H271 TOT C . -0.15 -5.58 3.48
H272 TOT C . -0.04 -6.41 1.91
H281 TOT C . -3.41 -7.63 2.97
H282 TOT C . -2.35 -7.45 1.58
H283 TOT C . -1.68 -7.43 3.22
H291 TOT C . -3.76 -5.66 4.50
H292 TOT C . -2.00 -5.60 4.65
H293 TOT C . -2.88 -4.16 4.19
H31 TOT C . 3.31 2.64 -7.05
H32 TOT C . 3.22 4.74 -8.32
H33 TOT C . 3.27 6.92 -7.11
H34 TOT C . 3.50 6.97 -4.68
H361 TOT C . 2.95 5.68 -1.42
H362 TOT C . 4.72 5.80 -1.47
H363 TOT C . 3.74 6.77 -2.55
H38 TOT C . 4.17 3.76 -0.69
H43 TOT C . 6.37 -0.76 2.66
H44 TOT C . 6.73 1.16 4.06
H45 TOT C . 5.93 3.39 3.35
H46 TOT C . 5.23 3.74 1.03
H49 TOT C . 3.80 0.40 -2.42
H50 TOT C . 3.87 -1.70 -1.16
H521 TOT C . 4.90 -2.15 2.23
H522 TOT C . 5.37 -2.69 0.63
H531 TOT C . 2.46 -2.32 1.19
H532 TOT C . 3.26 -3.41 0.05
H541 TOT C . 4.34 -4.52 2.09
H542 TOT C . 3.26 -3.50 3.05
H561 TOT C . 0.75 -4.12 0.97
H562 TOT C . 0.89 -3.64 2.67
H581 TOT C . 2.20 -5.32 4.16
H582 TOT C . 3.50 -6.23 3.40
H583 TOT C . 1.84 -6.81 3.27
H591 TOT C . 2.37 -5.43 -0.06
H592 TOT C . 1.88 -6.83 0.89
H593 TOT C . 3.57 -6.35 0.88
C1 TOT C . -4.98 6.01 3.79
C2 TOT C . -5.35 7.37 3.79
C3 TOT C . -5.83 7.95 2.61
C4 TOT C . -5.85 7.20 1.43
N5 TOT C . -5.42 5.00 0.30
C6 TOT C . -5.60 5.41 -1.11
C7 TOT C . -5.15 3.73 0.73
C8 TOT C . -5.09 2.61 -0.20
S9 TOT C . -4.93 3.58 2.37
C10 TOT C . -5.10 5.25 2.62
C11 TOT C . -5.48 5.84 1.41
C12 TOT C . -4.77 -1.11 -0.81
C13 TOT C . -5.21 -2.09 -1.71
C14 TOT C . -5.66 -1.75 -2.98
C15 TOT C . -5.80 -0.40 -3.32
C16 TOT C . -5.60 0.60 -2.34
C17 TOT C . -5.05 0.26 -1.06
C18 TOT C . -4.75 1.23 -0.06
C19 TOT C . -4.09 0.79 1.10
C20 TOT C . -3.69 -0.55 1.25
N21 TOT C . -4.07 -1.49 0.33
C22 TOT C . -3.63 -2.87 0.65
C23 TOT C . -3.68 -3.29 2.13
C24 TOT C . -3.59 -4.82 2.28
N25 TOT C . -2.80 -5.30 3.46
C26 TOT C . -1.37 -4.89 3.43
C27 TOT C . -0.65 -5.12 2.08
C28 TOT C . -2.90 -6.77 3.49
C29 TOT C . -3.41 -4.78 4.72
C31 TOT C . 3.56 3.99 -6.84
C32 TOT C . 3.61 5.21 -7.54
C33 TOT C . 3.82 6.40 -6.83
C34 TOT C . 3.93 6.37 -5.44
N35 TOT C . 3.99 4.98 -3.34
C36 TOT C . 3.97 6.07 -2.33
C37 TOT C . 4.06 3.65 -3.07
C38 TOT C . 4.23 3.17 -1.69
S39 TOT C . 3.96 2.66 -4.38
C40 TOT C . 3.78 3.97 -5.44
C41 TOT C . 3.91 5.16 -4.71
C42 TOT C . 4.87 0.43 0.82
C43 TOT C . 5.54 0.21 2.04
C44 TOT C . 5.88 1.29 2.87
C45 TOT C . 5.60 2.58 2.44
C46 TOT C . 5.15 2.82 1.12
C47 TOT C . 4.78 1.74 0.28
C48 TOT C . 4.33 1.89 -1.07
C49 TOT C . 3.96 0.72 -1.78
C50 TOT C . 3.94 -0.53 -1.15
N51 TOT C . 4.34 -0.66 0.15
C52 TOT C . 4.16 -2.00 0.76
C53 TOT C . 2.79 -2.67 0.58
C54 TOT C . 2.89 -4.18 0.93
N55 TOT C . 1.60 -4.94 0.91
C56 TOT C . 0.80 -4.61 2.11
C58 TOT C . 1.96 -6.38 0.92
C59 TOT C . 0.86 -4.66 -0.35
H1 TOT C . -4.61 5.57 4.71
H2 TOT C . -5.28 7.94 4.71
H3 TOT C . -6.18 8.96 2.61
H4 TOT C . -6.16 7.71 0.52
H61 TOT C . -4.80 5.00 -1.72
H62 TOT C . -5.57 6.50 -1.21
H63 TOT C . -6.56 5.06 -1.48
H8 TOT C . -5.35 2.91 -1.19
H13 TOT C . -5.22 -3.14 -1.43
H14 TOT C . -5.91 -2.52 -3.70
H15 TOT C . -6.06 -0.15 -4.33
H16 TOT C . -5.88 1.59 -2.62
H19 TOT C . -3.81 1.42 1.92
H20 TOT C . -3.08 -0.87 2.06
H221 TOT C . -4.07 -3.66 0.06
H222 TOT C . -2.60 -2.76 0.36
H231 TOT C . -4.60 -2.95 2.59
H232 TOT C . -2.84 -2.83 2.65
H241 TOT C . -3.19 -5.26 1.38
H242 TOT C . -4.62 -5.16 2.37
H261 TOT C . -1.26 -3.82 3.68
H262 TOT C . -0.82 -5.43 4.19
H271 TOT C . -0.67 -6.19 1.86
H272 TOT C . -1.17 -4.58 1.29
H281 TOT C . -2.31 -7.19 4.32
H282 TOT C . -3.93 -7.09 3.62
H283 TOT C . -2.53 -7.21 2.57
H291 TOT C . -4.46 -5.07 4.78
H292 TOT C . -2.88 -5.19 5.58
H293 TOT C . -3.35 -3.69 4.76
H31 TOT C . 3.35 3.09 -7.39
H32 TOT C . 3.50 5.21 -8.61
H33 TOT C . 3.88 7.33 -7.36
H34 TOT C . 4.04 7.31 -4.92
H361 TOT C . 3.74 7.03 -2.80
H362 TOT C . 3.21 5.88 -1.58
H363 TOT C . 4.94 6.15 -1.85
H38 TOT C . 4.29 4.00 -1.00
H43 TOT C . 5.86 -0.76 2.35
H44 TOT C . 6.37 1.08 3.80
H45 TOT C . 5.74 3.40 3.14
H46 TOT C . 5.10 3.85 0.83
H49 TOT C . 3.65 0.72 -2.81
H50 TOT C . 3.64 -1.42 -1.67
H521 TOT C . 4.39 -2.06 1.81
H522 TOT C . 4.91 -2.53 0.22
H531 TOT C . 2.09 -2.18 1.25
H532 TOT C . 2.43 -2.58 -0.44
H541 TOT C . 3.59 -4.65 0.23
H542 TOT C . 3.32 -4.26 1.92
H561 TOT C . 0.74 -3.53 2.25
H562 TOT C . 1.30 -5.01 3.00
H581 TOT C . 1.07 -7.01 0.89
H582 TOT C . 2.53 -6.62 1.81
H583 TOT C . 2.57 -6.64 0.05
H591 TOT C . 1.53 -4.73 -1.21
H592 TOT C . 0.42 -3.65 -0.33
H593 TOT C . 0.05 -5.37 -0.50
C1 TOT C . -4.79 5.72 4.11
C2 TOT C . -5.09 7.07 4.19
C3 TOT C . -5.51 7.76 3.04
C4 TOT C . -5.58 7.09 1.81
N5 TOT C . -5.29 4.92 0.57
C6 TOT C . -5.42 5.45 -0.82
C7 TOT C . -5.11 3.62 0.93
C8 TOT C . -5.14 2.55 -0.08
S9 TOT C . -4.89 3.36 2.54
C10 TOT C . -4.97 5.02 2.88
C11 TOT C . -5.31 5.70 1.72
C12 TOT C . -5.07 -1.13 -0.93
C13 TOT C . -5.55 -2.03 -1.89
C14 TOT C . -5.94 -1.56 -3.15
C15 TOT C . -5.97 -0.19 -3.39
C16 TOT C . -5.71 0.72 -2.36
C17 TOT C . -5.22 0.27 -1.10
C18 TOT C . -4.87 1.14 -0.02
C19 TOT C . -4.24 0.58 1.10
C20 TOT C . -3.99 -0.79 1.18
N21 TOT C . -4.41 -1.65 0.19
C22 TOT C . -4.09 -3.08 0.41
C23 TOT C . -4.49 -3.64 1.80
C24 TOT C . -4.07 -5.10 1.97
N25 TOT C . -2.77 -5.37 2.66
C26 TOT C . -1.64 -4.65 1.99
C27 TOT C . -0.25 -5.17 2.37
C28 TOT C . -2.57 -6.85 2.59
C29 TOT C . -2.86 -4.98 4.09
C31 TOT C . 3.21 3.68 -6.81
C32 TOT C . 3.23 4.85 -7.59
C33 TOT C . 3.45 6.09 -6.96
C34 TOT C . 3.64 6.14 -5.57
N35 TOT C . 3.81 4.88 -3.41
C36 TOT C . 3.78 6.04 -2.48
C37 TOT C . 3.96 3.58 -3.06
C38 TOT C . 4.25 3.19 -1.67
S39 TOT C . 3.79 2.50 -4.30
C40 TOT C . 3.52 3.73 -5.43
C41 TOT C . 3.68 4.97 -4.78
C42 TOT C . 5.03 0.65 0.99
C43 TOT C . 5.79 0.57 2.18
C44 TOT C . 6.02 1.71 2.95
C45 TOT C . 5.56 2.94 2.49
C46 TOT C . 5.01 3.06 1.20
C47 TOT C . 4.79 1.91 0.39
C48 TOT C . 4.33 1.96 -0.97
C49 TOT C . 3.96 0.74 -1.57
C50 TOT C . 4.03 -0.47 -0.86
N51 TOT C . 4.54 -0.51 0.41
C52 TOT C . 4.52 -1.83 1.06
C53 TOT C . 3.22 -2.65 0.94
C54 TOT C . 3.28 -3.72 2.03
N55 TOT C . 2.24 -4.78 1.99
C56 TOT C . 0.87 -4.19 1.94
C58 TOT C . 2.43 -5.58 3.23
C59 TOT C . 2.47 -5.67 0.83
H1 TOT C . -4.44 5.20 4.98
H2 TOT C . -5.02 7.59 5.13
H3 TOT C . -5.77 8.81 3.09
H4 TOT C . -5.85 7.65 0.94
H61 TOT C . -6.44 5.30 -1.18
H62 TOT C . -4.72 4.95 -1.48
H63 TOT C . -5.20 6.51 -0.85
H8 TOT C . -5.42 2.93 -1.04
H13 TOT C . -5.66 -3.08 -1.66
H14 TOT C . -6.23 -2.26 -3.92
H15 TOT C . -6.19 0.14 -4.41
H16 TOT C . -5.88 1.75 -2.60
H19 TOT C . -3.90 1.15 1.94
H20 TOT C . -3.44 -1.22 2.01
H221 TOT C . -4.43 -3.78 -0.33
H222 TOT C . -3.04 -3.02 0.28
H231 TOT C . -5.57 -3.62 1.84
H232 TOT C . -4.13 -3.05 2.64
H241 TOT C . -4.08 -5.58 0.99
H242 TOT C . -4.86 -5.55 2.56
H261 TOT C . -1.73 -4.78 0.91
H262 TOT C . -1.70 -3.59 2.21
H271 TOT C . -0.19 -5.29 3.45
H272 TOT C . -0.10 -6.13 1.88
H281 TOT C . -3.45 -7.37 2.97
H282 TOT C . -2.42 -7.16 1.56
H283 TOT C . -1.71 -7.17 3.19
H291 TOT C . -2.01 -5.35 4.65
H292 TOT C . -2.90 -3.90 4.22
H293 TOT C . -3.76 -5.40 4.54
H31 TOT C . 2.97 2.76 -7.30
H32 TOT C . 3.08 4.79 -8.66
H33 TOT C . 3.47 6.99 -7.55
H34 TOT C . 3.76 7.12 -5.12
H361 TOT C . 3.26 6.89 -2.95
H362 TOT C . 3.22 5.80 -1.58
H363 TOT C . 4.79 6.35 -2.23
H38 TOT C . 4.47 4.07 -1.10
H43 TOT C . 6.23 -0.36 2.50
H44 TOT C . 6.56 1.61 3.88
H45 TOT C . 5.63 3.79 3.16
H46 TOT C . 4.76 4.06 0.89
H49 TOT C . 3.60 0.66 -2.57
H50 TOT C . 3.72 -1.41 -1.29
H521 TOT C . 4.81 -1.79 2.11
H522 TOT C . 5.26 -2.36 0.51
H531 TOT C . 2.34 -2.02 1.09
H532 TOT C . 3.17 -3.12 -0.05
H541 TOT C . 4.27 -4.19 1.99
H542 TOT C . 3.20 -3.16 2.96
H561 TOT C . 0.67 -3.84 0.93
H562 TOT C . 0.83 -3.34 2.62
H581 TOT C . 1.82 -6.49 3.23
H582 TOT C . 2.17 -4.99 4.10
H583 TOT C . 3.48 -5.90 3.33
H591 TOT C . 1.82 -6.55 0.85
H592 TOT C . 3.50 -6.03 0.81
H593 TOT C . 2.28 -5.15 -0.12
C1 TOT C . -5.08 6.05 4.21
C2 TOT C . -5.48 7.39 4.22
C3 TOT C . -5.88 8.00 3.02
C4 TOT C . -5.84 7.27 1.81
N5 TOT C . -5.35 5.08 0.68
C6 TOT C . -5.45 5.52 -0.73
C7 TOT C . -5.11 3.81 1.10
C8 TOT C . -5.02 2.70 0.16
S9 TOT C . -4.96 3.64 2.74
C10 TOT C . -5.15 5.29 3.01
C11 TOT C . -5.47 5.91 1.79
C12 TOT C . -4.79 -1.01 -0.49
C13 TOT C . -5.19 -1.97 -1.44
C14 TOT C . -5.53 -1.58 -2.74
C15 TOT C . -5.63 -0.23 -3.04
C16 TOT C . -5.48 0.74 -2.02
C17 TOT C . -5.01 0.37 -0.74
C18 TOT C . -4.72 1.31 0.30
C19 TOT C . -4.11 0.82 1.48
C20 TOT C . -3.82 -0.53 1.63
N21 TOT C . -4.17 -1.44 0.67
C22 TOT C . -3.82 -2.86 0.98
C23 TOT C . -4.39 -3.36 2.32
C24 TOT C . -3.80 -4.68 2.80
N25 TOT C . -2.73 -4.60 3.84
C26 TOT C . -1.51 -3.87 3.37
C27 TOT C . -0.75 -4.57 2.23
C28 TOT C . -2.39 -5.99 4.23
C29 TOT C . -3.22 -3.92 5.08
C31 TOT C . 3.43 4.54 -6.98
C32 TOT C . 3.57 5.74 -7.70
C33 TOT C . 3.89 6.92 -7.02
C34 TOT C . 4.06 6.90 -5.62
N35 TOT C . 4.07 5.53 -3.51
C36 TOT C . 4.14 6.64 -2.54
C37 TOT C . 4.09 4.20 -3.23
C38 TOT C . 4.33 3.72 -1.86
S39 TOT C . 3.83 3.21 -4.52
C40 TOT C . 3.71 4.52 -5.59
C41 TOT C . 3.97 5.69 -4.89
C42 TOT C . 4.75 0.98 0.69
C43 TOT C . 5.40 0.74 1.91
C44 TOT C . 5.72 1.79 2.76
C45 TOT C . 5.40 3.09 2.36
C46 TOT C . 4.97 3.35 1.05
C47 TOT C . 4.67 2.28 0.15
C48 TOT C . 4.32 2.45 -1.22
C49 TOT C . 3.93 1.29 -1.94
C50 TOT C . 3.83 0.04 -1.30
N51 TOT C . 4.18 -0.09 0.01
C52 TOT C . 3.95 -1.42 0.64
C53 TOT C . 2.56 -2.05 0.43
C54 TOT C . 2.62 -3.55 0.74
N55 TOT C . 1.31 -4.26 0.75
C56 TOT C . 0.47 -3.72 1.87
C58 TOT C . 1.60 -5.71 0.95
C59 TOT C . 0.62 -4.09 -0.56
H1 TOT C . -4.73 5.60 5.12
H2 TOT C . -5.48 7.94 5.14
H3 TOT C . -6.23 9.02 3.02
H4 TOT C . -6.11 7.79 0.91
H61 TOT C . -4.63 5.11 -1.32
H62 TOT C . -5.37 6.61 -0.81
H63 TOT C . -6.40 5.21 -1.16
H8 TOT C . -5.22 3.03 -0.85
H13 TOT C . -5.25 -3.00 -1.16
H14 TOT C . -5.72 -2.33 -3.49
H15 TOT C . -5.83 0.04 -4.07
H16 TOT C . -5.75 1.75 -2.30
H19 TOT C . -3.81 1.45 2.29
H20 TOT C . -3.29 -0.89 2.50
H221 TOT C . -4.03 -3.62 0.24
H222 TOT C . -2.75 -2.78 0.94
H231 TOT C . -5.44 -3.57 2.13
H232 TOT C . -4.37 -2.61 3.11
H241 TOT C . -3.48 -5.28 1.95
H242 TOT C . -4.63 -5.21 3.26
H261 TOT C . -1.79 -2.87 3.06
H262 TOT C . -0.83 -3.77 4.21
H271 TOT C . -0.41 -5.54 2.58
H272 TOT C . -1.39 -4.70 1.35
H281 TOT C . -1.52 -6.01 4.89
H282 TOT C . -3.23 -6.45 4.76
H283 TOT C . -2.18 -6.62 3.36
H291 TOT C . -3.30 -2.84 4.93
H292 TOT C . -4.19 -4.32 5.37
H293 TOT C . -2.52 -4.08 5.89
H31 TOT C . 3.12 3.66 -7.51
H32 TOT C . 3.43 5.75 -8.77
H33 TOT C . 4.03 7.84 -7.56
H34 TOT C . 4.27 7.83 -5.12
H361 TOT C . 5.17 6.80 -2.22
H362 TOT C . 3.76 7.56 -2.98
H363 TOT C . 3.52 6.42 -1.67
H38 TOT C . 4.59 4.54 -1.22
H43 TOT C . 5.72 -0.26 2.17
H44 TOT C . 6.22 1.57 3.69
H45 TOT C . 5.49 3.88 3.11
H46 TOT C . 4.85 4.40 0.78
H49 TOT C . 3.68 1.27 -2.98
H50 TOT C . 3.52 -0.85 -1.83
H521 TOT C . 4.13 -1.46 1.70
H522 TOT C . 4.70 -1.97 0.13
H531 TOT C . 1.88 -1.54 1.09
H532 TOT C . 2.20 -1.93 -0.60
H541 TOT C . 3.30 -4.03 0.03
H542 TOT C . 3.08 -3.67 1.73
H561 TOT C . 0.12 -2.72 1.61
H562 TOT C . 1.09 -3.64 2.76
H581 TOT C . 2.03 -5.87 1.93
H582 TOT C . 2.31 -6.05 0.20
H583 TOT C . 0.70 -6.31 0.83
H591 TOT C . 1.28 -4.35 -1.38
H592 TOT C . 0.26 -3.07 -0.70
H593 TOT C . -0.26 -4.75 -0.63
#